data_1UEQ
#
_entry.id   1UEQ
#
_cell.length_a   1.000
_cell.length_b   1.000
_cell.length_c   1.000
_cell.angle_alpha   90.00
_cell.angle_beta   90.00
_cell.angle_gamma   90.00
#
_symmetry.space_group_name_H-M   'P 1'
#
_entity_poly.entity_id   1
_entity_poly.type   'polypeptide(L)'
_entity_poly.pdbx_seq_one_letter_code
;GSSGSSGLFTRDASQLKGTFLSTTLKKSNMGFGFTIIGGDEPDEFLQVKSVIPDGPAAQDGKMETGDVIVYINEVCVLGH
THADVVKLFQSVPIGQSVNLVLCRGYPLPFDPEDPANSGPSSG
;
_entity_poly.pdbx_strand_id   A
#
# COMPACT_ATOMS: atom_id res chain seq x y z
N GLY A 1 -18.34 -16.83 -13.66
CA GLY A 1 -19.02 -15.54 -13.81
C GLY A 1 -18.85 -14.73 -12.54
N SER A 2 -19.95 -14.38 -11.88
CA SER A 2 -19.96 -13.87 -10.52
C SER A 2 -19.50 -14.97 -9.54
N SER A 3 -19.08 -14.61 -8.33
CA SER A 3 -18.81 -15.56 -7.26
C SER A 3 -19.00 -14.87 -5.91
N GLY A 4 -19.04 -15.67 -4.86
CA GLY A 4 -19.36 -15.25 -3.50
C GLY A 4 -18.26 -14.45 -2.84
N SER A 5 -18.49 -14.10 -1.58
CA SER A 5 -17.56 -13.43 -0.70
C SER A 5 -17.92 -13.80 0.75
N SER A 6 -16.91 -13.89 1.62
CA SER A 6 -16.95 -13.92 3.08
C SER A 6 -15.49 -14.01 3.55
N GLY A 7 -15.24 -14.21 4.84
CA GLY A 7 -13.89 -14.33 5.39
C GLY A 7 -13.73 -13.44 6.61
N LEU A 8 -12.54 -13.46 7.21
CA LEU A 8 -12.19 -12.72 8.41
C LEU A 8 -10.74 -12.30 8.29
N PHE A 9 -10.47 -11.13 7.68
CA PHE A 9 -9.14 -10.57 7.45
C PHE A 9 -8.19 -11.55 6.74
N THR A 10 -6.94 -11.16 6.50
CA THR A 10 -5.91 -12.00 5.92
C THR A 10 -5.20 -12.76 7.06
N ARG A 11 -3.88 -12.58 7.19
CA ARG A 11 -2.92 -13.02 8.21
C ARG A 11 -1.59 -13.19 7.51
N ASP A 12 -1.37 -14.34 6.88
CA ASP A 12 -0.04 -14.70 6.40
C ASP A 12 0.26 -14.13 5.00
N ALA A 13 -0.49 -13.11 4.58
CA ALA A 13 -0.62 -12.55 3.23
C ALA A 13 -1.10 -13.56 2.17
N SER A 14 -1.01 -14.87 2.43
CA SER A 14 -1.21 -15.90 1.45
C SER A 14 -2.66 -15.93 0.96
N GLN A 15 -3.60 -15.46 1.78
CA GLN A 15 -5.02 -15.45 1.48
C GLN A 15 -5.43 -14.26 0.61
N LEU A 16 -4.51 -13.33 0.28
CA LEU A 16 -4.80 -12.31 -0.73
C LEU A 16 -4.92 -13.01 -2.10
N LYS A 17 -5.54 -12.32 -3.06
CA LYS A 17 -5.74 -12.77 -4.42
C LYS A 17 -5.14 -11.70 -5.31
N GLY A 18 -4.09 -12.06 -6.04
CA GLY A 18 -3.34 -11.15 -6.86
C GLY A 18 -2.00 -11.75 -7.26
N THR A 19 -1.14 -10.95 -7.87
CA THR A 19 0.29 -11.24 -7.98
C THR A 19 0.97 -10.68 -6.73
N PHE A 20 2.22 -11.08 -6.48
CA PHE A 20 3.08 -10.53 -5.44
C PHE A 20 4.38 -10.10 -6.11
N LEU A 21 4.87 -8.91 -5.75
CA LEU A 21 6.04 -8.29 -6.36
C LEU A 21 6.70 -7.36 -5.36
N SER A 22 7.95 -6.99 -5.66
CA SER A 22 8.77 -6.17 -4.77
C SER A 22 9.66 -5.19 -5.52
N THR A 23 10.17 -4.20 -4.79
CA THR A 23 11.16 -3.24 -5.27
C THR A 23 12.03 -2.84 -4.07
N THR A 24 13.24 -2.36 -4.36
CA THR A 24 14.09 -1.65 -3.42
C THR A 24 14.24 -0.22 -3.93
N LEU A 25 13.72 0.77 -3.20
CA LEU A 25 13.94 2.18 -3.49
C LEU A 25 15.05 2.66 -2.57
N LYS A 26 16.04 3.37 -3.09
CA LYS A 26 16.95 4.16 -2.26
C LYS A 26 16.29 5.52 -2.02
N LYS A 27 16.27 5.98 -0.77
CA LYS A 27 15.65 7.22 -0.32
C LYS A 27 16.51 8.40 -0.78
N SER A 28 16.21 8.98 -1.93
CA SER A 28 16.99 10.05 -2.52
C SER A 28 16.40 11.39 -2.12
N ASN A 29 17.20 12.14 -1.35
CA ASN A 29 16.79 13.35 -0.63
C ASN A 29 15.48 13.05 0.11
N MET A 30 14.73 14.10 0.47
CA MET A 30 13.33 14.16 0.86
C MET A 30 12.72 12.85 1.40
N GLY A 31 12.41 11.87 0.55
CA GLY A 31 11.53 10.77 0.90
C GLY A 31 11.17 9.98 -0.35
N PHE A 32 10.58 8.81 -0.18
CA PHE A 32 10.33 7.92 -1.31
C PHE A 32 9.34 8.56 -2.28
N GLY A 33 9.42 8.20 -3.57
CA GLY A 33 8.55 8.78 -4.57
C GLY A 33 7.17 8.13 -4.58
N PHE A 34 6.56 7.88 -3.44
CA PHE A 34 5.16 7.46 -3.33
C PHE A 34 4.67 7.84 -1.93
N THR A 35 3.35 7.84 -1.70
CA THR A 35 2.77 8.05 -0.39
C THR A 35 1.73 6.96 -0.13
N ILE A 36 1.37 6.73 1.13
CA ILE A 36 0.58 5.60 1.58
C ILE A 36 -0.71 6.12 2.22
N ILE A 37 -1.72 5.25 2.33
CA ILE A 37 -2.96 5.38 3.07
C ILE A 37 -3.13 4.09 3.87
N GLY A 38 -3.72 4.19 5.05
CA GLY A 38 -4.21 3.07 5.83
C GLY A 38 -5.52 3.44 6.50
N GLY A 39 -6.36 2.44 6.74
CA GLY A 39 -7.76 2.53 7.14
C GLY A 39 -8.08 3.33 8.39
N ASP A 40 -7.08 3.70 9.18
CA ASP A 40 -7.08 4.43 10.46
C ASP A 40 -7.06 3.40 11.59
N GLU A 41 -7.85 2.36 11.41
CA GLU A 41 -8.05 1.23 12.30
C GLU A 41 -6.82 0.31 12.35
N PRO A 42 -6.65 -0.49 13.42
CA PRO A 42 -5.45 -1.27 13.69
C PRO A 42 -5.49 -2.68 13.06
N ASP A 43 -6.19 -2.82 11.92
CA ASP A 43 -6.31 -4.02 11.09
C ASP A 43 -7.14 -3.55 9.89
N GLU A 44 -6.51 -2.82 8.98
CA GLU A 44 -6.98 -2.42 7.66
C GLU A 44 -5.76 -2.53 6.73
N PHE A 45 -5.97 -2.96 5.49
CA PHE A 45 -4.86 -3.19 4.57
C PHE A 45 -4.37 -1.83 4.07
N LEU A 46 -3.07 -1.59 4.17
CA LEU A 46 -2.46 -0.32 3.78
C LEU A 46 -2.26 -0.34 2.26
N GLN A 47 -2.39 0.82 1.60
CA GLN A 47 -2.27 0.93 0.16
C GLN A 47 -1.40 2.11 -0.24
N VAL A 48 -0.73 2.05 -1.38
CA VAL A 48 -0.09 3.20 -1.99
C VAL A 48 -1.20 4.18 -2.40
N LYS A 49 -1.27 5.34 -1.73
CA LYS A 49 -2.25 6.41 -1.96
C LYS A 49 -1.96 7.11 -3.30
N SER A 50 -0.69 7.38 -3.58
CA SER A 50 -0.22 7.82 -4.88
C SER A 50 1.22 7.39 -5.08
N VAL A 51 1.62 7.30 -6.34
CA VAL A 51 3.00 7.34 -6.75
C VAL A 51 3.31 8.81 -7.06
N ILE A 52 4.51 9.28 -6.71
CA ILE A 52 4.99 10.59 -7.13
C ILE A 52 5.41 10.43 -8.60
N PRO A 53 4.84 11.22 -9.53
CA PRO A 53 5.36 11.29 -10.89
C PRO A 53 6.79 11.80 -10.85
N ASP A 54 7.66 11.34 -11.74
CA ASP A 54 9.07 11.75 -11.86
C ASP A 54 9.94 11.28 -10.67
N GLY A 55 9.33 10.63 -9.66
CA GLY A 55 10.00 10.14 -8.47
C GLY A 55 10.63 8.76 -8.71
N PRO A 56 11.55 8.31 -7.83
CA PRO A 56 12.29 7.07 -8.04
C PRO A 56 11.40 5.84 -8.05
N ALA A 57 10.25 5.89 -7.36
CA ALA A 57 9.29 4.80 -7.36
C ALA A 57 8.72 4.60 -8.77
N ALA A 58 8.37 5.71 -9.44
CA ALA A 58 7.93 5.71 -10.82
C ALA A 58 9.07 5.28 -11.73
N GLN A 59 10.31 5.76 -11.49
CA GLN A 59 11.46 5.44 -12.34
C GLN A 59 11.92 3.98 -12.20
N ASP A 60 11.55 3.26 -11.13
CA ASP A 60 11.77 1.81 -11.04
C ASP A 60 10.65 1.01 -11.72
N GLY A 61 9.61 1.72 -12.19
CA GLY A 61 8.46 1.22 -12.93
C GLY A 61 7.44 0.52 -12.03
N LYS A 62 7.87 0.02 -10.88
CA LYS A 62 7.18 -1.04 -10.15
C LYS A 62 6.11 -0.54 -9.21
N MET A 63 6.31 0.62 -8.58
CA MET A 63 5.29 1.18 -7.69
C MET A 63 4.11 1.64 -8.55
N GLU A 64 2.91 1.21 -8.20
CA GLU A 64 1.67 1.67 -8.84
C GLU A 64 0.70 2.10 -7.75
N THR A 65 -0.36 2.80 -8.12
CA THR A 65 -1.27 3.39 -7.16
C THR A 65 -2.39 2.38 -6.86
N GLY A 66 -2.81 2.31 -5.59
CA GLY A 66 -3.80 1.35 -5.11
C GLY A 66 -3.14 0.07 -4.59
N ASP A 67 -1.88 -0.18 -4.92
CA ASP A 67 -1.14 -1.38 -4.55
C ASP A 67 -1.18 -1.56 -3.03
N VAL A 68 -1.34 -2.79 -2.55
CA VAL A 68 -1.49 -3.12 -1.12
C VAL A 68 -0.12 -3.45 -0.54
N ILE A 69 0.31 -2.74 0.50
CA ILE A 69 1.50 -3.02 1.28
C ILE A 69 1.27 -4.28 2.08
N VAL A 70 2.11 -5.29 1.82
CA VAL A 70 2.16 -6.51 2.60
C VAL A 70 3.27 -6.42 3.65
N TYR A 71 4.51 -6.18 3.23
CA TYR A 71 5.69 -6.21 4.08
C TYR A 71 6.53 -4.97 3.75
N ILE A 72 7.30 -4.50 4.73
CA ILE A 72 8.24 -3.39 4.58
C ILE A 72 9.57 -3.85 5.15
N ASN A 73 10.62 -3.69 4.35
CA ASN A 73 12.01 -4.02 4.60
C ASN A 73 12.21 -5.50 4.88
N GLU A 74 11.81 -5.95 6.06
CA GLU A 74 11.64 -7.37 6.37
C GLU A 74 10.67 -7.55 7.56
N VAL A 75 9.58 -6.77 7.60
CA VAL A 75 8.57 -6.73 8.67
C VAL A 75 7.19 -6.95 8.04
N CYS A 76 6.37 -7.84 8.61
CA CYS A 76 4.96 -8.04 8.28
C CYS A 76 4.09 -6.87 8.80
N VAL A 77 3.52 -6.07 7.90
CA VAL A 77 2.78 -4.86 8.26
C VAL A 77 1.35 -4.83 7.73
N LEU A 78 0.82 -5.89 7.10
CA LEU A 78 -0.44 -5.78 6.34
C LEU A 78 -1.67 -5.41 7.21
N GLY A 79 -1.60 -5.58 8.54
CA GLY A 79 -2.61 -5.09 9.47
C GLY A 79 -2.06 -4.04 10.44
N HIS A 80 -0.80 -3.61 10.31
CA HIS A 80 -0.22 -2.62 11.22
C HIS A 80 -0.92 -1.27 11.04
N THR A 81 -0.74 -0.38 12.02
CA THR A 81 -1.31 0.95 11.98
C THR A 81 -0.55 1.76 10.93
N HIS A 82 -1.25 2.62 10.20
CA HIS A 82 -0.59 3.64 9.38
C HIS A 82 0.26 4.56 10.25
N ALA A 83 -0.03 4.68 11.55
CA ALA A 83 0.88 5.32 12.49
C ALA A 83 2.26 4.63 12.51
N ASP A 84 2.32 3.32 12.74
CA ASP A 84 3.55 2.53 12.78
C ASP A 84 4.21 2.52 11.40
N VAL A 85 3.49 2.22 10.33
CA VAL A 85 4.01 2.16 8.97
C VAL A 85 4.58 3.49 8.50
N VAL A 86 3.92 4.61 8.80
CA VAL A 86 4.52 5.91 8.51
C VAL A 86 5.79 6.09 9.35
N LYS A 87 5.82 5.63 10.61
CA LYS A 87 7.05 5.72 11.41
C LYS A 87 8.14 4.87 10.78
N LEU A 88 7.78 3.72 10.20
CA LEU A 88 8.71 2.79 9.58
C LEU A 88 9.35 3.46 8.38
N PHE A 89 8.58 4.15 7.54
CA PHE A 89 9.12 4.89 6.41
C PHE A 89 10.02 6.04 6.87
N GLN A 90 9.63 6.77 7.92
CA GLN A 90 10.45 7.85 8.46
C GLN A 90 11.72 7.34 9.14
N SER A 91 11.73 6.10 9.63
CA SER A 91 12.90 5.52 10.31
C SER A 91 14.08 5.33 9.34
N VAL A 92 13.83 5.33 8.02
CA VAL A 92 14.84 5.18 6.98
C VAL A 92 15.42 6.58 6.74
N PRO A 93 16.70 6.85 7.01
CA PRO A 93 17.28 8.13 6.66
C PRO A 93 17.56 8.22 5.16
N ILE A 94 17.90 9.42 4.71
CA ILE A 94 18.25 9.73 3.34
C ILE A 94 19.51 8.93 2.97
N GLY A 95 19.52 8.40 1.76
CA GLY A 95 20.60 7.63 1.18
C GLY A 95 20.57 6.16 1.54
N GLN A 96 19.60 5.68 2.34
CA GLN A 96 19.45 4.25 2.61
C GLN A 96 18.34 3.70 1.74
N SER A 97 18.13 2.39 1.72
CA SER A 97 17.08 1.76 0.98
C SER A 97 16.35 0.76 1.85
N VAL A 98 15.12 0.44 1.44
CA VAL A 98 14.30 -0.59 2.04
C VAL A 98 13.69 -1.46 0.96
N ASN A 99 13.36 -2.71 1.30
CA ASN A 99 12.55 -3.56 0.45
C ASN A 99 11.08 -3.24 0.70
N LEU A 100 10.19 -3.57 -0.23
CA LEU A 100 8.75 -3.44 -0.08
C LEU A 100 8.14 -4.62 -0.85
N VAL A 101 7.09 -5.24 -0.34
CA VAL A 101 6.35 -6.30 -1.01
C VAL A 101 4.93 -5.81 -1.13
N LEU A 102 4.42 -5.66 -2.35
CA LEU A 102 3.03 -5.31 -2.58
C LEU A 102 2.28 -6.51 -3.17
N CYS A 103 0.94 -6.41 -3.21
CA CYS A 103 0.06 -7.37 -3.85
C CYS A 103 -0.75 -6.63 -4.92
N ARG A 104 -1.03 -7.28 -6.05
CA ARG A 104 -1.48 -6.64 -7.28
C ARG A 104 -2.74 -7.28 -7.80
N GLY A 105 -3.75 -6.47 -8.13
CA GLY A 105 -5.10 -6.91 -8.42
C GLY A 105 -6.12 -6.15 -7.58
N TYR A 106 -5.68 -5.58 -6.45
CA TYR A 106 -6.46 -4.66 -5.65
C TYR A 106 -6.63 -3.34 -6.41
N PRO A 107 -7.82 -2.72 -6.38
CA PRO A 107 -8.00 -1.35 -6.82
C PRO A 107 -7.51 -0.37 -5.74
N LEU A 108 -7.60 0.92 -6.07
CA LEU A 108 -7.59 1.97 -5.07
C LEU A 108 -8.75 1.79 -4.09
N PRO A 109 -8.66 2.35 -2.88
CA PRO A 109 -9.81 2.47 -2.04
C PRO A 109 -10.77 3.48 -2.67
N PHE A 110 -12.05 3.16 -2.59
CA PHE A 110 -13.13 4.13 -2.55
C PHE A 110 -12.94 4.95 -1.27
N ASP A 111 -13.03 6.27 -1.39
CA ASP A 111 -12.94 7.21 -0.28
C ASP A 111 -14.36 7.52 0.18
N PRO A 112 -14.81 7.07 1.37
CA PRO A 112 -16.16 7.32 1.82
C PRO A 112 -16.38 8.78 2.23
N GLU A 113 -15.33 9.53 2.58
CA GLU A 113 -15.39 10.93 2.99
C GLU A 113 -15.80 11.79 1.78
N ASP A 114 -14.97 11.79 0.73
CA ASP A 114 -15.23 12.45 -0.54
C ASP A 114 -14.40 11.77 -1.63
N PRO A 115 -15.00 10.98 -2.52
CA PRO A 115 -14.31 10.34 -3.63
C PRO A 115 -14.20 11.22 -4.89
N ALA A 116 -14.90 12.37 -4.94
CA ALA A 116 -15.20 13.24 -6.08
C ALA A 116 -16.63 13.76 -5.97
N ASN A 117 -16.79 14.98 -5.45
CA ASN A 117 -18.04 15.73 -5.37
C ASN A 117 -17.81 17.14 -5.93
N SER A 118 -18.85 17.97 -6.02
CA SER A 118 -18.82 19.43 -6.18
C SER A 118 -20.19 20.00 -5.80
N GLY A 119 -20.24 21.32 -5.58
CA GLY A 119 -21.43 22.06 -5.22
C GLY A 119 -22.26 22.50 -6.44
N PRO A 120 -23.12 23.53 -6.29
CA PRO A 120 -24.10 23.93 -7.29
C PRO A 120 -23.48 24.81 -8.39
N SER A 121 -22.51 24.27 -9.12
CA SER A 121 -22.21 24.72 -10.48
C SER A 121 -23.44 24.40 -11.33
N SER A 122 -23.93 25.35 -12.12
CA SER A 122 -24.85 25.01 -13.21
C SER A 122 -24.06 24.30 -14.32
N GLY A 123 -24.75 23.62 -15.24
CA GLY A 123 -24.17 22.91 -16.36
C GLY A 123 -25.02 21.70 -16.67
N GLY A 1 -13.23 -31.85 -5.36
CA GLY A 1 -13.40 -31.59 -3.93
C GLY A 1 -14.31 -30.39 -3.72
N SER A 2 -14.50 -29.98 -2.46
CA SER A 2 -15.27 -28.79 -2.07
C SER A 2 -14.48 -27.50 -2.38
N SER A 3 -14.90 -26.39 -1.79
CA SER A 3 -14.12 -25.17 -1.63
C SER A 3 -13.98 -24.90 -0.13
N GLY A 4 -13.47 -23.73 0.28
CA GLY A 4 -13.30 -23.36 1.68
C GLY A 4 -13.68 -21.91 1.89
N SER A 5 -13.65 -21.44 3.13
CA SER A 5 -13.85 -20.03 3.45
C SER A 5 -12.83 -19.15 2.73
N SER A 6 -13.26 -17.94 2.38
CA SER A 6 -12.41 -16.84 1.97
C SER A 6 -11.94 -16.15 3.28
N GLY A 7 -12.19 -14.85 3.44
CA GLY A 7 -11.94 -14.12 4.66
C GLY A 7 -12.35 -12.66 4.48
N LEU A 8 -11.96 -11.81 5.44
CA LEU A 8 -11.95 -10.34 5.29
C LEU A 8 -10.49 -9.92 5.42
N PHE A 9 -9.97 -9.86 6.65
CA PHE A 9 -8.55 -9.61 6.88
C PHE A 9 -7.70 -10.73 6.30
N THR A 10 -6.42 -10.40 6.07
CA THR A 10 -5.41 -11.28 5.54
C THR A 10 -4.87 -12.24 6.60
N ARG A 11 -3.60 -12.08 7.00
CA ARG A 11 -2.79 -12.81 7.96
C ARG A 11 -1.32 -12.87 7.56
N ASP A 12 -1.03 -13.40 6.38
CA ASP A 12 0.34 -13.77 6.00
C ASP A 12 0.60 -13.49 4.52
N ALA A 13 -0.20 -12.61 3.92
CA ALA A 13 -0.37 -12.40 2.48
C ALA A 13 -0.92 -13.62 1.72
N SER A 14 -0.83 -14.80 2.33
CA SER A 14 -1.25 -16.10 1.82
C SER A 14 -2.75 -16.15 1.50
N GLN A 15 -3.55 -15.29 2.13
CA GLN A 15 -4.99 -15.16 1.89
C GLN A 15 -5.30 -14.33 0.64
N LEU A 16 -4.35 -13.55 0.10
CA LEU A 16 -4.61 -12.72 -1.06
C LEU A 16 -4.61 -13.60 -2.31
N LYS A 17 -5.31 -13.17 -3.36
CA LYS A 17 -5.38 -13.81 -4.65
C LYS A 17 -5.09 -12.72 -5.66
N GLY A 18 -3.87 -12.68 -6.14
CA GLY A 18 -3.26 -11.59 -6.89
C GLY A 18 -1.77 -11.83 -7.06
N THR A 19 -1.08 -10.97 -7.80
CA THR A 19 0.32 -11.18 -8.16
C THR A 19 1.21 -10.40 -7.21
N PHE A 20 2.26 -11.05 -6.70
CA PHE A 20 3.17 -10.47 -5.73
C PHE A 20 4.44 -10.02 -6.42
N LEU A 21 4.98 -8.90 -5.95
CA LEU A 21 6.20 -8.29 -6.40
C LEU A 21 6.80 -7.47 -5.28
N SER A 22 8.05 -7.09 -5.48
CA SER A 22 8.81 -6.22 -4.60
C SER A 22 9.79 -5.36 -5.38
N THR A 23 10.18 -4.23 -4.81
CA THR A 23 11.29 -3.37 -5.26
C THR A 23 12.04 -2.89 -4.02
N THR A 24 13.31 -2.51 -4.20
CA THR A 24 14.14 -1.85 -3.20
C THR A 24 14.27 -0.39 -3.61
N LEU A 25 13.68 0.56 -2.87
CA LEU A 25 13.89 1.98 -3.17
C LEU A 25 14.96 2.52 -2.24
N LYS A 26 15.91 3.30 -2.77
CA LYS A 26 16.82 4.07 -1.93
C LYS A 26 16.17 5.40 -1.54
N LYS A 27 16.56 5.93 -0.39
CA LYS A 27 16.12 7.23 0.11
C LYS A 27 16.92 8.33 -0.59
N SER A 28 16.66 8.52 -1.87
CA SER A 28 17.24 9.59 -2.69
C SER A 28 16.23 10.74 -2.78
N ASN A 29 16.64 11.90 -3.32
CA ASN A 29 15.90 13.18 -3.34
C ASN A 29 15.36 13.54 -1.95
N MET A 30 14.13 13.16 -1.63
CA MET A 30 13.42 13.55 -0.42
C MET A 30 13.06 12.34 0.44
N GLY A 31 13.50 11.14 0.06
CA GLY A 31 12.80 9.92 0.36
C GLY A 31 11.89 9.54 -0.80
N PHE A 32 11.16 8.45 -0.59
CA PHE A 32 10.54 7.69 -1.65
C PHE A 32 9.47 8.52 -2.36
N GLY A 33 9.28 8.25 -3.64
CA GLY A 33 8.38 8.97 -4.50
C GLY A 33 6.97 8.41 -4.48
N PHE A 34 6.45 8.00 -3.32
CA PHE A 34 5.08 7.54 -3.18
C PHE A 34 4.56 7.94 -1.79
N THR A 35 3.25 7.87 -1.60
CA THR A 35 2.58 8.10 -0.32
C THR A 35 1.66 6.92 -0.04
N ILE A 36 1.27 6.72 1.22
CA ILE A 36 0.52 5.54 1.69
C ILE A 36 -0.80 6.02 2.34
N ILE A 37 -1.77 5.12 2.51
CA ILE A 37 -3.09 5.36 3.09
C ILE A 37 -3.39 4.22 4.07
N GLY A 38 -4.24 4.49 5.05
CA GLY A 38 -4.73 3.64 6.13
C GLY A 38 -6.06 2.97 5.75
N GLY A 39 -6.36 1.83 6.36
CA GLY A 39 -7.76 1.62 6.71
C GLY A 39 -8.17 2.70 7.71
N ASP A 40 -8.05 2.37 8.99
CA ASP A 40 -8.19 3.31 10.08
C ASP A 40 -7.49 2.71 11.30
N GLU A 41 -8.04 1.60 11.79
CA GLU A 41 -7.56 0.85 12.95
C GLU A 41 -6.44 -0.14 12.55
N PRO A 42 -5.68 -0.73 13.51
CA PRO A 42 -4.42 -1.42 13.25
C PRO A 42 -4.63 -2.86 12.80
N ASP A 43 -5.58 -3.08 11.87
CA ASP A 43 -6.10 -4.39 11.48
C ASP A 43 -6.70 -4.29 10.06
N GLU A 44 -6.10 -3.46 9.19
CA GLU A 44 -6.67 -3.04 7.90
C GLU A 44 -5.62 -3.00 6.78
N PHE A 45 -6.09 -2.75 5.55
CA PHE A 45 -5.31 -2.79 4.32
C PHE A 45 -4.70 -1.42 4.04
N LEU A 46 -3.37 -1.38 4.14
CA LEU A 46 -2.57 -0.22 3.78
C LEU A 46 -2.38 -0.28 2.27
N GLN A 47 -2.55 0.85 1.56
CA GLN A 47 -2.32 0.90 0.12
C GLN A 47 -1.38 2.04 -0.25
N VAL A 48 -0.72 1.95 -1.40
CA VAL A 48 -0.02 3.07 -2.00
C VAL A 48 -1.07 4.10 -2.42
N LYS A 49 -1.19 5.19 -1.65
CA LYS A 49 -2.11 6.30 -1.90
C LYS A 49 -1.87 6.84 -3.29
N SER A 50 -0.61 7.12 -3.61
CA SER A 50 -0.21 7.65 -4.89
C SER A 50 1.28 7.41 -5.09
N VAL A 51 1.72 7.32 -6.34
CA VAL A 51 3.11 7.41 -6.73
C VAL A 51 3.27 8.80 -7.36
N ILE A 52 4.27 9.56 -6.93
CA ILE A 52 4.57 10.86 -7.47
C ILE A 52 5.32 10.65 -8.79
N PRO A 53 4.88 11.31 -9.88
CA PRO A 53 5.50 11.19 -11.19
C PRO A 53 6.76 12.05 -11.35
N ASP A 54 7.64 12.01 -10.36
CA ASP A 54 9.04 12.48 -10.42
C ASP A 54 9.84 11.83 -9.28
N GLY A 55 9.65 10.53 -9.05
CA GLY A 55 10.29 9.84 -7.95
C GLY A 55 10.95 8.53 -8.37
N PRO A 56 11.79 7.95 -7.51
CA PRO A 56 12.44 6.66 -7.79
C PRO A 56 11.43 5.51 -7.89
N ALA A 57 10.24 5.67 -7.29
CA ALA A 57 9.13 4.73 -7.42
C ALA A 57 8.65 4.69 -8.88
N ALA A 58 8.21 5.84 -9.40
CA ALA A 58 7.75 5.98 -10.78
C ALA A 58 8.82 5.51 -11.76
N GLN A 59 10.08 5.86 -11.51
CA GLN A 59 11.18 5.45 -12.38
C GLN A 59 11.43 3.94 -12.36
N ASP A 60 10.99 3.20 -11.34
CA ASP A 60 11.21 1.75 -11.29
C ASP A 60 9.98 0.97 -11.76
N GLY A 61 8.79 1.51 -11.54
CA GLY A 61 7.54 1.05 -12.14
C GLY A 61 6.94 -0.19 -11.49
N LYS A 62 7.73 -0.95 -10.71
CA LYS A 62 7.20 -2.11 -9.98
C LYS A 62 6.27 -1.68 -8.86
N MET A 63 6.31 -0.41 -8.46
CA MET A 63 5.31 0.20 -7.61
C MET A 63 4.40 0.98 -8.52
N GLU A 64 3.08 0.86 -8.35
CA GLU A 64 2.15 1.80 -8.89
C GLU A 64 1.16 2.21 -7.81
N THR A 65 0.28 3.14 -8.15
CA THR A 65 -0.75 3.61 -7.24
C THR A 65 -1.81 2.52 -7.08
N GLY A 66 -2.51 2.52 -5.95
CA GLY A 66 -3.58 1.57 -5.66
C GLY A 66 -3.05 0.14 -5.71
N ASP A 67 -2.03 -0.12 -4.89
CA ASP A 67 -1.40 -1.40 -4.66
C ASP A 67 -1.37 -1.59 -3.12
N VAL A 68 -1.41 -2.81 -2.56
CA VAL A 68 -1.56 -3.10 -1.12
C VAL A 68 -0.20 -3.43 -0.51
N ILE A 69 0.20 -2.76 0.57
CA ILE A 69 1.42 -3.05 1.31
C ILE A 69 1.19 -4.31 2.14
N VAL A 70 2.15 -5.22 2.01
CA VAL A 70 2.25 -6.46 2.77
C VAL A 70 3.37 -6.33 3.79
N TYR A 71 4.61 -6.14 3.33
CA TYR A 71 5.81 -6.08 4.17
C TYR A 71 6.58 -4.82 3.83
N ILE A 72 7.41 -4.38 4.78
CA ILE A 72 8.41 -3.34 4.62
C ILE A 72 9.69 -3.97 5.15
N ASN A 73 10.69 -4.12 4.28
CA ASN A 73 11.86 -4.98 4.37
C ASN A 73 11.50 -6.40 4.79
N GLU A 74 11.35 -6.61 6.09
CA GLU A 74 11.21 -7.90 6.73
C GLU A 74 10.23 -7.82 7.91
N VAL A 75 9.46 -6.73 8.01
CA VAL A 75 8.38 -6.57 8.98
C VAL A 75 7.07 -6.75 8.19
N CYS A 76 6.26 -7.72 8.57
CA CYS A 76 4.89 -7.88 8.10
C CYS A 76 4.06 -6.74 8.67
N VAL A 77 3.71 -5.75 7.86
CA VAL A 77 2.93 -4.59 8.28
C VAL A 77 1.47 -4.70 7.85
N LEU A 78 1.08 -5.82 7.23
CA LEU A 78 -0.27 -6.08 6.72
C LEU A 78 -1.38 -5.99 7.76
N GLY A 79 -1.04 -6.06 9.04
CA GLY A 79 -1.91 -5.81 10.17
C GLY A 79 -1.19 -4.88 11.15
N HIS A 80 -0.40 -3.93 10.66
CA HIS A 80 0.03 -2.75 11.41
C HIS A 80 -0.79 -1.55 10.93
N THR A 81 -0.76 -0.45 11.70
CA THR A 81 -1.45 0.79 11.38
C THR A 81 -0.55 1.67 10.52
N HIS A 82 -1.16 2.65 9.85
CA HIS A 82 -0.51 3.77 9.18
C HIS A 82 0.28 4.64 10.17
N ALA A 83 0.09 4.52 11.48
CA ALA A 83 1.00 5.11 12.46
C ALA A 83 2.37 4.44 12.36
N ASP A 84 2.47 3.15 12.72
CA ASP A 84 3.73 2.41 12.69
C ASP A 84 4.36 2.44 11.31
N VAL A 85 3.58 2.22 10.25
CA VAL A 85 4.09 2.19 8.88
C VAL A 85 4.64 3.55 8.47
N VAL A 86 4.01 4.67 8.83
CA VAL A 86 4.62 5.96 8.57
C VAL A 86 5.89 6.10 9.43
N LYS A 87 5.92 5.62 10.68
CA LYS A 87 7.14 5.73 11.49
C LYS A 87 8.28 4.94 10.84
N LEU A 88 7.96 3.78 10.28
CA LEU A 88 8.87 2.90 9.58
C LEU A 88 9.46 3.68 8.40
N PHE A 89 8.64 4.31 7.56
CA PHE A 89 9.12 5.06 6.40
C PHE A 89 9.94 6.29 6.80
N GLN A 90 9.48 7.04 7.81
CA GLN A 90 10.17 8.24 8.24
C GLN A 90 11.50 7.91 8.89
N SER A 91 11.63 6.75 9.54
CA SER A 91 12.86 6.33 10.20
C SER A 91 13.99 5.96 9.23
N VAL A 92 13.77 6.00 7.91
CA VAL A 92 14.82 5.76 6.93
C VAL A 92 15.57 7.08 6.72
N PRO A 93 16.86 7.20 7.09
CA PRO A 93 17.69 8.34 6.72
C PRO A 93 18.18 8.24 5.27
N ILE A 94 18.93 9.25 4.81
CA ILE A 94 19.51 9.29 3.46
C ILE A 94 20.49 8.12 3.30
N GLY A 95 20.67 7.67 2.07
CA GLY A 95 21.58 6.61 1.70
C GLY A 95 20.94 5.23 1.86
N GLN A 96 19.95 5.09 2.73
CA GLN A 96 19.44 3.77 3.04
C GLN A 96 18.41 3.37 1.99
N SER A 97 18.43 2.08 1.64
CA SER A 97 17.48 1.44 0.78
C SER A 97 16.65 0.49 1.61
N VAL A 98 15.40 0.27 1.21
CA VAL A 98 14.45 -0.58 1.90
C VAL A 98 13.65 -1.33 0.83
N ASN A 99 13.37 -2.60 1.08
CA ASN A 99 12.51 -3.44 0.26
C ASN A 99 11.07 -3.18 0.69
N LEU A 100 10.14 -3.43 -0.23
CA LEU A 100 8.71 -3.30 -0.05
C LEU A 100 8.09 -4.47 -0.82
N VAL A 101 6.93 -4.98 -0.40
CA VAL A 101 6.23 -6.06 -1.10
C VAL A 101 4.79 -5.63 -1.24
N LEU A 102 4.24 -5.65 -2.46
CA LEU A 102 2.85 -5.34 -2.73
C LEU A 102 2.15 -6.55 -3.38
N CYS A 103 0.82 -6.53 -3.50
CA CYS A 103 0.03 -7.58 -4.17
C CYS A 103 -1.01 -6.98 -5.13
N ARG A 104 -0.89 -7.26 -6.42
CA ARG A 104 -1.57 -6.54 -7.48
C ARG A 104 -2.96 -7.11 -7.69
N GLY A 105 -3.96 -6.25 -7.90
CA GLY A 105 -5.34 -6.64 -8.18
C GLY A 105 -6.34 -6.17 -7.13
N TYR A 106 -5.90 -5.55 -6.04
CA TYR A 106 -6.76 -4.77 -5.16
C TYR A 106 -6.79 -3.33 -5.70
N PRO A 107 -7.94 -2.79 -6.12
CA PRO A 107 -8.03 -1.44 -6.65
C PRO A 107 -7.75 -0.40 -5.58
N LEU A 108 -7.76 0.87 -6.00
CA LEU A 108 -7.66 2.01 -5.10
C LEU A 108 -8.73 1.95 -4.02
N PRO A 109 -8.46 2.48 -2.82
CA PRO A 109 -9.49 2.71 -1.82
C PRO A 109 -10.38 3.83 -2.34
N PHE A 110 -11.68 3.55 -2.38
CA PHE A 110 -12.69 4.57 -2.50
C PHE A 110 -12.65 5.41 -1.22
N ASP A 111 -12.69 6.74 -1.35
CA ASP A 111 -12.65 7.68 -0.24
C ASP A 111 -13.95 8.48 -0.27
N PRO A 112 -15.01 8.08 0.44
CA PRO A 112 -16.27 8.83 0.47
C PRO A 112 -16.13 10.22 1.12
N GLU A 113 -15.06 10.45 1.87
CA GLU A 113 -14.75 11.72 2.52
C GLU A 113 -14.59 12.85 1.50
N ASP A 114 -13.88 12.58 0.40
CA ASP A 114 -13.55 13.44 -0.73
C ASP A 114 -13.31 14.91 -0.37
N PRO A 115 -12.04 15.33 -0.11
CA PRO A 115 -11.72 16.70 0.31
C PRO A 115 -11.99 17.78 -0.75
N ALA A 116 -12.30 17.40 -2.00
CA ALA A 116 -12.82 18.21 -3.11
C ALA A 116 -12.54 17.46 -4.41
N ASN A 117 -11.25 17.26 -4.69
CA ASN A 117 -10.65 16.78 -5.94
C ASN A 117 -10.81 17.82 -7.03
N SER A 118 -10.03 17.70 -8.11
CA SER A 118 -10.30 18.38 -9.36
C SER A 118 -9.58 17.67 -10.50
N GLY A 119 -10.06 17.87 -11.72
CA GLY A 119 -9.55 17.25 -12.92
C GLY A 119 -10.48 16.10 -13.33
N PRO A 120 -10.74 15.91 -14.63
CA PRO A 120 -11.61 14.86 -15.15
C PRO A 120 -10.93 13.49 -15.08
N SER A 121 -11.56 12.48 -15.69
CA SER A 121 -11.01 11.16 -15.89
C SER A 121 -9.81 11.22 -16.84
N SER A 122 -8.63 11.56 -16.33
CA SER A 122 -7.41 11.62 -17.13
C SER A 122 -6.22 11.21 -16.27
N GLY A 123 -5.04 11.23 -16.88
CA GLY A 123 -3.74 11.23 -16.24
C GLY A 123 -2.81 11.82 -17.26
N GLY A 1 -10.46 -9.82 -14.02
CA GLY A 1 -11.48 -10.71 -13.41
C GLY A 1 -12.04 -10.07 -12.15
N SER A 2 -13.29 -10.41 -11.81
CA SER A 2 -14.11 -9.74 -10.80
C SER A 2 -13.39 -9.59 -9.46
N SER A 3 -13.61 -8.45 -8.80
CA SER A 3 -13.33 -8.32 -7.38
C SER A 3 -14.16 -9.33 -6.59
N GLY A 4 -13.75 -9.63 -5.36
CA GLY A 4 -14.26 -10.74 -4.59
C GLY A 4 -13.16 -11.28 -3.69
N SER A 5 -13.42 -12.44 -3.11
CA SER A 5 -12.68 -13.09 -2.04
C SER A 5 -12.78 -12.26 -0.76
N SER A 6 -13.46 -12.81 0.24
CA SER A 6 -13.66 -12.26 1.56
C SER A 6 -13.19 -13.31 2.59
N GLY A 7 -12.98 -12.92 3.84
CA GLY A 7 -12.41 -13.80 4.86
C GLY A 7 -12.58 -13.19 6.24
N LEU A 8 -11.80 -13.67 7.21
CA LEU A 8 -11.72 -13.12 8.55
C LEU A 8 -10.24 -12.80 8.83
N PHE A 9 -9.77 -11.74 8.17
CA PHE A 9 -8.41 -11.26 7.99
C PHE A 9 -7.42 -12.32 7.46
N THR A 10 -6.26 -11.87 6.99
CA THR A 10 -5.24 -12.68 6.36
C THR A 10 -4.34 -13.39 7.41
N ARG A 11 -3.16 -12.81 7.65
CA ARG A 11 -2.06 -13.01 8.61
C ARG A 11 -0.73 -13.36 7.97
N ASP A 12 -0.72 -14.07 6.84
CA ASP A 12 0.52 -14.58 6.24
C ASP A 12 0.67 -14.14 4.78
N ALA A 13 -0.15 -13.17 4.37
CA ALA A 13 -0.26 -12.56 3.03
C ALA A 13 -0.72 -13.50 1.92
N SER A 14 -0.60 -14.81 2.08
CA SER A 14 -0.84 -15.74 0.99
C SER A 14 -2.30 -15.71 0.52
N GLN A 15 -3.23 -15.26 1.37
CA GLN A 15 -4.66 -15.15 1.08
C GLN A 15 -5.06 -13.73 0.66
N LEU A 16 -4.09 -12.90 0.20
CA LEU A 16 -4.37 -11.68 -0.57
C LEU A 16 -4.87 -12.05 -1.98
N LYS A 17 -4.77 -11.13 -2.95
CA LYS A 17 -5.24 -11.30 -4.32
C LYS A 17 -4.48 -12.39 -5.04
N GLY A 18 -3.32 -12.05 -5.60
CA GLY A 18 -2.34 -13.07 -5.90
C GLY A 18 -1.12 -12.73 -6.72
N THR A 19 -1.09 -11.58 -7.38
CA THR A 19 0.09 -11.14 -8.10
C THR A 19 0.94 -10.41 -7.05
N PHE A 20 2.21 -10.78 -6.91
CA PHE A 20 3.09 -10.37 -5.83
C PHE A 20 4.37 -9.81 -6.45
N LEU A 21 4.70 -8.56 -6.11
CA LEU A 21 5.79 -7.78 -6.67
C LEU A 21 6.66 -7.31 -5.52
N SER A 22 7.93 -7.04 -5.79
CA SER A 22 8.85 -6.47 -4.81
C SER A 22 9.85 -5.53 -5.47
N THR A 23 10.34 -4.56 -4.70
CA THR A 23 11.25 -3.51 -5.14
C THR A 23 12.04 -3.04 -3.91
N THR A 24 13.20 -2.44 -4.16
CA THR A 24 13.99 -1.71 -3.19
C THR A 24 14.29 -0.33 -3.76
N LEU A 25 13.84 0.73 -3.09
CA LEU A 25 14.21 2.10 -3.43
C LEU A 25 15.34 2.47 -2.49
N LYS A 26 16.25 3.35 -2.93
CA LYS A 26 17.06 4.10 -1.99
C LYS A 26 16.21 5.31 -1.55
N LYS A 27 16.50 5.92 -0.40
CA LYS A 27 15.80 7.10 0.09
C LYS A 27 16.32 8.30 -0.72
N SER A 28 15.62 8.74 -1.75
CA SER A 28 16.20 9.55 -2.82
C SER A 28 15.43 10.84 -3.04
N ASN A 29 16.12 11.87 -3.53
CA ASN A 29 15.66 13.23 -3.78
C ASN A 29 15.15 13.89 -2.49
N MET A 30 13.93 13.58 -2.07
CA MET A 30 13.29 14.00 -0.82
C MET A 30 12.32 12.89 -0.41
N GLY A 31 12.87 11.76 0.04
CA GLY A 31 12.09 10.64 0.55
C GLY A 31 11.40 9.88 -0.58
N PHE A 32 10.72 8.78 -0.24
CA PHE A 32 10.21 7.90 -1.28
C PHE A 32 9.09 8.59 -2.03
N GLY A 33 9.23 8.71 -3.36
CA GLY A 33 8.24 9.32 -4.25
C GLY A 33 7.02 8.44 -4.47
N PHE A 34 6.40 7.96 -3.40
CA PHE A 34 5.04 7.45 -3.35
C PHE A 34 4.49 7.83 -1.97
N THR A 35 3.18 7.75 -1.74
CA THR A 35 2.63 7.81 -0.39
C THR A 35 1.65 6.67 -0.19
N ILE A 36 1.27 6.40 1.06
CA ILE A 36 0.47 5.27 1.47
C ILE A 36 -0.79 5.82 2.15
N ILE A 37 -1.82 4.99 2.27
CA ILE A 37 -3.06 5.24 3.00
C ILE A 37 -3.33 3.98 3.83
N GLY A 38 -3.98 4.18 4.98
CA GLY A 38 -4.38 3.15 5.93
C GLY A 38 -5.77 3.48 6.45
N GLY A 39 -6.53 2.45 6.85
CA GLY A 39 -7.98 2.54 6.93
C GLY A 39 -8.45 3.47 8.03
N ASP A 40 -8.03 3.21 9.26
CA ASP A 40 -8.12 4.09 10.43
C ASP A 40 -7.50 3.37 11.62
N GLU A 41 -7.76 2.06 11.74
CA GLU A 41 -7.38 1.22 12.87
C GLU A 41 -6.16 0.33 12.54
N PRO A 42 -5.51 -0.26 13.55
CA PRO A 42 -4.25 -1.02 13.41
C PRO A 42 -4.38 -2.41 12.78
N ASP A 43 -5.46 -2.70 12.06
CA ASP A 43 -5.64 -3.95 11.32
C ASP A 43 -6.43 -3.78 10.03
N GLU A 44 -6.77 -2.55 9.63
CA GLU A 44 -7.20 -2.33 8.25
C GLU A 44 -5.97 -2.44 7.34
N PHE A 45 -6.18 -2.76 6.07
CA PHE A 45 -5.08 -2.90 5.12
C PHE A 45 -4.49 -1.54 4.77
N LEU A 46 -3.33 -1.55 4.10
CA LEU A 46 -2.58 -0.38 3.68
C LEU A 46 -2.44 -0.47 2.17
N GLN A 47 -2.69 0.62 1.46
CA GLN A 47 -2.58 0.66 0.00
C GLN A 47 -1.71 1.85 -0.39
N VAL A 48 -1.00 1.78 -1.53
CA VAL A 48 -0.35 2.96 -2.09
C VAL A 48 -1.44 4.00 -2.40
N LYS A 49 -1.32 5.19 -1.81
CA LYS A 49 -2.19 6.34 -2.02
C LYS A 49 -1.87 7.02 -3.35
N SER A 50 -0.59 7.17 -3.67
CA SER A 50 -0.12 7.78 -4.91
C SER A 50 1.29 7.31 -5.24
N VAL A 51 1.70 7.48 -6.49
CA VAL A 51 3.06 7.29 -6.99
C VAL A 51 3.43 8.60 -7.71
N ILE A 52 4.48 9.28 -7.26
CA ILE A 52 4.83 10.60 -7.77
C ILE A 52 5.47 10.44 -9.16
N PRO A 53 5.03 11.20 -10.18
CA PRO A 53 5.67 11.20 -11.48
C PRO A 53 7.07 11.79 -11.37
N ASP A 54 7.98 11.37 -12.25
CA ASP A 54 9.38 11.82 -12.24
C ASP A 54 10.05 11.59 -10.88
N GLY A 55 9.51 10.65 -10.09
CA GLY A 55 10.01 10.25 -8.80
C GLY A 55 10.66 8.87 -8.91
N PRO A 56 11.46 8.47 -7.90
CA PRO A 56 12.20 7.22 -7.94
C PRO A 56 11.28 6.00 -8.00
N ALA A 57 10.09 6.08 -7.39
CA ALA A 57 9.15 4.98 -7.39
C ALA A 57 8.56 4.75 -8.79
N ALA A 58 8.24 5.83 -9.52
CA ALA A 58 7.73 5.75 -10.88
C ALA A 58 8.80 5.20 -11.83
N GLN A 59 10.04 5.67 -11.73
CA GLN A 59 11.12 5.13 -12.55
C GLN A 59 11.31 3.64 -12.27
N ASP A 60 11.36 3.25 -11.00
CA ASP A 60 11.55 1.85 -10.59
C ASP A 60 10.41 0.97 -11.09
N GLY A 61 9.21 1.55 -11.17
CA GLY A 61 8.10 1.06 -11.98
C GLY A 61 7.24 0.03 -11.26
N LYS A 62 7.76 -0.60 -10.20
CA LYS A 62 6.99 -1.54 -9.40
C LYS A 62 5.80 -0.84 -8.75
N MET A 63 6.03 0.33 -8.18
CA MET A 63 5.04 1.04 -7.38
C MET A 63 3.88 1.44 -8.28
N GLU A 64 2.66 1.02 -7.93
CA GLU A 64 1.43 1.46 -8.57
C GLU A 64 0.41 1.75 -7.49
N THR A 65 -0.63 2.47 -7.87
CA THR A 65 -1.58 3.06 -6.94
C THR A 65 -2.68 2.04 -6.65
N GLY A 66 -3.15 2.00 -5.40
CA GLY A 66 -4.10 0.99 -4.96
C GLY A 66 -3.44 -0.35 -4.62
N ASP A 67 -2.16 -0.58 -4.97
CA ASP A 67 -1.52 -1.87 -4.64
C ASP A 67 -1.35 -1.94 -3.11
N VAL A 68 -1.41 -3.13 -2.54
CA VAL A 68 -1.48 -3.37 -1.08
C VAL A 68 -0.07 -3.62 -0.55
N ILE A 69 0.35 -2.86 0.48
CA ILE A 69 1.60 -3.04 1.19
C ILE A 69 1.45 -4.29 2.06
N VAL A 70 2.18 -5.34 1.71
CA VAL A 70 2.23 -6.56 2.49
C VAL A 70 3.25 -6.40 3.62
N TYR A 71 4.50 -6.13 3.25
CA TYR A 71 5.65 -6.09 4.13
C TYR A 71 6.44 -4.83 3.81
N ILE A 72 7.20 -4.36 4.79
CA ILE A 72 8.19 -3.32 4.64
C ILE A 72 9.48 -3.89 5.23
N ASN A 73 10.44 -4.10 4.36
CA ASN A 73 11.82 -4.51 4.57
C ASN A 73 11.93 -5.95 5.04
N GLU A 74 11.33 -6.25 6.19
CA GLU A 74 11.21 -7.59 6.76
C GLU A 74 10.04 -7.67 7.77
N VAL A 75 9.23 -6.63 7.92
CA VAL A 75 8.14 -6.55 8.89
C VAL A 75 6.84 -6.72 8.12
N CYS A 76 5.95 -7.60 8.58
CA CYS A 76 4.61 -7.77 8.05
C CYS A 76 3.76 -6.64 8.59
N VAL A 77 3.26 -5.78 7.71
CA VAL A 77 2.50 -4.60 8.09
C VAL A 77 1.07 -4.65 7.55
N LEU A 78 0.67 -5.76 6.92
CA LEU A 78 -0.59 -5.95 6.21
C LEU A 78 -1.81 -5.58 7.04
N GLY A 79 -1.74 -5.78 8.36
CA GLY A 79 -2.67 -5.30 9.35
C GLY A 79 -1.85 -4.70 10.47
N HIS A 80 -1.07 -3.68 10.13
CA HIS A 80 -0.60 -2.67 11.07
C HIS A 80 -1.26 -1.32 10.76
N THR A 81 -1.19 -0.40 11.73
CA THR A 81 -1.66 0.95 11.55
C THR A 81 -0.68 1.70 10.66
N HIS A 82 -1.20 2.69 9.95
CA HIS A 82 -0.42 3.72 9.30
C HIS A 82 0.49 4.42 10.30
N ALA A 83 0.12 4.54 11.57
CA ALA A 83 0.98 5.15 12.60
C ALA A 83 2.34 4.45 12.70
N ASP A 84 2.36 3.12 12.56
CA ASP A 84 3.55 2.30 12.68
C ASP A 84 4.37 2.47 11.39
N VAL A 85 3.78 2.16 10.25
CA VAL A 85 4.31 2.27 8.89
C VAL A 85 4.88 3.67 8.59
N VAL A 86 4.22 4.74 8.99
CA VAL A 86 4.74 6.09 8.83
C VAL A 86 5.95 6.31 9.75
N LYS A 87 6.05 5.63 10.92
CA LYS A 87 7.26 5.71 11.72
C LYS A 87 8.38 4.97 11.00
N LEU A 88 8.04 3.88 10.32
CA LEU A 88 8.98 2.99 9.65
C LEU A 88 9.53 3.67 8.40
N PHE A 89 8.74 4.43 7.66
CA PHE A 89 9.26 5.16 6.51
C PHE A 89 10.13 6.35 6.92
N GLN A 90 9.87 6.96 8.08
CA GLN A 90 10.70 8.01 8.64
C GLN A 90 11.97 7.47 9.29
N SER A 91 12.00 6.18 9.64
CA SER A 91 13.16 5.48 10.17
C SER A 91 14.27 5.25 9.14
N VAL A 92 14.03 5.56 7.86
CA VAL A 92 14.99 5.38 6.77
C VAL A 92 15.64 6.73 6.47
N PRO A 93 16.88 7.01 6.91
CA PRO A 93 17.61 8.19 6.47
C PRO A 93 18.01 8.07 5.00
N ILE A 94 18.52 9.18 4.47
CA ILE A 94 19.02 9.31 3.12
C ILE A 94 20.28 8.46 3.01
N GLY A 95 20.48 7.82 1.87
CA GLY A 95 21.59 6.90 1.64
C GLY A 95 21.31 5.49 2.16
N GLN A 96 20.15 5.25 2.79
CA GLN A 96 19.67 3.90 3.09
C GLN A 96 18.60 3.53 2.07
N SER A 97 18.18 2.28 2.11
CA SER A 97 17.23 1.65 1.22
C SER A 97 16.40 0.65 2.04
N VAL A 98 15.19 0.36 1.57
CA VAL A 98 14.31 -0.63 2.17
C VAL A 98 13.64 -1.44 1.07
N ASN A 99 13.35 -2.71 1.35
CA ASN A 99 12.59 -3.55 0.44
C ASN A 99 11.13 -3.23 0.72
N LEU A 100 10.27 -3.42 -0.26
CA LEU A 100 8.83 -3.31 -0.13
C LEU A 100 8.24 -4.47 -0.92
N VAL A 101 7.10 -4.97 -0.43
CA VAL A 101 6.40 -6.09 -1.01
C VAL A 101 4.99 -5.60 -1.21
N LEU A 102 4.53 -5.53 -2.46
CA LEU A 102 3.14 -5.20 -2.74
C LEU A 102 2.44 -6.44 -3.28
N CYS A 103 1.10 -6.39 -3.26
CA CYS A 103 0.23 -7.28 -4.00
C CYS A 103 -0.55 -6.43 -4.99
N ARG A 104 -0.71 -6.93 -6.22
CA ARG A 104 -1.61 -6.42 -7.25
C ARG A 104 -3.03 -6.94 -7.02
N GLY A 105 -4.03 -6.24 -7.52
CA GLY A 105 -5.35 -6.81 -7.81
C GLY A 105 -6.46 -6.25 -6.95
N TYR A 106 -6.14 -5.59 -5.83
CA TYR A 106 -7.14 -4.87 -5.05
C TYR A 106 -7.36 -3.49 -5.67
N PRO A 107 -8.61 -3.02 -5.73
CA PRO A 107 -8.96 -1.71 -6.26
C PRO A 107 -8.59 -0.61 -5.26
N LEU A 108 -8.78 0.64 -5.65
CA LEU A 108 -8.61 1.78 -4.74
C LEU A 108 -9.69 1.72 -3.65
N PRO A 109 -9.38 2.13 -2.42
CA PRO A 109 -10.34 2.09 -1.32
C PRO A 109 -11.41 3.17 -1.48
N PHE A 110 -10.99 4.35 -1.94
CA PHE A 110 -11.87 5.47 -2.23
C PHE A 110 -12.85 5.04 -3.31
N ASP A 111 -14.12 4.84 -2.94
CA ASP A 111 -15.20 4.54 -3.85
C ASP A 111 -15.82 5.84 -4.32
N PRO A 112 -15.60 6.29 -5.57
CA PRO A 112 -16.29 7.45 -6.09
C PRO A 112 -17.76 7.10 -6.44
N GLU A 113 -18.06 5.84 -6.76
CA GLU A 113 -19.36 5.46 -7.31
C GLU A 113 -20.48 5.65 -6.28
N ASP A 114 -20.29 5.14 -5.06
CA ASP A 114 -21.28 5.16 -3.99
C ASP A 114 -20.52 5.30 -2.66
N PRO A 115 -20.22 6.53 -2.23
CA PRO A 115 -19.08 6.79 -1.35
C PRO A 115 -19.31 6.35 0.09
N ALA A 116 -20.57 6.27 0.53
CA ALA A 116 -21.08 5.78 1.80
C ALA A 116 -22.56 6.12 1.73
N ASN A 117 -23.34 5.19 1.16
CA ASN A 117 -24.72 5.38 0.70
C ASN A 117 -24.84 6.48 -0.35
N SER A 118 -26.09 6.70 -0.80
CA SER A 118 -26.51 7.85 -1.56
C SER A 118 -27.67 8.52 -0.83
N GLY A 119 -27.80 9.83 -0.99
CA GLY A 119 -28.87 10.60 -0.38
C GLY A 119 -28.64 10.85 1.11
N PRO A 120 -29.63 11.44 1.80
CA PRO A 120 -29.59 11.58 3.26
C PRO A 120 -29.62 10.19 3.88
N SER A 121 -28.73 9.95 4.84
CA SER A 121 -28.60 8.67 5.52
C SER A 121 -29.64 8.58 6.63
N SER A 122 -30.91 8.50 6.26
CA SER A 122 -32.02 8.25 7.19
C SER A 122 -31.95 6.81 7.75
N GLY A 123 -32.93 6.45 8.59
CA GLY A 123 -33.08 5.14 9.20
C GLY A 123 -34.37 5.15 9.98
N GLY A 1 -24.80 -24.47 -6.72
CA GLY A 1 -24.71 -23.27 -5.88
C GLY A 1 -23.43 -23.34 -5.07
N SER A 2 -22.50 -22.43 -5.31
CA SER A 2 -21.17 -22.41 -4.72
C SER A 2 -21.21 -21.82 -3.31
N SER A 3 -20.13 -21.90 -2.54
CA SER A 3 -19.89 -20.93 -1.47
C SER A 3 -19.26 -19.67 -2.08
N GLY A 4 -19.10 -18.63 -1.26
CA GLY A 4 -18.05 -17.66 -1.43
C GLY A 4 -16.97 -18.01 -0.42
N SER A 5 -16.92 -17.30 0.70
CA SER A 5 -16.24 -17.68 1.94
C SER A 5 -16.99 -16.99 3.07
N SER A 6 -16.44 -16.90 4.29
CA SER A 6 -16.85 -15.93 5.30
C SER A 6 -15.62 -15.64 6.15
N GLY A 7 -15.07 -14.44 6.02
CA GLY A 7 -13.84 -13.99 6.67
C GLY A 7 -13.84 -12.48 6.80
N LEU A 8 -13.12 -11.93 7.79
CA LEU A 8 -13.09 -10.50 8.07
C LEU A 8 -11.69 -9.96 7.78
N PHE A 9 -10.73 -10.14 8.68
CA PHE A 9 -9.35 -9.74 8.48
C PHE A 9 -8.60 -10.89 7.79
N THR A 10 -7.38 -10.64 7.32
CA THR A 10 -6.50 -11.62 6.72
C THR A 10 -5.65 -12.27 7.83
N ARG A 11 -4.33 -12.15 7.75
CA ARG A 11 -3.23 -12.55 8.65
C ARG A 11 -2.07 -12.93 7.77
N ASP A 12 -2.32 -13.73 6.74
CA ASP A 12 -1.32 -14.34 5.92
C ASP A 12 -1.59 -13.96 4.49
N ALA A 13 -0.60 -13.38 3.83
CA ALA A 13 -0.64 -12.93 2.45
C ALA A 13 -0.93 -14.07 1.45
N SER A 14 -0.92 -15.33 1.87
CA SER A 14 -1.29 -16.47 1.04
C SER A 14 -2.80 -16.49 0.76
N GLN A 15 -3.61 -15.81 1.58
CA GLN A 15 -5.04 -15.70 1.29
C GLN A 15 -5.29 -14.79 0.09
N LEU A 16 -4.34 -13.90 -0.24
CA LEU A 16 -4.56 -12.88 -1.25
C LEU A 16 -4.55 -13.49 -2.65
N LYS A 17 -5.27 -12.83 -3.53
CA LYS A 17 -5.45 -13.17 -4.93
C LYS A 17 -5.15 -11.91 -5.70
N GLY A 18 -4.05 -11.94 -6.42
CA GLY A 18 -3.48 -10.77 -7.04
C GLY A 18 -2.30 -11.23 -7.88
N THR A 19 -1.26 -10.41 -7.95
CA THR A 19 0.08 -10.92 -8.16
C THR A 19 0.99 -10.17 -7.20
N PHE A 20 2.09 -10.79 -6.78
CA PHE A 20 2.99 -10.31 -5.76
C PHE A 20 4.24 -9.76 -6.43
N LEU A 21 4.77 -8.68 -5.86
CA LEU A 21 5.84 -7.91 -6.45
C LEU A 21 6.80 -7.47 -5.35
N SER A 22 7.99 -7.01 -5.73
CA SER A 22 8.93 -6.42 -4.79
C SER A 22 9.86 -5.41 -5.46
N THR A 23 10.35 -4.47 -4.68
CA THR A 23 11.30 -3.43 -5.07
C THR A 23 12.08 -3.00 -3.81
N THR A 24 13.26 -2.41 -3.99
CA THR A 24 14.03 -1.75 -2.95
C THR A 24 14.24 -0.31 -3.38
N LEU A 25 13.62 0.65 -2.68
CA LEU A 25 13.77 2.08 -2.99
C LEU A 25 14.74 2.72 -2.01
N LYS A 26 15.70 3.49 -2.53
CA LYS A 26 16.64 4.31 -1.75
C LYS A 26 15.97 5.64 -1.42
N LYS A 27 16.07 6.07 -0.17
CA LYS A 27 15.56 7.33 0.33
C LYS A 27 16.28 8.46 -0.40
N SER A 28 15.61 9.14 -1.32
CA SER A 28 16.18 10.08 -2.26
C SER A 28 15.32 11.35 -2.27
N ASN A 29 14.85 11.84 -3.43
CA ASN A 29 14.06 13.07 -3.58
C ASN A 29 12.83 13.04 -2.68
N MET A 30 12.87 13.75 -1.55
CA MET A 30 11.85 13.73 -0.51
C MET A 30 11.44 12.29 -0.21
N GLY A 31 12.36 11.52 0.38
CA GLY A 31 12.09 10.18 0.82
C GLY A 31 11.90 9.25 -0.37
N PHE A 32 10.79 8.53 -0.39
CA PHE A 32 10.44 7.65 -1.50
C PHE A 32 9.34 8.33 -2.30
N GLY A 33 9.39 8.21 -3.63
CA GLY A 33 8.44 8.85 -4.53
C GLY A 33 7.10 8.10 -4.58
N PHE A 34 6.59 7.60 -3.47
CA PHE A 34 5.19 7.18 -3.35
C PHE A 34 4.68 7.54 -1.95
N THR A 35 3.36 7.56 -1.82
CA THR A 35 2.62 7.93 -0.63
C THR A 35 1.71 6.76 -0.27
N ILE A 36 1.39 6.61 1.01
CA ILE A 36 0.65 5.48 1.54
C ILE A 36 -0.66 5.99 2.15
N ILE A 37 -1.63 5.10 2.35
CA ILE A 37 -2.86 5.27 3.09
C ILE A 37 -3.02 4.01 3.95
N GLY A 38 -3.82 4.11 5.01
CA GLY A 38 -4.22 3.02 5.87
C GLY A 38 -5.69 3.19 6.20
N GLY A 39 -6.39 2.09 6.49
CA GLY A 39 -7.80 2.08 6.82
C GLY A 39 -8.16 3.08 7.92
N ASP A 40 -7.86 2.74 9.18
CA ASP A 40 -8.23 3.56 10.32
C ASP A 40 -7.56 3.04 11.59
N GLU A 41 -7.67 1.75 11.84
CA GLU A 41 -7.24 1.08 13.08
C GLU A 41 -5.89 0.37 12.89
N PRO A 42 -5.19 -0.06 13.97
CA PRO A 42 -3.95 -0.85 13.91
C PRO A 42 -4.26 -2.31 13.53
N ASP A 43 -5.14 -2.50 12.54
CA ASP A 43 -5.69 -3.78 12.10
C ASP A 43 -6.49 -3.61 10.81
N GLU A 44 -6.21 -2.55 10.03
CA GLU A 44 -6.76 -2.36 8.68
C GLU A 44 -5.63 -2.47 7.66
N PHE A 45 -6.01 -2.56 6.40
CA PHE A 45 -5.04 -2.69 5.30
C PHE A 45 -4.41 -1.35 4.96
N LEU A 46 -3.28 -1.43 4.28
CA LEU A 46 -2.42 -0.33 3.89
C LEU A 46 -2.24 -0.42 2.39
N GLN A 47 -2.42 0.69 1.67
CA GLN A 47 -2.24 0.72 0.23
C GLN A 47 -1.34 1.88 -0.14
N VAL A 48 -0.68 1.80 -1.29
CA VAL A 48 -0.06 2.97 -1.86
C VAL A 48 -1.19 3.90 -2.29
N LYS A 49 -1.32 5.04 -1.62
CA LYS A 49 -2.32 6.08 -1.90
C LYS A 49 -2.11 6.57 -3.32
N SER A 50 -0.86 6.92 -3.64
CA SER A 50 -0.44 7.38 -4.96
C SER A 50 1.05 7.13 -5.10
N VAL A 51 1.48 6.83 -6.31
CA VAL A 51 2.87 6.99 -6.72
C VAL A 51 3.01 8.47 -7.12
N ILE A 52 4.16 9.08 -6.82
CA ILE A 52 4.47 10.41 -7.29
C ILE A 52 4.75 10.34 -8.80
N PRO A 53 4.21 11.25 -9.61
CA PRO A 53 4.66 11.40 -10.99
C PRO A 53 6.04 12.05 -11.02
N ASP A 54 6.93 11.53 -11.88
CA ASP A 54 8.33 11.89 -11.94
C ASP A 54 8.99 11.80 -10.55
N GLY A 55 9.11 10.58 -10.03
CA GLY A 55 9.88 10.30 -8.82
C GLY A 55 10.57 8.93 -8.89
N PRO A 56 11.40 8.56 -7.89
CA PRO A 56 12.22 7.36 -7.95
C PRO A 56 11.38 6.08 -8.12
N ALA A 57 10.21 6.05 -7.49
CA ALA A 57 9.23 4.97 -7.59
C ALA A 57 8.64 4.88 -9.00
N ALA A 58 8.41 6.02 -9.66
CA ALA A 58 7.93 6.08 -11.02
C ALA A 58 9.01 5.56 -11.98
N GLN A 59 10.24 6.03 -11.82
CA GLN A 59 11.39 5.65 -12.64
C GLN A 59 11.63 4.14 -12.60
N ASP A 60 11.59 3.58 -11.39
CA ASP A 60 11.77 2.14 -11.18
C ASP A 60 10.58 1.37 -11.74
N GLY A 61 9.41 2.00 -11.85
CA GLY A 61 8.24 1.48 -12.56
C GLY A 61 7.62 0.24 -11.90
N LYS A 62 7.98 -0.04 -10.65
CA LYS A 62 7.64 -1.29 -9.96
C LYS A 62 6.26 -1.19 -9.34
N MET A 63 6.13 -0.44 -8.25
CA MET A 63 4.89 -0.35 -7.51
C MET A 63 3.94 0.61 -8.22
N GLU A 64 2.63 0.51 -7.95
CA GLU A 64 1.60 1.32 -8.54
C GLU A 64 0.56 1.74 -7.51
N THR A 65 -0.17 2.79 -7.84
CA THR A 65 -1.23 3.33 -7.04
C THR A 65 -2.31 2.26 -6.81
N GLY A 66 -2.77 2.11 -5.57
CA GLY A 66 -3.81 1.16 -5.16
C GLY A 66 -3.26 -0.19 -4.69
N ASP A 67 -1.99 -0.51 -4.96
CA ASP A 67 -1.40 -1.79 -4.54
C ASP A 67 -1.39 -1.87 -3.00
N VAL A 68 -1.47 -3.08 -2.42
CA VAL A 68 -1.55 -3.33 -0.98
C VAL A 68 -0.16 -3.62 -0.44
N ILE A 69 0.27 -2.91 0.60
CA ILE A 69 1.46 -3.20 1.38
C ILE A 69 1.22 -4.49 2.14
N VAL A 70 2.03 -5.50 1.84
CA VAL A 70 2.09 -6.74 2.58
C VAL A 70 3.21 -6.64 3.62
N TYR A 71 4.43 -6.44 3.13
CA TYR A 71 5.64 -6.49 3.94
C TYR A 71 6.47 -5.26 3.63
N ILE A 72 7.20 -4.78 4.62
CA ILE A 72 8.19 -3.73 4.52
C ILE A 72 9.41 -4.29 5.21
N ASN A 73 10.56 -4.19 4.54
CA ASN A 73 11.86 -4.69 4.94
C ASN A 73 11.84 -6.19 5.29
N GLU A 74 11.50 -6.58 6.51
CA GLU A 74 11.31 -7.97 6.93
C GLU A 74 10.07 -8.17 7.82
N VAL A 75 9.21 -7.16 7.97
CA VAL A 75 8.02 -7.18 8.84
C VAL A 75 6.78 -7.31 7.97
N CYS A 76 5.89 -8.22 8.36
CA CYS A 76 4.51 -8.27 7.90
C CYS A 76 3.77 -7.11 8.55
N VAL A 77 3.62 -6.01 7.81
CA VAL A 77 2.89 -4.82 8.26
C VAL A 77 1.46 -4.83 7.72
N LEU A 78 0.98 -5.90 7.10
CA LEU A 78 -0.29 -5.93 6.36
C LEU A 78 -1.50 -5.50 7.17
N GLY A 79 -1.46 -5.57 8.50
CA GLY A 79 -2.44 -5.02 9.42
C GLY A 79 -1.77 -4.17 10.50
N HIS A 80 -0.57 -3.64 10.29
CA HIS A 80 -0.01 -2.59 11.14
C HIS A 80 -0.77 -1.29 10.90
N THR A 81 -0.65 -0.36 11.85
CA THR A 81 -1.19 0.98 11.72
C THR A 81 -0.32 1.74 10.70
N HIS A 82 -0.96 2.60 9.91
CA HIS A 82 -0.29 3.60 9.10
C HIS A 82 0.61 4.46 9.98
N ALA A 83 0.19 4.78 11.21
CA ALA A 83 1.00 5.56 12.13
C ALA A 83 2.35 4.89 12.45
N ASP A 84 2.44 3.55 12.45
CA ASP A 84 3.71 2.84 12.61
C ASP A 84 4.47 2.83 11.28
N VAL A 85 3.82 2.43 10.20
CA VAL A 85 4.40 2.29 8.87
C VAL A 85 4.98 3.61 8.37
N VAL A 86 4.32 4.73 8.61
CA VAL A 86 4.84 6.05 8.32
C VAL A 86 6.06 6.34 9.22
N LYS A 87 6.02 5.96 10.50
CA LYS A 87 7.18 6.20 11.38
C LYS A 87 8.36 5.33 10.96
N LEU A 88 8.10 4.15 10.42
CA LEU A 88 9.06 3.23 9.85
C LEU A 88 9.67 3.83 8.59
N PHE A 89 8.85 4.39 7.69
CA PHE A 89 9.37 5.02 6.47
C PHE A 89 10.23 6.24 6.85
N GLN A 90 9.85 6.99 7.88
CA GLN A 90 10.64 8.11 8.40
C GLN A 90 11.91 7.63 9.13
N SER A 91 11.93 6.40 9.65
CA SER A 91 13.12 5.78 10.25
C SER A 91 14.17 5.42 9.20
N VAL A 92 13.94 5.68 7.90
CA VAL A 92 14.91 5.45 6.84
C VAL A 92 15.53 6.82 6.54
N PRO A 93 16.76 7.11 7.01
CA PRO A 93 17.45 8.34 6.63
C PRO A 93 17.86 8.31 5.16
N ILE A 94 18.27 9.45 4.63
CA ILE A 94 18.68 9.60 3.23
C ILE A 94 19.81 8.61 2.94
N GLY A 95 19.79 8.02 1.73
CA GLY A 95 20.81 7.10 1.29
C GLY A 95 20.63 5.68 1.83
N GLN A 96 19.75 5.43 2.81
CA GLN A 96 19.34 4.07 3.13
C GLN A 96 18.21 3.70 2.18
N SER A 97 18.02 2.41 1.91
CA SER A 97 16.95 1.89 1.09
C SER A 97 16.19 0.83 1.86
N VAL A 98 14.94 0.56 1.50
CA VAL A 98 14.13 -0.46 2.15
C VAL A 98 13.44 -1.31 1.10
N ASN A 99 13.25 -2.59 1.43
CA ASN A 99 12.54 -3.54 0.58
C ASN A 99 11.06 -3.36 0.86
N LEU A 100 10.23 -3.64 -0.13
CA LEU A 100 8.78 -3.54 -0.05
C LEU A 100 8.22 -4.72 -0.83
N VAL A 101 7.17 -5.36 -0.33
CA VAL A 101 6.42 -6.41 -1.04
C VAL A 101 5.00 -5.89 -1.13
N LEU A 102 4.47 -5.79 -2.35
CA LEU A 102 3.09 -5.41 -2.57
C LEU A 102 2.33 -6.57 -3.21
N CYS A 103 1.01 -6.47 -3.16
CA CYS A 103 0.09 -7.26 -3.96
C CYS A 103 -0.66 -6.30 -4.89
N ARG A 104 -0.52 -6.51 -6.19
CA ARG A 104 -1.41 -5.95 -7.22
C ARG A 104 -2.72 -6.72 -7.17
N GLY A 105 -3.83 -6.13 -7.64
CA GLY A 105 -5.10 -6.85 -7.78
C GLY A 105 -6.16 -6.39 -6.78
N TYR A 106 -5.81 -5.50 -5.85
CA TYR A 106 -6.73 -4.90 -4.90
C TYR A 106 -7.03 -3.47 -5.39
N PRO A 107 -8.30 -3.07 -5.56
CA PRO A 107 -8.64 -1.75 -6.09
C PRO A 107 -8.34 -0.65 -5.09
N LEU A 108 -8.48 0.60 -5.55
CA LEU A 108 -8.47 1.74 -4.65
C LEU A 108 -9.72 1.65 -3.76
N PRO A 109 -9.62 2.03 -2.47
CA PRO A 109 -10.70 1.86 -1.52
C PRO A 109 -11.82 2.88 -1.76
N PHE A 110 -11.45 4.15 -1.95
CA PHE A 110 -12.38 5.22 -2.31
C PHE A 110 -12.97 4.92 -3.69
N ASP A 111 -14.29 4.73 -3.77
CA ASP A 111 -15.06 4.55 -5.00
C ASP A 111 -15.30 5.93 -5.65
N PRO A 112 -14.66 6.28 -6.78
CA PRO A 112 -15.02 7.49 -7.51
C PRO A 112 -16.25 7.25 -8.41
N GLU A 113 -16.54 5.98 -8.76
CA GLU A 113 -17.61 5.61 -9.68
C GLU A 113 -18.98 5.95 -9.10
N ASP A 114 -19.09 6.03 -7.78
CA ASP A 114 -20.25 6.56 -7.07
C ASP A 114 -19.73 7.02 -5.71
N PRO A 115 -19.48 8.32 -5.48
CA PRO A 115 -19.08 8.81 -4.17
C PRO A 115 -20.22 8.64 -3.17
N ALA A 116 -21.41 9.12 -3.51
CA ALA A 116 -22.66 8.88 -2.82
C ALA A 116 -23.80 9.20 -3.79
N ASN A 117 -24.04 10.49 -4.02
CA ASN A 117 -24.92 11.13 -4.99
C ASN A 117 -26.30 11.36 -4.40
N SER A 118 -26.50 12.52 -3.77
CA SER A 118 -27.82 12.99 -3.36
C SER A 118 -28.70 13.15 -4.59
N GLY A 119 -29.81 12.40 -4.65
CA GLY A 119 -30.97 12.82 -5.43
C GLY A 119 -31.52 14.15 -4.87
N PRO A 120 -32.44 14.82 -5.61
CA PRO A 120 -32.97 16.10 -5.17
C PRO A 120 -33.90 15.93 -3.96
N SER A 121 -33.72 16.76 -2.94
CA SER A 121 -34.73 17.00 -1.91
C SER A 121 -34.67 18.46 -1.46
N SER A 122 -35.80 19.02 -1.06
CA SER A 122 -35.99 20.29 -0.37
C SER A 122 -37.37 20.22 0.30
N GLY A 123 -37.67 21.18 1.16
CA GLY A 123 -38.86 21.28 1.98
C GLY A 123 -38.59 22.36 3.02
N GLY A 1 -7.82 -24.56 0.57
CA GLY A 1 -9.23 -24.40 0.96
C GLY A 1 -10.12 -24.22 -0.26
N SER A 2 -11.43 -24.16 -0.06
CA SER A 2 -12.45 -24.00 -1.10
C SER A 2 -13.49 -22.94 -0.71
N SER A 3 -14.46 -22.71 -1.60
CA SER A 3 -15.49 -21.68 -1.48
C SER A 3 -14.85 -20.28 -1.37
N GLY A 4 -15.62 -19.29 -0.92
CA GLY A 4 -15.15 -17.97 -0.54
C GLY A 4 -15.85 -17.55 0.74
N SER A 5 -15.19 -16.71 1.54
CA SER A 5 -15.73 -16.04 2.72
C SER A 5 -15.23 -14.60 2.73
N SER A 6 -16.01 -13.73 3.37
CA SER A 6 -15.83 -12.29 3.38
C SER A 6 -15.96 -11.81 4.83
N GLY A 7 -15.42 -10.63 5.13
CA GLY A 7 -15.11 -10.18 6.48
C GLY A 7 -14.36 -11.27 7.23
N LEU A 8 -13.15 -11.58 6.74
CA LEU A 8 -12.21 -12.50 7.34
C LEU A 8 -10.83 -11.93 7.02
N PHE A 9 -10.19 -11.32 8.01
CA PHE A 9 -8.83 -10.77 7.93
C PHE A 9 -7.83 -11.83 7.44
N THR A 10 -6.65 -11.39 6.97
CA THR A 10 -5.56 -12.25 6.54
C THR A 10 -4.83 -12.91 7.72
N ARG A 11 -3.57 -12.51 7.97
CA ARG A 11 -2.53 -12.94 8.92
C ARG A 11 -1.18 -13.05 8.20
N ASP A 12 -1.13 -13.78 7.09
CA ASP A 12 0.14 -14.24 6.46
C ASP A 12 0.28 -13.85 4.99
N ALA A 13 -0.43 -12.80 4.54
CA ALA A 13 -0.62 -12.40 3.14
C ALA A 13 -1.32 -13.47 2.25
N SER A 14 -1.48 -14.71 2.72
CA SER A 14 -1.90 -15.87 1.95
C SER A 14 -3.32 -15.72 1.38
N GLN A 15 -4.19 -15.00 2.09
CA GLN A 15 -5.58 -14.78 1.65
C GLN A 15 -5.71 -13.81 0.47
N LEU A 16 -4.66 -13.07 0.10
CA LEU A 16 -4.81 -12.04 -0.92
C LEU A 16 -5.07 -12.68 -2.28
N LYS A 17 -5.88 -12.02 -3.09
CA LYS A 17 -5.93 -12.22 -4.52
C LYS A 17 -5.06 -11.14 -5.12
N GLY A 18 -4.33 -11.49 -6.19
CA GLY A 18 -3.44 -10.57 -6.86
C GLY A 18 -2.15 -11.23 -7.32
N THR A 19 -1.22 -10.43 -7.83
CA THR A 19 0.15 -10.84 -8.09
C THR A 19 1.00 -10.20 -7.03
N PHE A 20 1.82 -11.00 -6.37
CA PHE A 20 2.82 -10.53 -5.42
C PHE A 20 4.03 -10.03 -6.19
N LEU A 21 4.55 -8.86 -5.83
CA LEU A 21 5.73 -8.24 -6.41
C LEU A 21 6.48 -7.48 -5.31
N SER A 22 7.65 -6.95 -5.64
CA SER A 22 8.49 -6.26 -4.67
C SER A 22 9.32 -5.19 -5.35
N THR A 23 9.86 -4.26 -4.58
CA THR A 23 10.91 -3.36 -5.03
C THR A 23 11.73 -2.90 -3.83
N THR A 24 12.95 -2.47 -4.09
CA THR A 24 13.79 -1.75 -3.16
C THR A 24 13.97 -0.36 -3.74
N LEU A 25 13.52 0.69 -3.03
CA LEU A 25 13.80 2.07 -3.43
C LEU A 25 14.95 2.56 -2.55
N LYS A 26 15.89 3.29 -3.15
CA LYS A 26 16.92 4.00 -2.39
C LYS A 26 16.37 5.40 -2.11
N LYS A 27 16.41 5.85 -0.86
CA LYS A 27 15.94 7.16 -0.42
C LYS A 27 16.71 8.21 -1.21
N SER A 28 16.07 8.81 -2.21
CA SER A 28 16.66 9.71 -3.17
C SER A 28 15.78 10.96 -3.24
N ASN A 29 16.31 12.03 -3.84
CA ASN A 29 15.85 13.42 -3.86
C ASN A 29 15.43 13.93 -2.49
N MET A 30 14.27 13.49 -1.98
CA MET A 30 13.60 14.01 -0.79
C MET A 30 12.92 12.91 0.05
N GLY A 31 13.06 11.61 -0.27
CA GLY A 31 12.31 10.54 0.38
C GLY A 31 12.01 9.39 -0.58
N PHE A 32 10.74 9.02 -0.71
CA PHE A 32 10.27 8.04 -1.69
C PHE A 32 9.24 8.71 -2.60
N GLY A 33 9.22 8.32 -3.86
CA GLY A 33 8.33 8.90 -4.86
C GLY A 33 6.95 8.26 -4.84
N PHE A 34 6.42 7.89 -3.67
CA PHE A 34 5.07 7.37 -3.54
C PHE A 34 4.53 7.76 -2.18
N THR A 35 3.23 7.55 -2.00
CA THR A 35 2.51 7.88 -0.78
C THR A 35 1.68 6.67 -0.39
N ILE A 36 1.38 6.55 0.90
CA ILE A 36 0.60 5.46 1.46
C ILE A 36 -0.67 6.05 2.07
N ILE A 37 -1.67 5.20 2.28
CA ILE A 37 -2.92 5.48 2.96
C ILE A 37 -3.07 4.42 4.08
N GLY A 38 -3.93 4.69 5.06
CA GLY A 38 -4.34 3.76 6.09
C GLY A 38 -5.85 3.79 6.15
N GLY A 39 -6.46 2.66 6.54
CA GLY A 39 -7.89 2.49 6.49
C GLY A 39 -8.61 3.33 7.53
N ASP A 40 -8.34 3.04 8.81
CA ASP A 40 -8.61 3.85 10.00
C ASP A 40 -8.27 3.03 11.25
N GLU A 41 -8.76 1.78 11.33
CA GLU A 41 -8.58 0.87 12.47
C GLU A 41 -7.32 0.01 12.35
N PRO A 42 -6.79 -0.58 13.45
CA PRO A 42 -5.63 -1.49 13.46
C PRO A 42 -6.02 -2.89 12.93
N ASP A 43 -6.66 -2.92 11.77
CA ASP A 43 -7.31 -4.09 11.15
C ASP A 43 -7.64 -3.81 9.66
N GLU A 44 -7.22 -2.66 9.12
CA GLU A 44 -7.49 -2.30 7.74
C GLU A 44 -6.22 -2.51 6.92
N PHE A 45 -6.40 -2.74 5.63
CA PHE A 45 -5.32 -3.01 4.69
C PHE A 45 -4.74 -1.67 4.20
N LEU A 46 -3.41 -1.55 4.11
CA LEU A 46 -2.67 -0.33 3.79
C LEU A 46 -2.38 -0.30 2.28
N GLN A 47 -2.93 0.61 1.47
CA GLN A 47 -2.58 0.65 0.03
C GLN A 47 -1.56 1.76 -0.26
N VAL A 48 -0.82 1.64 -1.37
CA VAL A 48 -0.15 2.80 -1.95
C VAL A 48 -1.25 3.81 -2.34
N LYS A 49 -1.29 4.99 -1.71
CA LYS A 49 -2.25 6.04 -2.03
C LYS A 49 -2.05 6.47 -3.48
N SER A 50 -0.84 6.86 -3.85
CA SER A 50 -0.44 7.12 -5.20
C SER A 50 1.07 7.05 -5.33
N VAL A 51 1.53 6.73 -6.53
CA VAL A 51 2.90 7.00 -6.96
C VAL A 51 2.93 8.47 -7.42
N ILE A 52 3.94 9.23 -6.99
CA ILE A 52 4.26 10.56 -7.44
C ILE A 52 4.95 10.43 -8.80
N PRO A 53 4.57 11.26 -9.79
CA PRO A 53 5.24 11.27 -11.07
C PRO A 53 6.67 11.78 -10.87
N ASP A 54 7.59 11.25 -11.69
CA ASP A 54 8.95 11.78 -11.83
C ASP A 54 9.77 11.66 -10.54
N GLY A 55 9.41 10.72 -9.66
CA GLY A 55 10.12 10.39 -8.41
C GLY A 55 10.84 9.04 -8.49
N PRO A 56 11.60 8.63 -7.44
CA PRO A 56 12.42 7.42 -7.46
C PRO A 56 11.61 6.12 -7.38
N ALA A 57 10.31 6.20 -7.04
CA ALA A 57 9.41 5.07 -7.17
C ALA A 57 9.04 4.90 -8.64
N ALA A 58 8.59 6.00 -9.26
CA ALA A 58 8.25 6.04 -10.68
C ALA A 58 9.45 5.57 -11.52
N GLN A 59 10.62 6.18 -11.36
CA GLN A 59 11.80 5.83 -12.15
C GLN A 59 12.38 4.44 -11.81
N ASP A 60 12.01 3.81 -10.69
CA ASP A 60 12.29 2.39 -10.48
C ASP A 60 11.42 1.55 -11.40
N GLY A 61 10.16 1.96 -11.59
CA GLY A 61 9.26 1.45 -12.61
C GLY A 61 8.22 0.48 -12.07
N LYS A 62 8.52 -0.26 -10.99
CA LYS A 62 7.75 -1.48 -10.70
C LYS A 62 6.58 -1.26 -9.75
N MET A 63 6.50 -0.12 -9.08
CA MET A 63 5.37 0.23 -8.22
C MET A 63 4.34 0.96 -9.06
N GLU A 64 3.07 0.74 -8.76
CA GLU A 64 1.96 1.47 -9.32
C GLU A 64 0.97 1.78 -8.18
N THR A 65 -0.11 2.47 -8.53
CA THR A 65 -1.18 2.80 -7.62
C THR A 65 -2.24 1.69 -7.75
N GLY A 66 -2.98 1.39 -6.68
CA GLY A 66 -3.79 0.19 -6.57
C GLY A 66 -2.91 -1.00 -6.26
N ASP A 67 -2.07 -0.87 -5.24
CA ASP A 67 -1.28 -1.97 -4.71
C ASP A 67 -1.37 -1.96 -3.18
N VAL A 68 -1.12 -3.10 -2.56
CA VAL A 68 -1.39 -3.41 -1.15
C VAL A 68 -0.05 -3.61 -0.43
N ILE A 69 0.32 -2.74 0.52
CA ILE A 69 1.48 -2.90 1.39
C ILE A 69 1.29 -4.18 2.20
N VAL A 70 2.18 -5.14 1.97
CA VAL A 70 2.24 -6.39 2.73
C VAL A 70 3.37 -6.32 3.76
N TYR A 71 4.60 -6.04 3.29
CA TYR A 71 5.83 -6.08 4.07
C TYR A 71 6.64 -4.83 3.78
N ILE A 72 7.48 -4.42 4.72
CA ILE A 72 8.47 -3.36 4.57
C ILE A 72 9.75 -3.91 5.20
N ASN A 73 10.84 -3.83 4.46
CA ASN A 73 12.19 -4.31 4.78
C ASN A 73 12.15 -5.77 5.23
N GLU A 74 11.99 -6.07 6.53
CA GLU A 74 11.87 -7.44 7.04
C GLU A 74 10.73 -7.57 8.08
N VAL A 75 9.67 -6.74 7.98
CA VAL A 75 8.59 -6.67 8.97
C VAL A 75 7.25 -6.87 8.26
N CYS A 76 6.39 -7.72 8.82
CA CYS A 76 5.01 -7.95 8.37
C CYS A 76 4.10 -6.83 8.89
N VAL A 77 3.69 -5.93 8.01
CA VAL A 77 2.96 -4.71 8.36
C VAL A 77 1.47 -4.77 7.95
N LEU A 78 0.98 -5.88 7.43
CA LEU A 78 -0.33 -5.93 6.77
C LEU A 78 -1.49 -5.45 7.64
N GLY A 79 -1.43 -5.64 8.96
CA GLY A 79 -2.41 -5.19 9.94
C GLY A 79 -1.79 -4.19 10.91
N HIS A 80 -0.61 -3.65 10.61
CA HIS A 80 -0.02 -2.60 11.42
C HIS A 80 -0.88 -1.34 11.25
N THR A 81 -0.73 -0.42 12.18
CA THR A 81 -1.30 0.90 12.11
C THR A 81 -0.52 1.69 11.06
N HIS A 82 -1.20 2.57 10.34
CA HIS A 82 -0.58 3.57 9.48
C HIS A 82 0.43 4.37 10.29
N ALA A 83 0.12 4.74 11.53
CA ALA A 83 1.06 5.44 12.39
C ALA A 83 2.37 4.66 12.61
N ASP A 84 2.38 3.31 12.58
CA ASP A 84 3.60 2.51 12.69
C ASP A 84 4.34 2.51 11.35
N VAL A 85 3.66 2.13 10.28
CA VAL A 85 4.18 2.07 8.91
C VAL A 85 4.74 3.41 8.46
N VAL A 86 4.09 4.50 8.81
CA VAL A 86 4.60 5.84 8.59
C VAL A 86 5.91 6.04 9.34
N LYS A 87 6.07 5.53 10.57
CA LYS A 87 7.33 5.65 11.29
C LYS A 87 8.40 4.82 10.58
N LEU A 88 8.01 3.67 10.05
CA LEU A 88 8.89 2.72 9.38
C LEU A 88 9.43 3.38 8.10
N PHE A 89 8.61 4.12 7.36
CA PHE A 89 9.08 4.92 6.24
C PHE A 89 9.94 6.11 6.70
N GLN A 90 9.53 6.85 7.73
CA GLN A 90 10.27 8.01 8.21
C GLN A 90 11.68 7.62 8.71
N SER A 91 11.86 6.41 9.22
CA SER A 91 13.12 5.92 9.78
C SER A 91 14.29 5.99 8.78
N VAL A 92 14.00 5.96 7.47
CA VAL A 92 14.98 5.66 6.44
C VAL A 92 15.73 6.96 6.11
N PRO A 93 17.01 7.09 6.48
CA PRO A 93 17.78 8.26 6.11
C PRO A 93 18.03 8.29 4.60
N ILE A 94 18.55 9.41 4.11
CA ILE A 94 18.92 9.58 2.72
C ILE A 94 20.03 8.59 2.38
N GLY A 95 20.00 8.06 1.15
CA GLY A 95 21.03 7.19 0.62
C GLY A 95 20.98 5.76 1.16
N GLN A 96 20.07 5.44 2.09
CA GLN A 96 19.78 4.04 2.41
C GLN A 96 18.70 3.53 1.45
N SER A 97 18.37 2.24 1.55
CA SER A 97 17.25 1.63 0.87
C SER A 97 16.41 0.82 1.86
N VAL A 98 15.17 0.48 1.49
CA VAL A 98 14.34 -0.52 2.15
C VAL A 98 13.63 -1.35 1.08
N ASN A 99 13.34 -2.61 1.38
CA ASN A 99 12.55 -3.48 0.53
C ASN A 99 11.08 -3.18 0.82
N LEU A 100 10.21 -3.54 -0.12
CA LEU A 100 8.77 -3.45 -0.01
C LEU A 100 8.21 -4.63 -0.79
N VAL A 101 7.12 -5.24 -0.32
CA VAL A 101 6.34 -6.22 -1.06
C VAL A 101 4.96 -5.62 -1.20
N LEU A 102 4.41 -5.60 -2.42
CA LEU A 102 3.01 -5.28 -2.64
C LEU A 102 2.28 -6.47 -3.28
N CYS A 103 0.96 -6.38 -3.36
CA CYS A 103 0.11 -7.32 -4.07
C CYS A 103 -0.85 -6.52 -4.97
N ARG A 104 -0.77 -6.76 -6.28
CA ARG A 104 -1.48 -6.01 -7.31
C ARG A 104 -2.82 -6.65 -7.60
N GLY A 105 -3.87 -5.85 -7.82
CA GLY A 105 -5.18 -6.32 -8.26
C GLY A 105 -6.29 -5.65 -7.47
N TYR A 106 -6.06 -5.46 -6.16
CA TYR A 106 -6.96 -4.73 -5.29
C TYR A 106 -7.12 -3.29 -5.81
N PRO A 107 -8.34 -2.85 -6.16
CA PRO A 107 -8.57 -1.50 -6.65
C PRO A 107 -8.34 -0.44 -5.58
N LEU A 108 -8.46 0.82 -5.96
CA LEU A 108 -8.37 1.93 -5.02
C LEU A 108 -9.55 1.88 -4.03
N PRO A 109 -9.36 2.40 -2.80
CA PRO A 109 -10.38 2.37 -1.78
C PRO A 109 -11.41 3.49 -2.03
N PHE A 110 -10.95 4.73 -2.25
CA PHE A 110 -11.74 5.83 -2.77
C PHE A 110 -11.79 5.65 -4.29
N ASP A 111 -12.97 5.48 -4.86
CA ASP A 111 -13.17 5.57 -6.31
C ASP A 111 -13.83 6.92 -6.60
N PRO A 112 -13.32 7.71 -7.57
CA PRO A 112 -13.85 9.03 -7.85
C PRO A 112 -15.22 9.00 -8.55
N GLU A 113 -15.65 7.84 -9.06
CA GLU A 113 -16.90 7.69 -9.79
C GLU A 113 -18.10 7.70 -8.84
N ASP A 114 -18.02 6.98 -7.72
CA ASP A 114 -19.05 7.01 -6.69
C ASP A 114 -18.44 6.73 -5.33
N PRO A 115 -17.74 7.72 -4.74
CA PRO A 115 -17.25 7.60 -3.37
C PRO A 115 -18.40 7.60 -2.35
N ALA A 116 -19.60 8.02 -2.80
CA ALA A 116 -20.90 8.18 -2.16
C ALA A 116 -21.54 9.43 -2.76
N ASN A 117 -22.69 9.28 -3.44
CA ASN A 117 -23.47 10.30 -4.14
C ASN A 117 -24.53 9.63 -5.01
N SER A 118 -25.72 9.40 -4.45
CA SER A 118 -26.85 8.73 -5.11
C SER A 118 -26.58 7.24 -5.34
N GLY A 119 -27.55 6.39 -4.97
CA GLY A 119 -27.45 4.94 -5.12
C GLY A 119 -28.64 4.32 -4.40
N PRO A 120 -28.45 3.58 -3.29
CA PRO A 120 -29.57 3.14 -2.46
C PRO A 120 -30.17 4.34 -1.70
N SER A 121 -31.46 4.27 -1.43
CA SER A 121 -32.14 5.04 -0.40
C SER A 121 -33.41 4.26 -0.02
N SER A 122 -34.15 4.75 0.96
CA SER A 122 -35.42 4.19 1.39
C SER A 122 -36.26 5.37 1.85
N GLY A 123 -37.53 5.40 1.47
CA GLY A 123 -38.49 6.46 1.67
C GLY A 123 -39.62 6.24 0.67
N GLY A 1 -9.30 -21.35 -6.21
CA GLY A 1 -9.51 -22.34 -7.29
C GLY A 1 -10.91 -22.88 -7.23
N SER A 2 -11.78 -22.47 -8.16
CA SER A 2 -13.22 -22.63 -8.06
C SER A 2 -13.71 -22.24 -6.65
N SER A 3 -14.60 -23.02 -6.03
CA SER A 3 -15.27 -22.67 -4.78
C SER A 3 -14.31 -22.25 -3.64
N GLY A 4 -14.88 -21.52 -2.68
CA GLY A 4 -14.23 -21.04 -1.47
C GLY A 4 -14.87 -19.72 -1.11
N SER A 5 -14.24 -18.60 -1.49
CA SER A 5 -14.64 -17.24 -1.18
C SER A 5 -15.07 -17.10 0.28
N SER A 6 -14.10 -17.04 1.18
CA SER A 6 -14.30 -16.92 2.62
C SER A 6 -13.36 -15.87 3.21
N GLY A 7 -13.47 -15.61 4.52
CA GLY A 7 -12.52 -14.79 5.28
C GLY A 7 -12.68 -13.30 5.01
N LEU A 8 -11.92 -12.48 5.73
CA LEU A 8 -11.83 -11.05 5.50
C LEU A 8 -10.40 -10.58 5.75
N PHE A 9 -9.94 -10.52 7.01
CA PHE A 9 -8.55 -10.19 7.29
C PHE A 9 -7.64 -11.31 6.80
N THR A 10 -6.42 -10.94 6.47
CA THR A 10 -5.41 -11.80 5.87
C THR A 10 -4.79 -12.80 6.86
N ARG A 11 -3.61 -12.46 7.38
CA ARG A 11 -2.69 -13.05 8.35
C ARG A 11 -1.36 -13.38 7.70
N ASP A 12 -1.37 -13.79 6.43
CA ASP A 12 -0.22 -14.51 5.87
C ASP A 12 0.00 -14.19 4.39
N ALA A 13 -0.58 -13.08 3.94
CA ALA A 13 -0.68 -12.58 2.57
C ALA A 13 -1.45 -13.50 1.61
N SER A 14 -1.59 -14.80 1.89
CA SER A 14 -2.22 -15.75 0.98
C SER A 14 -3.75 -15.61 0.91
N GLN A 15 -4.39 -14.78 1.73
CA GLN A 15 -5.77 -14.37 1.51
C GLN A 15 -5.86 -13.25 0.46
N LEU A 16 -4.79 -12.48 0.24
CA LEU A 16 -4.75 -11.53 -0.86
C LEU A 16 -4.77 -12.31 -2.16
N LYS A 17 -5.41 -11.78 -3.20
CA LYS A 17 -5.58 -12.45 -4.47
C LYS A 17 -5.17 -11.48 -5.57
N GLY A 18 -4.23 -11.91 -6.40
CA GLY A 18 -3.48 -11.10 -7.33
C GLY A 18 -2.01 -11.41 -7.11
N THR A 19 -1.14 -10.80 -7.90
CA THR A 19 0.28 -11.15 -7.89
C THR A 19 1.05 -10.26 -6.93
N PHE A 20 2.19 -10.79 -6.47
CA PHE A 20 3.05 -10.19 -5.49
C PHE A 20 4.30 -9.67 -6.16
N LEU A 21 4.66 -8.43 -5.84
CA LEU A 21 5.80 -7.73 -6.37
C LEU A 21 6.82 -7.54 -5.26
N SER A 22 8.06 -7.18 -5.61
CA SER A 22 9.03 -6.57 -4.74
C SER A 22 9.76 -5.46 -5.50
N THR A 23 10.20 -4.43 -4.79
CA THR A 23 11.06 -3.37 -5.29
C THR A 23 11.79 -2.80 -4.06
N THR A 24 12.94 -2.17 -4.28
CA THR A 24 13.80 -1.69 -3.22
C THR A 24 14.15 -0.24 -3.55
N LEU A 25 13.55 0.69 -2.80
CA LEU A 25 13.76 2.11 -3.08
C LEU A 25 14.80 2.61 -2.11
N LYS A 26 15.76 3.38 -2.63
CA LYS A 26 16.69 4.15 -1.82
C LYS A 26 15.99 5.43 -1.44
N LYS A 27 16.28 5.92 -0.23
CA LYS A 27 15.83 7.19 0.27
C LYS A 27 16.58 8.28 -0.49
N SER A 28 15.96 8.79 -1.54
CA SER A 28 16.42 9.86 -2.42
C SER A 28 16.09 11.23 -1.81
N ASN A 29 16.19 12.33 -2.59
CA ASN A 29 16.20 13.71 -2.10
C ASN A 29 14.96 14.12 -1.30
N MET A 30 13.82 13.46 -1.51
CA MET A 30 12.63 13.62 -0.69
C MET A 30 12.08 12.23 -0.35
N GLY A 31 12.94 11.38 0.19
CA GLY A 31 12.59 10.04 0.58
C GLY A 31 12.23 9.19 -0.61
N PHE A 32 11.01 8.62 -0.58
CA PHE A 32 10.54 7.71 -1.62
C PHE A 32 9.44 8.43 -2.39
N GLY A 33 9.44 8.35 -3.72
CA GLY A 33 8.48 9.03 -4.57
C GLY A 33 7.14 8.30 -4.66
N PHE A 34 6.55 7.95 -3.53
CA PHE A 34 5.16 7.52 -3.40
C PHE A 34 4.63 7.95 -2.04
N THR A 35 3.33 7.76 -1.81
CA THR A 35 2.66 8.04 -0.54
C THR A 35 1.75 6.85 -0.20
N ILE A 36 1.36 6.69 1.07
CA ILE A 36 0.60 5.56 1.57
C ILE A 36 -0.68 6.07 2.26
N ILE A 37 -1.68 5.18 2.40
CA ILE A 37 -2.94 5.33 3.11
C ILE A 37 -3.15 4.04 3.92
N GLY A 38 -3.93 4.12 5.00
CA GLY A 38 -4.38 3.00 5.82
C GLY A 38 -5.86 3.19 6.13
N GLY A 39 -6.56 2.07 6.35
CA GLY A 39 -7.98 2.02 6.66
C GLY A 39 -8.36 3.01 7.75
N ASP A 40 -8.01 2.70 9.00
CA ASP A 40 -8.17 3.58 10.16
C ASP A 40 -7.44 2.94 11.34
N GLU A 41 -7.64 1.64 11.55
CA GLU A 41 -7.24 0.91 12.75
C GLU A 41 -5.90 0.18 12.62
N PRO A 42 -5.33 -0.30 13.76
CA PRO A 42 -4.16 -1.16 13.82
C PRO A 42 -4.50 -2.59 13.40
N ASP A 43 -5.05 -2.74 12.20
CA ASP A 43 -5.49 -4.02 11.62
C ASP A 43 -5.84 -3.91 10.14
N GLU A 44 -5.89 -2.71 9.56
CA GLU A 44 -6.50 -2.50 8.25
C GLU A 44 -5.48 -2.65 7.11
N PHE A 45 -6.04 -2.83 5.91
CA PHE A 45 -5.26 -2.90 4.69
C PHE A 45 -4.61 -1.55 4.43
N LEU A 46 -3.34 -1.57 4.08
CA LEU A 46 -2.53 -0.40 3.74
C LEU A 46 -2.38 -0.40 2.24
N GLN A 47 -2.54 0.73 1.56
CA GLN A 47 -2.34 0.81 0.12
C GLN A 47 -1.43 1.97 -0.25
N VAL A 48 -0.73 1.87 -1.39
CA VAL A 48 -0.10 3.05 -1.97
C VAL A 48 -1.21 4.03 -2.34
N LYS A 49 -1.20 5.24 -1.75
CA LYS A 49 -2.18 6.31 -1.94
C LYS A 49 -2.04 6.91 -3.33
N SER A 50 -0.83 7.29 -3.70
CA SER A 50 -0.42 7.67 -5.04
C SER A 50 1.06 7.35 -5.20
N VAL A 51 1.49 7.10 -6.43
CA VAL A 51 2.88 7.19 -6.85
C VAL A 51 3.10 8.63 -7.32
N ILE A 52 4.20 9.26 -6.94
CA ILE A 52 4.56 10.60 -7.42
C ILE A 52 4.93 10.47 -8.91
N PRO A 53 4.58 11.44 -9.77
CA PRO A 53 5.11 11.49 -11.12
C PRO A 53 6.53 12.06 -11.13
N ASP A 54 7.37 11.49 -11.99
CA ASP A 54 8.81 11.79 -12.11
C ASP A 54 9.47 11.80 -10.74
N GLY A 55 9.54 10.60 -10.13
CA GLY A 55 10.24 10.33 -8.89
C GLY A 55 10.82 8.92 -8.89
N PRO A 56 11.58 8.52 -7.85
CA PRO A 56 12.37 7.29 -7.89
C PRO A 56 11.51 6.02 -7.98
N ALA A 57 10.32 6.05 -7.37
CA ALA A 57 9.37 4.95 -7.43
C ALA A 57 8.90 4.76 -8.87
N ALA A 58 8.49 5.86 -9.52
CA ALA A 58 8.02 5.89 -10.90
C ALA A 58 9.10 5.36 -11.86
N GLN A 59 10.38 5.70 -11.63
CA GLN A 59 11.49 5.25 -12.47
C GLN A 59 11.73 3.73 -12.35
N ASP A 60 11.50 3.15 -11.16
CA ASP A 60 11.52 1.69 -11.03
C ASP A 60 10.32 1.10 -11.77
N GLY A 61 9.20 1.84 -11.74
CA GLY A 61 7.93 1.52 -12.35
C GLY A 61 7.18 0.38 -11.65
N LYS A 62 7.80 -0.27 -10.67
CA LYS A 62 7.18 -1.34 -9.91
C LYS A 62 6.02 -0.77 -9.09
N MET A 63 6.23 0.37 -8.43
CA MET A 63 5.21 1.09 -7.70
C MET A 63 4.16 1.61 -8.68
N GLU A 64 2.90 1.21 -8.47
CA GLU A 64 1.72 1.78 -9.09
C GLU A 64 0.66 2.02 -8.02
N THR A 65 -0.29 2.87 -8.32
CA THR A 65 -1.32 3.23 -7.35
C THR A 65 -2.34 2.09 -7.29
N GLY A 66 -2.98 1.86 -6.13
CA GLY A 66 -3.93 0.76 -5.92
C GLY A 66 -3.28 -0.51 -5.36
N ASP A 67 -1.95 -0.57 -5.28
CA ASP A 67 -1.29 -1.75 -4.71
C ASP A 67 -1.44 -1.75 -3.18
N VAL A 68 -1.30 -2.92 -2.55
CA VAL A 68 -1.48 -3.17 -1.10
C VAL A 68 -0.11 -3.45 -0.48
N ILE A 69 0.27 -2.78 0.61
CA ILE A 69 1.50 -3.04 1.36
C ILE A 69 1.28 -4.26 2.23
N VAL A 70 2.20 -5.22 2.09
CA VAL A 70 2.22 -6.46 2.86
C VAL A 70 3.40 -6.45 3.82
N TYR A 71 4.62 -6.25 3.31
CA TYR A 71 5.84 -6.33 4.09
C TYR A 71 6.70 -5.13 3.74
N ILE A 72 7.38 -4.57 4.72
CA ILE A 72 8.38 -3.52 4.58
C ILE A 72 9.68 -4.12 5.09
N ASN A 73 10.60 -4.30 4.15
CA ASN A 73 12.00 -4.63 4.29
C ASN A 73 12.19 -6.06 4.75
N GLU A 74 11.80 -6.34 5.99
CA GLU A 74 11.72 -7.68 6.55
C GLU A 74 10.73 -7.72 7.73
N VAL A 75 9.75 -6.81 7.79
CA VAL A 75 8.68 -6.81 8.80
C VAL A 75 7.35 -6.92 8.04
N CYS A 76 6.50 -7.83 8.50
CA CYS A 76 5.11 -7.91 8.07
C CYS A 76 4.36 -6.72 8.61
N VAL A 77 3.85 -5.87 7.72
CA VAL A 77 3.03 -4.72 8.08
C VAL A 77 1.58 -4.89 7.61
N LEU A 78 1.21 -6.05 7.05
CA LEU A 78 -0.09 -6.28 6.42
C LEU A 78 -1.29 -5.96 7.31
N GLY A 79 -1.14 -6.00 8.63
CA GLY A 79 -2.12 -5.60 9.61
C GLY A 79 -1.52 -4.61 10.61
N HIS A 80 -0.45 -3.89 10.25
CA HIS A 80 0.06 -2.77 11.04
C HIS A 80 -0.85 -1.56 10.87
N THR A 81 -0.78 -0.65 11.84
CA THR A 81 -1.44 0.64 11.76
C THR A 81 -0.61 1.55 10.83
N HIS A 82 -1.28 2.46 10.13
CA HIS A 82 -0.61 3.47 9.31
C HIS A 82 0.38 4.27 10.14
N ALA A 83 0.08 4.66 11.38
CA ALA A 83 1.03 5.41 12.22
C ALA A 83 2.37 4.67 12.38
N ASP A 84 2.38 3.33 12.39
CA ASP A 84 3.60 2.54 12.50
C ASP A 84 4.31 2.44 11.16
N VAL A 85 3.60 2.12 10.09
CA VAL A 85 4.14 2.04 8.73
C VAL A 85 4.74 3.38 8.32
N VAL A 86 4.05 4.48 8.61
CA VAL A 86 4.58 5.81 8.40
C VAL A 86 5.82 6.00 9.28
N LYS A 87 5.82 5.61 10.56
CA LYS A 87 7.04 5.76 11.37
C LYS A 87 8.19 4.96 10.78
N LEU A 88 7.91 3.77 10.27
CA LEU A 88 8.87 2.87 9.67
C LEU A 88 9.51 3.57 8.48
N PHE A 89 8.71 4.13 7.57
CA PHE A 89 9.20 4.84 6.38
C PHE A 89 9.99 6.10 6.74
N GLN A 90 9.53 6.85 7.75
CA GLN A 90 10.17 8.08 8.20
C GLN A 90 11.52 7.76 8.83
N SER A 91 11.66 6.61 9.51
CA SER A 91 12.88 6.19 10.18
C SER A 91 14.02 5.80 9.23
N VAL A 92 13.82 5.79 7.91
CA VAL A 92 14.85 5.37 6.96
C VAL A 92 15.74 6.60 6.69
N PRO A 93 17.04 6.58 7.05
CA PRO A 93 17.96 7.67 6.73
C PRO A 93 18.08 7.85 5.22
N ILE A 94 18.48 9.05 4.78
CA ILE A 94 18.87 9.30 3.40
C ILE A 94 20.03 8.36 3.08
N GLY A 95 20.02 7.78 1.87
CA GLY A 95 21.07 6.89 1.39
C GLY A 95 20.88 5.43 1.80
N GLN A 96 19.98 5.08 2.73
CA GLN A 96 19.61 3.67 2.92
C GLN A 96 18.52 3.32 1.92
N SER A 97 18.23 2.04 1.75
CA SER A 97 17.07 1.53 1.06
C SER A 97 16.30 0.58 1.97
N VAL A 98 15.06 0.32 1.59
CA VAL A 98 14.19 -0.68 2.19
C VAL A 98 13.49 -1.43 1.06
N ASN A 99 13.23 -2.73 1.27
CA ASN A 99 12.47 -3.57 0.37
C ASN A 99 10.97 -3.39 0.64
N LEU A 100 10.11 -3.68 -0.32
CA LEU A 100 8.67 -3.42 -0.22
C LEU A 100 7.92 -4.51 -0.98
N VAL A 101 7.22 -5.42 -0.28
CA VAL A 101 6.35 -6.43 -0.91
C VAL A 101 4.99 -5.80 -1.05
N LEU A 102 4.47 -5.71 -2.27
CA LEU A 102 3.10 -5.31 -2.51
C LEU A 102 2.32 -6.44 -3.16
N CYS A 103 0.99 -6.34 -3.13
CA CYS A 103 0.06 -7.18 -3.90
C CYS A 103 -0.71 -6.28 -4.87
N ARG A 104 -0.68 -6.64 -6.15
CA ARG A 104 -1.57 -6.13 -7.18
C ARG A 104 -2.96 -6.78 -7.07
N GLY A 105 -3.99 -6.12 -7.60
CA GLY A 105 -5.28 -6.74 -7.96
C GLY A 105 -6.47 -6.15 -7.21
N TYR A 106 -6.24 -5.51 -6.06
CA TYR A 106 -7.30 -4.84 -5.33
C TYR A 106 -7.63 -3.50 -6.00
N PRO A 107 -8.83 -2.93 -5.75
CA PRO A 107 -9.19 -1.62 -6.22
C PRO A 107 -8.47 -0.51 -5.46
N LEU A 108 -8.73 0.72 -5.86
CA LEU A 108 -8.40 1.90 -5.06
C LEU A 108 -9.37 1.92 -3.86
N PRO A 109 -8.98 2.50 -2.71
CA PRO A 109 -9.88 2.65 -1.58
C PRO A 109 -10.81 3.87 -1.76
N PHE A 110 -10.34 4.83 -2.55
CA PHE A 110 -10.87 6.14 -2.81
C PHE A 110 -11.16 6.18 -4.31
N ASP A 111 -12.42 6.00 -4.70
CA ASP A 111 -12.90 6.13 -6.07
C ASP A 111 -13.15 7.61 -6.35
N PRO A 112 -12.29 8.33 -7.09
CA PRO A 112 -12.44 9.78 -7.28
C PRO A 112 -13.52 10.12 -8.32
N GLU A 113 -14.07 9.11 -8.99
CA GLU A 113 -15.06 9.22 -10.04
C GLU A 113 -16.46 9.46 -9.51
N ASP A 114 -16.72 9.05 -8.27
CA ASP A 114 -18.03 9.17 -7.64
C ASP A 114 -18.01 10.46 -6.82
N PRO A 115 -18.89 11.44 -7.14
CA PRO A 115 -18.84 12.75 -6.53
C PRO A 115 -19.17 12.74 -5.01
N ALA A 116 -19.77 11.66 -4.50
CA ALA A 116 -20.18 11.35 -3.11
C ALA A 116 -21.49 10.54 -3.13
N ASN A 117 -22.32 10.72 -4.16
CA ASN A 117 -23.69 10.23 -4.25
C ASN A 117 -24.41 10.38 -2.91
N SER A 118 -24.93 9.30 -2.32
CA SER A 118 -25.48 9.18 -0.98
C SER A 118 -26.25 10.40 -0.46
N GLY A 119 -27.23 10.87 -1.25
CA GLY A 119 -28.31 11.72 -0.78
C GLY A 119 -28.94 12.53 -1.92
N PRO A 120 -30.20 12.96 -1.80
CA PRO A 120 -30.78 13.96 -2.70
C PRO A 120 -30.30 15.37 -2.31
N SER A 121 -30.47 16.33 -3.21
CA SER A 121 -30.06 17.73 -3.03
C SER A 121 -28.56 17.90 -2.71
N SER A 122 -28.12 19.13 -2.45
CA SER A 122 -26.74 19.52 -2.28
C SER A 122 -26.43 19.86 -0.82
N GLY A 123 -27.24 20.75 -0.25
CA GLY A 123 -27.36 21.03 1.16
C GLY A 123 -28.84 21.05 1.43
N GLY A 1 -20.57 -20.76 -9.15
CA GLY A 1 -19.29 -21.14 -8.56
C GLY A 1 -18.98 -20.26 -7.37
N SER A 2 -18.02 -20.68 -6.56
CA SER A 2 -17.36 -19.83 -5.59
C SER A 2 -16.59 -18.73 -6.33
N SER A 3 -16.15 -17.70 -5.62
CA SER A 3 -15.41 -16.59 -6.20
C SER A 3 -14.50 -15.99 -5.12
N GLY A 4 -15.06 -15.60 -3.98
CA GLY A 4 -14.37 -14.99 -2.85
C GLY A 4 -15.31 -14.91 -1.66
N SER A 5 -14.96 -14.08 -0.69
CA SER A 5 -15.63 -13.77 0.58
C SER A 5 -15.78 -15.00 1.48
N SER A 6 -14.76 -15.24 2.31
CA SER A 6 -14.68 -16.36 3.25
C SER A 6 -14.30 -15.91 4.67
N GLY A 7 -13.96 -14.64 4.87
CA GLY A 7 -13.43 -14.10 6.12
C GLY A 7 -13.17 -12.62 5.95
N LEU A 8 -12.76 -11.99 7.03
CA LEU A 8 -12.72 -10.55 7.13
C LEU A 8 -11.30 -10.09 6.80
N PHE A 9 -10.40 -10.14 7.78
CA PHE A 9 -8.99 -9.83 7.64
C PHE A 9 -8.22 -11.06 7.10
N THR A 10 -6.91 -10.95 6.89
CA THR A 10 -6.02 -12.01 6.46
C THR A 10 -5.22 -12.55 7.65
N ARG A 11 -3.92 -12.22 7.72
CA ARG A 11 -2.84 -12.54 8.66
C ARG A 11 -1.54 -12.84 7.91
N ASP A 12 -1.56 -13.68 6.88
CA ASP A 12 -0.35 -14.27 6.29
C ASP A 12 -0.20 -13.98 4.78
N ALA A 13 -0.94 -12.99 4.26
CA ALA A 13 -1.05 -12.56 2.88
C ALA A 13 -1.55 -13.64 1.89
N SER A 14 -1.63 -14.91 2.28
CA SER A 14 -1.93 -15.98 1.35
C SER A 14 -3.40 -16.05 0.94
N GLN A 15 -4.30 -15.39 1.68
CA GLN A 15 -5.72 -15.26 1.32
C GLN A 15 -5.94 -14.37 0.08
N LEU A 16 -4.96 -13.55 -0.32
CA LEU A 16 -5.18 -12.55 -1.37
C LEU A 16 -5.34 -13.22 -2.74
N LYS A 17 -5.90 -12.49 -3.72
CA LYS A 17 -5.92 -12.82 -5.14
C LYS A 17 -5.35 -11.61 -5.87
N GLY A 18 -4.46 -11.83 -6.84
CA GLY A 18 -3.59 -10.80 -7.38
C GLY A 18 -2.23 -11.36 -7.76
N THR A 19 -1.19 -10.51 -7.85
CA THR A 19 0.21 -10.92 -7.96
C THR A 19 1.01 -10.19 -6.90
N PHE A 20 2.00 -10.85 -6.31
CA PHE A 20 2.97 -10.22 -5.41
C PHE A 20 4.13 -9.69 -6.22
N LEU A 21 4.55 -8.47 -5.92
CA LEU A 21 5.72 -7.80 -6.47
C LEU A 21 6.74 -7.63 -5.35
N SER A 22 7.94 -7.19 -5.69
CA SER A 22 8.88 -6.62 -4.74
C SER A 22 9.73 -5.56 -5.44
N THR A 23 10.23 -4.60 -4.67
CA THR A 23 11.02 -3.47 -5.15
C THR A 23 11.91 -3.01 -3.99
N THR A 24 13.02 -2.32 -4.27
CA THR A 24 13.78 -1.63 -3.23
C THR A 24 14.03 -0.22 -3.74
N LEU A 25 13.51 0.79 -3.05
CA LEU A 25 13.83 2.17 -3.37
C LEU A 25 14.93 2.58 -2.42
N LYS A 26 15.85 3.41 -2.92
CA LYS A 26 16.74 4.17 -2.07
C LYS A 26 15.99 5.41 -1.60
N LYS A 27 16.25 5.84 -0.38
CA LYS A 27 15.73 7.08 0.18
C LYS A 27 16.49 8.21 -0.51
N SER A 28 15.92 8.73 -1.59
CA SER A 28 16.45 9.84 -2.36
C SER A 28 16.12 11.18 -1.68
N ASN A 29 16.30 12.28 -2.43
CA ASN A 29 16.32 13.65 -1.93
C ASN A 29 15.10 14.00 -1.08
N MET A 30 13.89 13.65 -1.55
CA MET A 30 12.65 13.74 -0.79
C MET A 30 12.09 12.33 -0.61
N GLY A 31 12.86 11.49 0.09
CA GLY A 31 12.39 10.24 0.64
C GLY A 31 12.07 9.22 -0.45
N PHE A 32 10.81 8.80 -0.54
CA PHE A 32 10.33 7.87 -1.53
C PHE A 32 9.23 8.59 -2.31
N GLY A 33 9.22 8.43 -3.63
CA GLY A 33 8.28 9.12 -4.51
C GLY A 33 6.90 8.48 -4.51
N PHE A 34 6.37 8.04 -3.37
CA PHE A 34 5.01 7.52 -3.25
C PHE A 34 4.44 7.91 -1.88
N THR A 35 3.12 7.84 -1.73
CA THR A 35 2.44 7.99 -0.45
C THR A 35 1.57 6.76 -0.22
N ILE A 36 1.22 6.47 1.04
CA ILE A 36 0.46 5.31 1.43
C ILE A 36 -0.86 5.79 2.02
N ILE A 37 -1.85 4.91 2.11
CA ILE A 37 -3.09 5.10 2.86
C ILE A 37 -3.32 3.81 3.63
N GLY A 38 -3.80 3.97 4.86
CA GLY A 38 -4.27 2.94 5.75
C GLY A 38 -5.50 3.49 6.45
N GLY A 39 -6.41 2.62 6.86
CA GLY A 39 -7.73 2.98 7.39
C GLY A 39 -7.70 3.62 8.76
N ASP A 40 -6.52 3.89 9.32
CA ASP A 40 -6.28 4.40 10.68
C ASP A 40 -6.50 3.32 11.74
N GLU A 41 -7.51 2.47 11.55
CA GLU A 41 -7.74 1.30 12.38
C GLU A 41 -6.59 0.29 12.17
N PRO A 42 -6.04 -0.30 13.24
CA PRO A 42 -4.89 -1.21 13.23
C PRO A 42 -5.26 -2.62 12.70
N ASP A 43 -6.07 -2.68 11.65
CA ASP A 43 -6.55 -3.90 11.00
C ASP A 43 -7.06 -3.66 9.58
N GLU A 44 -7.07 -2.42 9.08
CA GLU A 44 -7.25 -2.16 7.67
C GLU A 44 -5.94 -2.50 6.95
N PHE A 45 -6.03 -2.94 5.70
CA PHE A 45 -4.91 -3.16 4.79
C PHE A 45 -4.44 -1.81 4.26
N LEU A 46 -3.12 -1.67 4.08
CA LEU A 46 -2.49 -0.49 3.51
C LEU A 46 -2.40 -0.63 2.00
N GLN A 47 -2.61 0.47 1.25
CA GLN A 47 -2.36 0.55 -0.20
C GLN A 47 -1.54 1.80 -0.53
N VAL A 48 -0.80 1.79 -1.64
CA VAL A 48 -0.13 2.98 -2.17
C VAL A 48 -1.21 3.98 -2.57
N LYS A 49 -1.36 5.07 -1.79
CA LYS A 49 -2.30 6.16 -2.05
C LYS A 49 -2.02 6.75 -3.42
N SER A 50 -0.78 7.14 -3.68
CA SER A 50 -0.36 7.62 -4.99
C SER A 50 1.13 7.40 -5.18
N VAL A 51 1.55 7.43 -6.44
CA VAL A 51 2.94 7.48 -6.85
C VAL A 51 3.15 8.90 -7.39
N ILE A 52 4.15 9.60 -6.87
CA ILE A 52 4.53 10.94 -7.31
C ILE A 52 5.13 10.76 -8.71
N PRO A 53 4.72 11.57 -9.69
CA PRO A 53 5.27 11.51 -11.04
C PRO A 53 6.75 11.88 -11.02
N ASP A 54 7.46 11.43 -12.06
CA ASP A 54 8.87 11.63 -12.28
C ASP A 54 9.78 11.05 -11.16
N GLY A 55 9.23 10.53 -10.06
CA GLY A 55 9.93 10.23 -8.81
C GLY A 55 10.55 8.84 -8.79
N PRO A 56 11.36 8.48 -7.76
CA PRO A 56 12.11 7.24 -7.74
C PRO A 56 11.20 6.00 -7.66
N ALA A 57 10.02 6.16 -7.06
CA ALA A 57 9.06 5.08 -6.95
C ALA A 57 8.47 4.76 -8.32
N ALA A 58 8.11 5.80 -9.06
CA ALA A 58 7.71 5.70 -10.46
C ALA A 58 8.84 5.03 -11.23
N GLN A 59 10.08 5.52 -11.09
CA GLN A 59 11.24 5.02 -11.82
C GLN A 59 11.48 3.52 -11.61
N ASP A 60 11.37 3.00 -10.38
CA ASP A 60 11.66 1.58 -10.11
C ASP A 60 10.62 0.67 -10.78
N GLY A 61 9.46 1.24 -11.13
CA GLY A 61 8.45 0.69 -12.04
C GLY A 61 7.47 -0.23 -11.34
N LYS A 62 7.84 -0.77 -10.17
CA LYS A 62 6.93 -1.61 -9.40
C LYS A 62 5.96 -0.77 -8.59
N MET A 63 6.33 0.45 -8.18
CA MET A 63 5.41 1.24 -7.40
C MET A 63 4.33 1.76 -8.34
N GLU A 64 3.12 1.27 -8.15
CA GLU A 64 1.95 1.71 -8.88
C GLU A 64 0.84 1.92 -7.87
N THR A 65 -0.18 2.66 -8.27
CA THR A 65 -1.20 3.15 -7.36
C THR A 65 -2.24 2.07 -7.14
N GLY A 66 -2.66 1.85 -5.90
CA GLY A 66 -3.61 0.80 -5.54
C GLY A 66 -2.93 -0.53 -5.23
N ASP A 67 -1.61 -0.66 -5.39
CA ASP A 67 -0.90 -1.83 -4.91
C ASP A 67 -0.96 -1.83 -3.36
N VAL A 68 -0.91 -3.01 -2.74
CA VAL A 68 -1.18 -3.26 -1.31
C VAL A 68 0.15 -3.51 -0.58
N ILE A 69 0.53 -2.68 0.40
CA ILE A 69 1.73 -2.83 1.22
C ILE A 69 1.56 -4.08 2.09
N VAL A 70 2.27 -5.17 1.77
CA VAL A 70 2.24 -6.38 2.58
C VAL A 70 3.33 -6.31 3.66
N TYR A 71 4.59 -6.19 3.24
CA TYR A 71 5.76 -6.34 4.10
C TYR A 71 6.69 -5.15 3.86
N ILE A 72 7.40 -4.70 4.89
CA ILE A 72 8.42 -3.65 4.78
C ILE A 72 9.71 -4.25 5.32
N ASN A 73 10.70 -4.29 4.44
CA ASN A 73 12.08 -4.71 4.68
C ASN A 73 12.16 -6.20 4.93
N GLU A 74 11.65 -6.65 6.07
CA GLU A 74 11.61 -8.04 6.53
C GLU A 74 10.55 -8.22 7.63
N VAL A 75 9.52 -7.37 7.65
CA VAL A 75 8.48 -7.33 8.69
C VAL A 75 7.12 -7.31 7.99
N CYS A 76 6.20 -8.17 8.40
CA CYS A 76 4.79 -8.10 8.02
C CYS A 76 4.16 -6.84 8.60
N VAL A 77 3.55 -6.03 7.74
CA VAL A 77 2.82 -4.83 8.14
C VAL A 77 1.39 -4.80 7.59
N LEU A 78 0.87 -5.93 7.08
CA LEU A 78 -0.36 -6.02 6.29
C LEU A 78 -1.67 -5.71 7.03
N GLY A 79 -1.63 -5.64 8.36
CA GLY A 79 -2.69 -5.08 9.19
C GLY A 79 -2.12 -4.07 10.18
N HIS A 80 -0.97 -3.45 9.84
CA HIS A 80 -0.29 -2.51 10.69
C HIS A 80 -0.81 -1.11 10.42
N THR A 81 -0.78 -0.29 11.46
CA THR A 81 -1.40 1.01 11.45
C THR A 81 -0.49 1.96 10.69
N HIS A 82 -1.10 2.85 9.92
CA HIS A 82 -0.46 3.89 9.14
C HIS A 82 0.37 4.82 10.03
N ALA A 83 0.09 4.91 11.33
CA ALA A 83 0.96 5.61 12.26
C ALA A 83 2.33 4.93 12.33
N ASP A 84 2.35 3.61 12.54
CA ASP A 84 3.58 2.85 12.73
C ASP A 84 4.33 2.74 11.39
N VAL A 85 3.63 2.40 10.31
CA VAL A 85 4.21 2.29 8.98
C VAL A 85 4.80 3.62 8.52
N VAL A 86 4.14 4.75 8.77
CA VAL A 86 4.76 6.03 8.45
C VAL A 86 5.98 6.27 9.36
N LYS A 87 5.96 5.82 10.63
CA LYS A 87 7.15 5.86 11.50
C LYS A 87 8.28 5.06 10.85
N LEU A 88 7.97 3.92 10.26
CA LEU A 88 8.93 2.98 9.71
C LEU A 88 9.57 3.58 8.46
N PHE A 89 8.80 4.32 7.66
CA PHE A 89 9.31 5.05 6.50
C PHE A 89 10.12 6.29 6.92
N GLN A 90 9.66 7.05 7.93
CA GLN A 90 10.40 8.17 8.51
C GLN A 90 11.77 7.70 9.01
N SER A 91 11.83 6.53 9.65
CA SER A 91 13.03 5.97 10.24
C SER A 91 14.12 5.62 9.23
N VAL A 92 13.92 5.78 7.92
CA VAL A 92 14.94 5.50 6.90
C VAL A 92 15.68 6.82 6.60
N PRO A 93 16.97 6.98 6.97
CA PRO A 93 17.75 8.14 6.57
C PRO A 93 18.13 8.08 5.07
N ILE A 94 18.66 9.18 4.52
CA ILE A 94 18.91 9.27 3.08
C ILE A 94 20.07 8.35 2.70
N GLY A 95 20.02 7.82 1.47
CA GLY A 95 21.02 6.93 0.91
C GLY A 95 20.85 5.48 1.36
N GLN A 96 19.99 5.18 2.34
CA GLN A 96 19.66 3.80 2.68
C GLN A 96 18.54 3.34 1.74
N SER A 97 18.41 2.04 1.54
CA SER A 97 17.38 1.44 0.73
C SER A 97 16.64 0.39 1.55
N VAL A 98 15.36 0.21 1.28
CA VAL A 98 14.49 -0.69 2.03
C VAL A 98 13.64 -1.51 1.07
N ASN A 99 13.38 -2.76 1.43
CA ASN A 99 12.61 -3.65 0.58
C ASN A 99 11.15 -3.36 0.85
N LEU A 100 10.32 -3.67 -0.13
CA LEU A 100 8.88 -3.63 -0.05
C LEU A 100 8.37 -4.85 -0.81
N VAL A 101 7.20 -5.35 -0.43
CA VAL A 101 6.47 -6.40 -1.11
C VAL A 101 5.08 -5.83 -1.23
N LEU A 102 4.65 -5.52 -2.46
CA LEU A 102 3.26 -5.15 -2.66
C LEU A 102 2.49 -6.32 -3.25
N CYS A 103 1.16 -6.23 -3.26
CA CYS A 103 0.27 -7.12 -4.00
C CYS A 103 -0.60 -6.28 -4.95
N ARG A 104 -0.85 -6.81 -6.15
CA ARG A 104 -1.48 -6.12 -7.27
C ARG A 104 -2.80 -6.78 -7.62
N GLY A 105 -3.82 -6.00 -7.94
CA GLY A 105 -5.07 -6.46 -8.53
C GLY A 105 -6.27 -6.01 -7.72
N TYR A 106 -6.08 -5.55 -6.48
CA TYR A 106 -7.09 -4.85 -5.73
C TYR A 106 -7.29 -3.48 -6.39
N PRO A 107 -8.52 -2.95 -6.47
CA PRO A 107 -8.76 -1.56 -6.84
C PRO A 107 -8.31 -0.63 -5.71
N LEU A 108 -8.35 0.68 -5.96
CA LEU A 108 -8.01 1.69 -4.95
C LEU A 108 -9.01 1.66 -3.78
N PRO A 109 -8.66 2.27 -2.63
CA PRO A 109 -9.63 2.65 -1.62
C PRO A 109 -10.74 3.45 -2.30
N PHE A 110 -11.96 2.98 -2.15
CA PHE A 110 -13.15 3.79 -2.32
C PHE A 110 -13.15 4.82 -1.17
N ASP A 111 -12.75 6.06 -1.44
CA ASP A 111 -12.81 7.15 -0.47
C ASP A 111 -14.26 7.65 -0.45
N PRO A 112 -15.05 7.45 0.62
CA PRO A 112 -16.45 7.83 0.64
C PRO A 112 -16.65 9.31 0.98
N GLU A 113 -15.67 9.93 1.63
CA GLU A 113 -15.70 11.31 2.08
C GLU A 113 -15.61 12.25 0.88
N ASP A 114 -14.47 12.24 0.20
CA ASP A 114 -14.17 13.16 -0.89
C ASP A 114 -13.03 12.57 -1.71
N PRO A 115 -13.30 12.00 -2.89
CA PRO A 115 -12.25 11.43 -3.72
C PRO A 115 -11.36 12.55 -4.29
N ALA A 116 -12.00 13.52 -4.96
CA ALA A 116 -11.44 14.68 -5.63
C ALA A 116 -12.62 15.48 -6.17
N ASN A 117 -13.35 16.17 -5.30
CA ASN A 117 -14.56 16.91 -5.68
C ASN A 117 -14.32 17.88 -6.84
N SER A 118 -15.40 18.17 -7.59
CA SER A 118 -15.38 19.21 -8.61
C SER A 118 -15.48 20.56 -7.91
N GLY A 119 -14.90 21.59 -8.53
CA GLY A 119 -14.97 22.98 -8.13
C GLY A 119 -16.20 23.67 -8.71
N PRO A 120 -16.22 25.02 -8.73
CA PRO A 120 -17.25 25.80 -9.40
C PRO A 120 -17.10 25.65 -10.93
N SER A 121 -17.62 24.56 -11.45
CA SER A 121 -17.96 24.39 -12.85
C SER A 121 -19.31 25.09 -13.11
N SER A 122 -19.99 24.72 -14.19
CA SER A 122 -21.43 24.93 -14.33
C SER A 122 -22.12 24.46 -13.04
N GLY A 123 -23.07 25.26 -12.56
CA GLY A 123 -23.90 24.88 -11.42
C GLY A 123 -24.65 23.60 -11.75
N GLY A 1 -14.77 -25.79 -2.91
CA GLY A 1 -15.49 -26.90 -2.26
C GLY A 1 -15.48 -26.66 -0.78
N SER A 2 -15.09 -27.66 0.02
CA SER A 2 -14.66 -27.38 1.38
C SER A 2 -13.40 -26.52 1.26
N SER A 3 -13.50 -25.23 1.57
CA SER A 3 -12.41 -24.26 1.42
C SER A 3 -12.21 -23.42 2.68
N GLY A 4 -12.86 -23.76 3.80
CA GLY A 4 -12.63 -23.14 5.10
C GLY A 4 -13.56 -21.96 5.35
N SER A 5 -13.49 -21.40 6.56
CA SER A 5 -14.27 -20.24 6.97
C SER A 5 -13.36 -19.27 7.71
N SER A 6 -13.66 -17.97 7.66
CA SER A 6 -12.97 -16.93 8.39
C SER A 6 -13.98 -15.85 8.83
N GLY A 7 -13.49 -14.75 9.38
CA GLY A 7 -14.29 -13.60 9.79
C GLY A 7 -14.46 -12.66 8.62
N LEU A 8 -13.52 -11.72 8.44
CA LEU A 8 -13.42 -10.87 7.27
C LEU A 8 -11.94 -10.67 6.93
N PHE A 9 -11.18 -9.90 7.74
CA PHE A 9 -9.76 -9.64 7.54
C PHE A 9 -8.97 -10.94 7.34
N THR A 10 -7.89 -10.84 6.57
CA THR A 10 -6.94 -11.89 6.21
C THR A 10 -6.15 -12.45 7.41
N ARG A 11 -4.83 -12.22 7.48
CA ARG A 11 -3.79 -12.55 8.48
C ARG A 11 -2.49 -12.98 7.81
N ASP A 12 -2.56 -13.47 6.58
CA ASP A 12 -1.40 -13.88 5.77
C ASP A 12 -1.51 -13.15 4.44
N ALA A 13 -0.55 -13.35 3.54
CA ALA A 13 -0.46 -12.76 2.24
C ALA A 13 -0.76 -13.80 1.14
N SER A 14 -0.40 -15.07 1.32
CA SER A 14 -0.65 -16.12 0.33
C SER A 14 -2.15 -16.34 0.12
N GLN A 15 -2.99 -16.08 1.13
CA GLN A 15 -4.44 -16.19 0.96
C GLN A 15 -4.98 -15.20 -0.10
N LEU A 16 -4.28 -14.09 -0.35
CA LEU A 16 -4.79 -13.02 -1.22
C LEU A 16 -4.92 -13.50 -2.66
N LYS A 17 -5.96 -13.03 -3.35
CA LYS A 17 -6.04 -13.08 -4.79
C LYS A 17 -5.25 -11.87 -5.25
N GLY A 18 -4.30 -12.10 -6.15
CA GLY A 18 -3.47 -11.04 -6.69
C GLY A 18 -2.18 -11.58 -7.31
N THR A 19 -1.30 -10.66 -7.71
CA THR A 19 0.08 -10.93 -8.07
C THR A 19 0.94 -10.23 -7.03
N PHE A 20 2.04 -10.86 -6.61
CA PHE A 20 2.96 -10.31 -5.64
C PHE A 20 4.21 -9.76 -6.32
N LEU A 21 4.53 -8.51 -6.01
CA LEU A 21 5.69 -7.78 -6.47
C LEU A 21 6.56 -7.47 -5.27
N SER A 22 7.82 -7.14 -5.52
CA SER A 22 8.64 -6.48 -4.54
C SER A 22 9.69 -5.60 -5.21
N THR A 23 10.03 -4.47 -4.59
CA THR A 23 11.08 -3.59 -5.03
C THR A 23 11.78 -3.02 -3.81
N THR A 24 13.02 -2.57 -3.99
CA THR A 24 13.81 -1.92 -2.97
C THR A 24 14.07 -0.52 -3.48
N LEU A 25 13.57 0.49 -2.76
CA LEU A 25 13.76 1.90 -3.12
C LEU A 25 14.80 2.54 -2.23
N LYS A 26 15.59 3.47 -2.76
CA LYS A 26 16.59 4.23 -2.02
C LYS A 26 16.03 5.62 -1.72
N LYS A 27 16.05 6.03 -0.45
CA LYS A 27 15.54 7.30 0.04
C LYS A 27 16.20 8.46 -0.72
N SER A 28 15.44 9.15 -1.56
CA SER A 28 15.91 10.29 -2.35
C SER A 28 15.97 11.56 -1.51
N ASN A 29 16.26 12.70 -2.15
CA ASN A 29 16.10 14.04 -1.59
C ASN A 29 14.65 14.34 -1.18
N MET A 30 13.65 13.56 -1.63
CA MET A 30 12.26 13.71 -1.21
C MET A 30 11.67 12.34 -0.83
N GLY A 31 12.41 11.61 0.00
CA GLY A 31 11.90 10.42 0.67
C GLY A 31 11.72 9.26 -0.28
N PHE A 32 10.48 8.88 -0.58
CA PHE A 32 10.19 7.90 -1.63
C PHE A 32 9.29 8.58 -2.65
N GLY A 33 9.35 8.12 -3.90
CA GLY A 33 8.47 8.63 -4.94
C GLY A 33 7.10 7.99 -4.90
N PHE A 34 6.55 7.66 -3.72
CA PHE A 34 5.18 7.23 -3.55
C PHE A 34 4.71 7.62 -2.15
N THR A 35 3.40 7.53 -1.90
CA THR A 35 2.79 7.82 -0.63
C THR A 35 1.79 6.71 -0.31
N ILE A 36 1.40 6.56 0.96
CA ILE A 36 0.66 5.41 1.46
C ILE A 36 -0.63 5.89 2.14
N ILE A 37 -1.60 4.98 2.33
CA ILE A 37 -2.76 5.12 3.18
C ILE A 37 -2.79 3.93 4.12
N GLY A 38 -3.50 4.09 5.24
CA GLY A 38 -4.06 3.02 6.02
C GLY A 38 -5.44 3.44 6.50
N GLY A 39 -6.33 2.50 6.73
CA GLY A 39 -7.71 2.74 7.10
C GLY A 39 -7.80 3.59 8.35
N ASP A 40 -7.44 3.03 9.51
CA ASP A 40 -7.48 3.77 10.77
C ASP A 40 -6.65 3.12 11.87
N GLU A 41 -6.66 1.78 11.96
CA GLU A 41 -6.05 1.02 13.05
C GLU A 41 -5.28 -0.19 12.50
N PRO A 42 -4.58 -1.00 13.33
CA PRO A 42 -3.91 -2.21 12.90
C PRO A 42 -4.90 -3.34 12.55
N ASP A 43 -5.85 -3.05 11.65
CA ASP A 43 -6.93 -3.93 11.22
C ASP A 43 -7.32 -3.69 9.75
N GLU A 44 -6.85 -2.64 9.09
CA GLU A 44 -7.17 -2.36 7.69
C GLU A 44 -5.92 -2.59 6.85
N PHE A 45 -6.09 -2.83 5.54
CA PHE A 45 -5.00 -3.04 4.60
C PHE A 45 -4.49 -1.69 4.13
N LEU A 46 -3.18 -1.50 4.26
CA LEU A 46 -2.47 -0.31 3.83
C LEU A 46 -2.23 -0.44 2.33
N GLN A 47 -2.38 0.65 1.59
CA GLN A 47 -2.24 0.66 0.13
C GLN A 47 -1.39 1.83 -0.33
N VAL A 48 -0.78 1.72 -1.52
CA VAL A 48 -0.14 2.87 -2.14
C VAL A 48 -1.22 3.88 -2.50
N LYS A 49 -1.21 5.04 -1.86
CA LYS A 49 -2.13 6.16 -2.08
C LYS A 49 -1.81 6.83 -3.40
N SER A 50 -0.55 7.19 -3.61
CA SER A 50 -0.11 7.88 -4.80
C SER A 50 1.28 7.39 -5.19
N VAL A 51 1.67 7.64 -6.44
CA VAL A 51 3.05 7.59 -6.88
C VAL A 51 3.39 9.04 -7.27
N ILE A 52 4.59 9.52 -6.94
CA ILE A 52 5.06 10.82 -7.35
C ILE A 52 5.44 10.71 -8.82
N PRO A 53 4.93 11.62 -9.66
CA PRO A 53 5.29 11.63 -11.07
C PRO A 53 6.73 12.11 -11.21
N ASP A 54 7.50 11.38 -12.03
CA ASP A 54 8.93 11.60 -12.26
C ASP A 54 9.76 11.32 -11.00
N GLY A 55 9.15 10.70 -9.99
CA GLY A 55 9.78 10.33 -8.73
C GLY A 55 10.45 8.96 -8.83
N PRO A 56 11.28 8.59 -7.84
CA PRO A 56 12.13 7.41 -7.95
C PRO A 56 11.32 6.11 -8.05
N ALA A 57 10.17 6.04 -7.39
CA ALA A 57 9.30 4.88 -7.47
C ALA A 57 8.74 4.72 -8.89
N ALA A 58 8.36 5.84 -9.53
CA ALA A 58 7.90 5.85 -10.91
C ALA A 58 9.04 5.42 -11.85
N GLN A 59 10.28 5.86 -11.61
CA GLN A 59 11.42 5.47 -12.44
C GLN A 59 11.77 3.98 -12.30
N ASP A 60 11.66 3.41 -11.09
CA ASP A 60 11.79 1.97 -10.85
C ASP A 60 10.59 1.21 -11.43
N GLY A 61 9.44 1.88 -11.57
CA GLY A 61 8.29 1.49 -12.34
C GLY A 61 7.36 0.53 -11.59
N LYS A 62 7.82 -0.10 -10.51
CA LYS A 62 7.04 -1.17 -9.88
C LYS A 62 5.93 -0.67 -8.96
N MET A 63 6.15 0.40 -8.21
CA MET A 63 5.15 0.95 -7.28
C MET A 63 4.03 1.56 -8.12
N GLU A 64 2.81 1.06 -8.00
CA GLU A 64 1.66 1.51 -8.79
C GLU A 64 0.45 1.68 -7.85
N THR A 65 -0.59 2.34 -8.35
CA THR A 65 -1.48 3.12 -7.50
C THR A 65 -2.77 2.33 -7.23
N GLY A 66 -2.79 1.71 -6.05
CA GLY A 66 -3.86 0.82 -5.59
C GLY A 66 -3.31 -0.50 -5.06
N ASP A 67 -2.01 -0.75 -5.20
CA ASP A 67 -1.40 -1.97 -4.67
C ASP A 67 -1.40 -1.95 -3.13
N VAL A 68 -1.20 -3.12 -2.51
CA VAL A 68 -1.38 -3.39 -1.07
C VAL A 68 -0.01 -3.65 -0.42
N ILE A 69 0.39 -2.85 0.57
CA ILE A 69 1.62 -2.98 1.35
C ILE A 69 1.51 -4.22 2.24
N VAL A 70 2.28 -5.26 1.93
CA VAL A 70 2.28 -6.50 2.69
C VAL A 70 3.39 -6.47 3.75
N TYR A 71 4.62 -6.16 3.32
CA TYR A 71 5.83 -6.17 4.13
C TYR A 71 6.62 -4.90 3.83
N ILE A 72 7.43 -4.46 4.80
CA ILE A 72 8.40 -3.38 4.67
C ILE A 72 9.66 -3.92 5.31
N ASN A 73 10.80 -3.71 4.65
CA ASN A 73 12.11 -4.29 4.95
C ASN A 73 11.98 -5.81 5.09
N GLU A 74 11.77 -6.27 6.32
CA GLU A 74 11.87 -7.64 6.79
C GLU A 74 10.76 -7.88 7.85
N VAL A 75 9.71 -7.05 7.83
CA VAL A 75 8.65 -6.94 8.83
C VAL A 75 7.31 -7.03 8.10
N CYS A 76 6.42 -7.91 8.53
CA CYS A 76 5.05 -7.95 8.06
C CYS A 76 4.27 -6.80 8.70
N VAL A 77 3.58 -6.03 7.87
CA VAL A 77 2.84 -4.84 8.26
C VAL A 77 1.41 -4.87 7.70
N LEU A 78 0.95 -6.01 7.16
CA LEU A 78 -0.30 -6.09 6.39
C LEU A 78 -1.56 -5.71 7.19
N GLY A 79 -1.49 -5.78 8.52
CA GLY A 79 -2.48 -5.23 9.44
C GLY A 79 -1.78 -4.40 10.50
N HIS A 80 -0.68 -3.70 10.18
CA HIS A 80 -0.14 -2.65 11.05
C HIS A 80 -0.99 -1.38 10.90
N THR A 81 -0.91 -0.46 11.87
CA THR A 81 -1.54 0.84 11.75
C THR A 81 -0.67 1.71 10.84
N HIS A 82 -1.32 2.66 10.15
CA HIS A 82 -0.67 3.68 9.36
C HIS A 82 0.33 4.45 10.19
N ALA A 83 0.05 4.69 11.48
CA ALA A 83 0.98 5.35 12.38
C ALA A 83 2.35 4.67 12.37
N ASP A 84 2.36 3.35 12.62
CA ASP A 84 3.58 2.57 12.75
C ASP A 84 4.32 2.48 11.41
N VAL A 85 3.61 2.15 10.34
CA VAL A 85 4.15 2.03 8.98
C VAL A 85 4.71 3.36 8.49
N VAL A 86 4.03 4.47 8.74
CA VAL A 86 4.57 5.77 8.39
C VAL A 86 5.84 6.03 9.22
N LYS A 87 5.88 5.66 10.50
CA LYS A 87 7.11 5.83 11.30
C LYS A 87 8.24 4.98 10.71
N LEU A 88 7.92 3.77 10.25
CA LEU A 88 8.86 2.84 9.65
C LEU A 88 9.44 3.39 8.35
N PHE A 89 8.68 4.19 7.59
CA PHE A 89 9.18 4.90 6.43
C PHE A 89 10.00 6.13 6.82
N GLN A 90 9.50 6.95 7.75
CA GLN A 90 10.15 8.21 8.14
C GLN A 90 11.51 7.94 8.80
N SER A 91 11.65 6.81 9.49
CA SER A 91 12.89 6.38 10.12
C SER A 91 14.02 6.14 9.12
N VAL A 92 13.76 6.05 7.82
CA VAL A 92 14.77 5.70 6.82
C VAL A 92 15.50 7.00 6.44
N PRO A 93 16.80 7.17 6.78
CA PRO A 93 17.53 8.38 6.42
C PRO A 93 17.90 8.36 4.92
N ILE A 94 18.37 9.50 4.42
CA ILE A 94 18.62 9.71 3.00
C ILE A 94 19.75 8.76 2.56
N GLY A 95 19.63 8.16 1.37
CA GLY A 95 20.66 7.32 0.79
C GLY A 95 20.61 5.87 1.27
N GLN A 96 19.81 5.54 2.28
CA GLN A 96 19.55 4.15 2.65
C GLN A 96 18.42 3.62 1.77
N SER A 97 18.14 2.32 1.85
CA SER A 97 17.13 1.66 1.07
C SER A 97 16.27 0.74 1.95
N VAL A 98 15.04 0.45 1.53
CA VAL A 98 14.17 -0.52 2.18
C VAL A 98 13.44 -1.33 1.10
N ASN A 99 13.25 -2.62 1.37
CA ASN A 99 12.56 -3.59 0.52
C ASN A 99 11.08 -3.46 0.81
N LEU A 100 10.22 -3.61 -0.19
CA LEU A 100 8.80 -3.29 -0.08
C LEU A 100 8.04 -4.30 -0.92
N VAL A 101 7.29 -5.22 -0.31
CA VAL A 101 6.43 -6.16 -1.04
C VAL A 101 5.07 -5.50 -1.23
N LEU A 102 4.55 -5.54 -2.45
CA LEU A 102 3.18 -5.14 -2.76
C LEU A 102 2.41 -6.33 -3.34
N CYS A 103 1.08 -6.23 -3.34
CA CYS A 103 0.18 -7.16 -4.01
C CYS A 103 -0.77 -6.37 -4.92
N ARG A 104 -0.94 -6.84 -6.16
CA ARG A 104 -1.69 -6.20 -7.23
C ARG A 104 -3.06 -6.82 -7.43
N GLY A 105 -4.00 -6.06 -7.99
CA GLY A 105 -5.29 -6.55 -8.46
C GLY A 105 -6.41 -6.32 -7.44
N TYR A 106 -6.06 -5.89 -6.23
CA TYR A 106 -7.00 -5.31 -5.29
C TYR A 106 -7.49 -3.95 -5.81
N PRO A 107 -8.72 -3.52 -5.46
CA PRO A 107 -9.18 -2.17 -5.74
C PRO A 107 -8.56 -1.15 -4.79
N LEU A 108 -8.72 0.10 -5.17
CA LEU A 108 -8.44 1.28 -4.35
C LEU A 108 -9.40 1.34 -3.16
N PRO A 109 -9.04 2.04 -2.07
CA PRO A 109 -9.91 2.22 -0.91
C PRO A 109 -10.87 3.39 -1.13
N PHE A 110 -10.37 4.54 -1.62
CA PHE A 110 -11.18 5.70 -1.91
C PHE A 110 -12.03 5.41 -3.13
N ASP A 111 -13.34 5.28 -2.90
CA ASP A 111 -14.36 5.23 -3.94
C ASP A 111 -14.73 6.66 -4.29
N PRO A 112 -14.39 7.17 -5.50
CA PRO A 112 -14.87 8.47 -5.95
C PRO A 112 -16.29 8.38 -6.50
N GLU A 113 -16.75 7.20 -6.92
CA GLU A 113 -17.93 7.05 -7.78
C GLU A 113 -19.21 7.07 -6.95
N ASP A 114 -19.29 6.28 -5.87
CA ASP A 114 -20.43 6.29 -4.96
C ASP A 114 -19.93 6.45 -3.51
N PRO A 115 -19.42 7.64 -3.16
CA PRO A 115 -18.41 7.78 -2.10
C PRO A 115 -18.87 7.53 -0.66
N ALA A 116 -20.18 7.42 -0.39
CA ALA A 116 -20.90 7.30 0.90
C ALA A 116 -22.21 8.09 0.91
N ASN A 117 -22.44 8.95 -0.08
CA ASN A 117 -23.77 9.45 -0.40
C ASN A 117 -24.69 8.28 -0.76
N SER A 118 -25.99 8.53 -0.79
CA SER A 118 -26.99 7.63 -1.32
C SER A 118 -26.73 7.36 -2.81
N GLY A 119 -27.11 6.17 -3.27
CA GLY A 119 -26.93 5.74 -4.65
C GLY A 119 -28.05 6.24 -5.56
N PRO A 120 -28.00 5.93 -6.87
CA PRO A 120 -29.01 6.34 -7.83
C PRO A 120 -30.36 5.75 -7.42
N SER A 121 -31.33 6.63 -7.23
CA SER A 121 -32.64 6.31 -6.66
C SER A 121 -33.72 7.08 -7.41
N SER A 122 -34.99 6.78 -7.11
CA SER A 122 -36.15 7.53 -7.57
C SER A 122 -36.46 8.73 -6.66
N GLY A 123 -35.79 8.85 -5.52
CA GLY A 123 -35.99 9.83 -4.47
C GLY A 123 -35.20 9.39 -3.26
N GLY A 1 -9.73 -26.43 9.80
CA GLY A 1 -10.00 -27.41 8.74
C GLY A 1 -10.81 -26.75 7.64
N SER A 2 -11.92 -27.39 7.24
CA SER A 2 -13.04 -26.85 6.47
C SER A 2 -12.67 -25.71 5.52
N SER A 3 -12.21 -26.05 4.32
CA SER A 3 -11.92 -25.08 3.27
C SER A 3 -13.17 -24.28 2.96
N GLY A 4 -13.03 -22.97 2.73
CA GLY A 4 -14.10 -22.03 2.49
C GLY A 4 -13.73 -20.99 1.45
N SER A 5 -14.70 -20.17 1.10
CA SER A 5 -14.62 -19.15 0.06
C SER A 5 -14.60 -17.76 0.70
N SER A 6 -14.37 -16.75 -0.14
CA SER A 6 -14.29 -15.34 0.23
C SER A 6 -13.18 -15.11 1.26
N GLY A 7 -13.09 -13.90 1.83
CA GLY A 7 -12.11 -13.52 2.85
C GLY A 7 -12.27 -12.04 3.15
N LEU A 8 -12.12 -11.69 4.42
CA LEU A 8 -12.03 -10.31 4.87
C LEU A 8 -10.54 -10.09 5.14
N PHE A 9 -10.11 -10.27 6.39
CA PHE A 9 -8.73 -10.02 6.80
C PHE A 9 -7.80 -11.02 6.13
N THR A 10 -6.56 -10.62 5.97
CA THR A 10 -5.48 -11.42 5.43
C THR A 10 -4.86 -12.34 6.51
N ARG A 11 -3.62 -12.06 6.92
CA ARG A 11 -2.70 -12.67 7.89
C ARG A 11 -1.31 -12.73 7.28
N ASP A 12 -1.21 -13.55 6.24
CA ASP A 12 0.04 -14.15 5.77
C ASP A 12 0.34 -13.79 4.30
N ALA A 13 -0.59 -13.08 3.68
CA ALA A 13 -0.55 -12.52 2.33
C ALA A 13 -0.72 -13.55 1.21
N SER A 14 -0.35 -14.82 1.41
CA SER A 14 -0.85 -15.90 0.56
C SER A 14 -2.36 -16.10 0.73
N GLN A 15 -2.99 -15.42 1.69
CA GLN A 15 -4.43 -15.22 1.79
C GLN A 15 -4.98 -14.35 0.64
N LEU A 16 -4.16 -13.57 -0.07
CA LEU A 16 -4.56 -12.75 -1.22
C LEU A 16 -4.39 -13.58 -2.50
N LYS A 17 -5.09 -13.20 -3.57
CA LYS A 17 -5.20 -13.99 -4.78
C LYS A 17 -4.54 -13.36 -6.01
N GLY A 18 -4.02 -12.16 -5.85
CA GLY A 18 -3.34 -11.38 -6.85
C GLY A 18 -1.92 -11.87 -7.08
N THR A 19 -1.18 -11.11 -7.88
CA THR A 19 0.24 -11.24 -8.10
C THR A 19 0.99 -10.42 -7.04
N PHE A 20 2.25 -10.76 -6.75
CA PHE A 20 3.03 -10.20 -5.67
C PHE A 20 4.34 -9.67 -6.24
N LEU A 21 4.68 -8.43 -5.91
CA LEU A 21 5.80 -7.70 -6.49
C LEU A 21 6.88 -7.55 -5.42
N SER A 22 8.06 -7.03 -5.77
CA SER A 22 9.07 -6.64 -4.82
C SER A 22 9.91 -5.49 -5.40
N THR A 23 10.32 -4.53 -4.59
CA THR A 23 11.27 -3.51 -4.98
C THR A 23 12.07 -3.05 -3.75
N THR A 24 13.25 -2.48 -3.99
CA THR A 24 14.11 -1.87 -2.99
C THR A 24 14.31 -0.41 -3.41
N LEU A 25 13.68 0.55 -2.73
CA LEU A 25 13.80 1.96 -3.12
C LEU A 25 14.85 2.59 -2.22
N LYS A 26 15.93 3.09 -2.81
CA LYS A 26 17.07 3.65 -2.09
C LYS A 26 16.85 5.15 -1.95
N LYS A 27 16.72 5.62 -0.70
CA LYS A 27 16.34 6.96 -0.30
C LYS A 27 17.02 8.04 -1.14
N SER A 28 16.39 8.48 -2.22
CA SER A 28 16.78 9.67 -2.94
C SER A 28 16.20 10.83 -2.13
N ASN A 29 17.09 11.62 -1.52
CA ASN A 29 16.88 12.66 -0.51
C ASN A 29 15.53 12.62 0.22
N MET A 30 14.48 13.19 -0.39
CA MET A 30 13.15 13.34 0.20
C MET A 30 12.52 12.01 0.64
N GLY A 31 12.97 10.89 0.08
CA GLY A 31 12.59 9.56 0.47
C GLY A 31 12.06 8.80 -0.72
N PHE A 32 10.85 8.28 -0.59
CA PHE A 32 10.24 7.43 -1.59
C PHE A 32 9.22 8.29 -2.33
N GLY A 33 9.28 8.28 -3.67
CA GLY A 33 8.36 9.05 -4.51
C GLY A 33 7.00 8.35 -4.61
N PHE A 34 6.40 7.95 -3.49
CA PHE A 34 5.02 7.55 -3.36
C PHE A 34 4.52 7.96 -1.98
N THR A 35 3.21 7.83 -1.71
CA THR A 35 2.66 7.94 -0.37
C THR A 35 1.67 6.78 -0.15
N ILE A 36 1.33 6.53 1.11
CA ILE A 36 0.58 5.37 1.55
C ILE A 36 -0.71 5.85 2.24
N ILE A 37 -1.67 4.94 2.38
CA ILE A 37 -2.89 5.03 3.14
C ILE A 37 -3.01 3.74 3.96
N GLY A 38 -3.81 3.76 5.03
CA GLY A 38 -4.29 2.63 5.83
C GLY A 38 -5.75 2.92 6.17
N GLY A 39 -6.58 1.91 6.37
CA GLY A 39 -8.02 2.08 6.53
C GLY A 39 -8.38 3.08 7.59
N ASP A 40 -8.15 2.73 8.85
CA ASP A 40 -8.42 3.55 10.01
C ASP A 40 -7.86 2.83 11.22
N GLU A 41 -8.25 1.56 11.36
CA GLU A 41 -8.00 0.75 12.54
C GLU A 41 -6.77 -0.16 12.38
N PRO A 42 -6.24 -0.70 13.49
CA PRO A 42 -5.05 -1.56 13.52
C PRO A 42 -5.35 -2.98 13.01
N ASP A 43 -6.02 -3.11 11.88
CA ASP A 43 -6.25 -4.36 11.18
C ASP A 43 -6.36 -4.13 9.67
N GLU A 44 -6.40 -2.87 9.21
CA GLU A 44 -6.90 -2.56 7.88
C GLU A 44 -5.80 -2.51 6.84
N PHE A 45 -6.20 -2.81 5.60
CA PHE A 45 -5.31 -2.85 4.45
C PHE A 45 -4.63 -1.51 4.27
N LEU A 46 -3.32 -1.57 4.03
CA LEU A 46 -2.46 -0.45 3.72
C LEU A 46 -2.25 -0.47 2.20
N GLN A 47 -2.52 0.63 1.51
CA GLN A 47 -2.39 0.67 0.04
C GLN A 47 -1.58 1.90 -0.37
N VAL A 48 -0.95 1.86 -1.55
CA VAL A 48 -0.27 3.02 -2.09
C VAL A 48 -1.35 4.04 -2.46
N LYS A 49 -1.37 5.17 -1.73
CA LYS A 49 -2.34 6.24 -1.92
C LYS A 49 -2.10 6.89 -3.29
N SER A 50 -0.85 7.22 -3.60
CA SER A 50 -0.44 7.83 -4.86
C SER A 50 1.04 7.51 -5.09
N VAL A 51 1.49 7.58 -6.34
CA VAL A 51 2.90 7.60 -6.73
C VAL A 51 3.17 9.05 -7.22
N ILE A 52 4.36 9.57 -6.96
CA ILE A 52 4.79 10.85 -7.52
C ILE A 52 5.29 10.57 -8.94
N PRO A 53 4.83 11.30 -9.97
CA PRO A 53 5.38 11.19 -11.31
C PRO A 53 6.85 11.62 -11.31
N ASP A 54 7.61 11.19 -12.32
CA ASP A 54 9.04 11.44 -12.52
C ASP A 54 9.95 10.86 -11.43
N GLY A 55 9.41 10.44 -10.28
CA GLY A 55 10.17 10.15 -9.07
C GLY A 55 10.82 8.76 -9.11
N PRO A 56 11.58 8.39 -8.05
CA PRO A 56 12.31 7.13 -8.01
C PRO A 56 11.36 5.94 -8.12
N ALA A 57 10.18 6.04 -7.49
CA ALA A 57 9.18 5.00 -7.51
C ALA A 57 8.55 4.83 -8.90
N ALA A 58 8.36 5.94 -9.63
CA ALA A 58 7.79 5.92 -10.97
C ALA A 58 8.80 5.35 -11.98
N GLN A 59 10.08 5.70 -11.85
CA GLN A 59 11.13 5.09 -12.66
C GLN A 59 11.21 3.60 -12.38
N ASP A 60 11.26 3.24 -11.09
CA ASP A 60 11.39 1.85 -10.70
C ASP A 60 10.19 1.03 -11.17
N GLY A 61 9.01 1.63 -11.17
CA GLY A 61 7.85 1.19 -11.92
C GLY A 61 7.08 0.05 -11.25
N LYS A 62 7.63 -0.58 -10.20
CA LYS A 62 6.85 -1.51 -9.39
C LYS A 62 5.71 -0.74 -8.71
N MET A 63 6.03 0.41 -8.13
CA MET A 63 5.11 1.20 -7.35
C MET A 63 4.02 1.73 -8.27
N GLU A 64 2.79 1.29 -8.04
CA GLU A 64 1.63 1.69 -8.82
C GLU A 64 0.47 1.89 -7.86
N THR A 65 -0.53 2.65 -8.31
CA THR A 65 -1.46 3.29 -7.40
C THR A 65 -2.63 2.35 -7.10
N GLY A 66 -2.77 2.00 -5.83
CA GLY A 66 -3.77 1.08 -5.30
C GLY A 66 -3.21 -0.28 -4.91
N ASP A 67 -1.95 -0.57 -5.21
CA ASP A 67 -1.30 -1.81 -4.76
C ASP A 67 -1.26 -1.84 -3.23
N VAL A 68 -1.21 -3.03 -2.62
CA VAL A 68 -1.42 -3.29 -1.20
C VAL A 68 -0.06 -3.56 -0.53
N ILE A 69 0.35 -2.71 0.42
CA ILE A 69 1.52 -2.86 1.28
C ILE A 69 1.33 -4.12 2.11
N VAL A 70 2.25 -5.07 1.93
CA VAL A 70 2.28 -6.32 2.66
C VAL A 70 3.42 -6.30 3.69
N TYR A 71 4.64 -6.09 3.22
CA TYR A 71 5.85 -6.17 4.02
C TYR A 71 6.67 -4.91 3.75
N ILE A 72 7.45 -4.48 4.74
CA ILE A 72 8.46 -3.43 4.61
C ILE A 72 9.73 -4.03 5.17
N ASN A 73 10.76 -4.03 4.33
CA ASN A 73 12.07 -4.62 4.47
C ASN A 73 11.95 -6.13 4.69
N GLU A 74 11.61 -6.56 5.89
CA GLU A 74 11.37 -7.96 6.26
C GLU A 74 10.16 -8.09 7.20
N VAL A 75 9.58 -6.98 7.66
CA VAL A 75 8.53 -6.94 8.65
C VAL A 75 7.20 -7.04 7.91
N CYS A 76 6.39 -8.04 8.26
CA CYS A 76 4.99 -8.08 7.87
C CYS A 76 4.32 -6.92 8.56
N VAL A 77 3.74 -6.02 7.76
CA VAL A 77 3.01 -4.85 8.22
C VAL A 77 1.56 -4.88 7.73
N LEU A 78 1.10 -5.97 7.10
CA LEU A 78 -0.15 -5.98 6.34
C LEU A 78 -1.40 -5.61 7.16
N GLY A 79 -1.37 -5.83 8.48
CA GLY A 79 -2.41 -5.47 9.44
C GLY A 79 -1.94 -4.41 10.44
N HIS A 80 -0.78 -3.78 10.20
CA HIS A 80 -0.23 -2.74 11.08
C HIS A 80 -0.96 -1.42 10.84
N THR A 81 -0.76 -0.47 11.76
CA THR A 81 -1.33 0.85 11.63
C THR A 81 -0.50 1.64 10.61
N HIS A 82 -1.16 2.54 9.89
CA HIS A 82 -0.50 3.57 9.13
C HIS A 82 0.33 4.45 10.06
N ALA A 83 -0.13 4.71 11.29
CA ALA A 83 0.64 5.46 12.28
C ALA A 83 2.02 4.86 12.52
N ASP A 84 2.10 3.53 12.67
CA ASP A 84 3.38 2.83 12.82
C ASP A 84 4.15 2.83 11.50
N VAL A 85 3.58 2.34 10.40
CA VAL A 85 4.17 2.20 9.07
C VAL A 85 4.73 3.52 8.54
N VAL A 86 4.05 4.64 8.76
CA VAL A 86 4.59 5.93 8.43
C VAL A 86 5.88 6.16 9.24
N LYS A 87 5.94 5.75 10.52
CA LYS A 87 7.17 5.91 11.30
C LYS A 87 8.27 5.02 10.71
N LEU A 88 7.91 3.83 10.22
CA LEU A 88 8.83 2.86 9.66
C LEU A 88 9.53 3.49 8.46
N PHE A 89 8.78 4.16 7.57
CA PHE A 89 9.33 4.89 6.44
C PHE A 89 10.19 6.10 6.88
N GLN A 90 9.84 6.73 8.00
CA GLN A 90 10.51 7.93 8.53
C GLN A 90 11.80 7.61 9.32
N SER A 91 12.09 6.33 9.55
CA SER A 91 13.36 5.85 10.14
C SER A 91 14.43 5.53 9.10
N VAL A 92 14.21 5.84 7.82
CA VAL A 92 15.13 5.52 6.74
C VAL A 92 15.89 6.82 6.41
N PRO A 93 17.19 6.97 6.75
CA PRO A 93 17.97 8.17 6.44
C PRO A 93 18.47 8.23 4.97
N ILE A 94 19.06 9.36 4.57
CA ILE A 94 19.51 9.65 3.21
C ILE A 94 20.75 8.82 2.88
N GLY A 95 20.52 7.74 2.15
CA GLY A 95 21.49 6.70 1.84
C GLY A 95 20.82 5.35 1.81
N GLN A 96 19.93 5.07 2.76
CA GLN A 96 19.49 3.71 3.01
C GLN A 96 18.37 3.35 2.04
N SER A 97 18.15 2.06 1.87
CA SER A 97 17.03 1.49 1.16
C SER A 97 16.23 0.61 2.12
N VAL A 98 15.00 0.35 1.75
CA VAL A 98 14.15 -0.65 2.37
C VAL A 98 13.50 -1.42 1.22
N ASN A 99 13.25 -2.71 1.43
CA ASN A 99 12.51 -3.54 0.48
C ASN A 99 11.02 -3.33 0.75
N LEU A 100 10.19 -3.59 -0.25
CA LEU A 100 8.75 -3.37 -0.19
C LEU A 100 8.10 -4.47 -1.02
N VAL A 101 7.29 -5.34 -0.41
CA VAL A 101 6.39 -6.25 -1.12
C VAL A 101 5.05 -5.53 -1.21
N LEU A 102 4.52 -5.35 -2.44
CA LEU A 102 3.10 -5.09 -2.60
C LEU A 102 2.40 -6.30 -3.22
N CYS A 103 1.09 -6.38 -3.04
CA CYS A 103 0.19 -7.26 -3.79
C CYS A 103 -0.59 -6.41 -4.78
N ARG A 104 -0.72 -6.89 -6.01
CA ARG A 104 -1.51 -6.29 -7.06
C ARG A 104 -2.99 -6.63 -6.96
N GLY A 105 -3.81 -5.77 -7.55
CA GLY A 105 -5.10 -6.16 -8.08
C GLY A 105 -6.21 -6.07 -7.04
N TYR A 106 -6.12 -5.06 -6.17
CA TYR A 106 -7.25 -4.58 -5.38
C TYR A 106 -7.51 -3.12 -5.80
N PRO A 107 -8.76 -2.63 -5.73
CA PRO A 107 -9.08 -1.23 -6.05
C PRO A 107 -8.50 -0.29 -5.01
N LEU A 108 -8.57 1.01 -5.30
CA LEU A 108 -8.21 2.02 -4.32
C LEU A 108 -9.25 2.01 -3.19
N PRO A 109 -8.82 2.23 -1.93
CA PRO A 109 -9.67 2.02 -0.76
C PRO A 109 -10.69 3.12 -0.51
N PHE A 110 -10.32 4.35 -0.84
CA PHE A 110 -11.27 5.45 -0.97
C PHE A 110 -12.11 5.12 -2.18
N ASP A 111 -13.37 4.77 -1.97
CA ASP A 111 -14.31 4.52 -3.05
C ASP A 111 -14.86 5.86 -3.52
N PRO A 112 -14.58 6.28 -4.77
CA PRO A 112 -15.06 7.54 -5.32
C PRO A 112 -16.52 7.45 -5.79
N GLU A 113 -16.99 6.25 -6.15
CA GLU A 113 -18.26 6.04 -6.81
C GLU A 113 -19.43 6.29 -5.85
N ASP A 114 -19.26 5.92 -4.57
CA ASP A 114 -20.35 5.71 -3.62
C ASP A 114 -20.10 6.39 -2.26
N PRO A 115 -19.65 7.67 -2.21
CA PRO A 115 -18.87 8.18 -1.07
C PRO A 115 -19.66 8.50 0.21
N ALA A 116 -21.00 8.55 0.17
CA ALA A 116 -21.82 8.59 1.38
C ALA A 116 -23.20 8.00 1.08
N ASN A 117 -24.05 8.75 0.37
CA ASN A 117 -25.46 8.43 0.08
C ASN A 117 -26.31 8.51 1.36
N SER A 118 -26.33 9.66 2.04
CA SER A 118 -27.14 9.81 3.26
C SER A 118 -27.90 11.13 3.30
N GLY A 119 -28.82 11.24 4.26
CA GLY A 119 -29.68 12.39 4.50
C GLY A 119 -31.04 11.88 4.99
N PRO A 120 -31.80 12.65 5.79
CA PRO A 120 -33.05 12.19 6.37
C PRO A 120 -34.23 12.20 5.37
N SER A 121 -34.12 12.92 4.24
CA SER A 121 -35.28 13.41 3.49
C SER A 121 -36.25 14.15 4.43
N SER A 122 -37.47 14.41 3.97
CA SER A 122 -38.63 14.80 4.77
C SER A 122 -39.92 14.46 4.00
N GLY A 123 -39.91 14.72 2.70
CA GLY A 123 -41.00 14.54 1.75
C GLY A 123 -40.55 15.21 0.45
N GLY A 1 -9.86 -31.48 3.37
CA GLY A 1 -9.20 -30.73 4.44
C GLY A 1 -10.26 -30.10 5.32
N SER A 2 -10.62 -28.86 5.03
CA SER A 2 -11.85 -28.26 5.51
C SER A 2 -12.41 -27.37 4.41
N SER A 3 -13.70 -27.03 4.48
CA SER A 3 -14.41 -26.28 3.45
C SER A 3 -15.47 -25.43 4.14
N GLY A 4 -15.02 -24.32 4.69
CA GLY A 4 -15.83 -23.33 5.38
C GLY A 4 -14.91 -22.17 5.70
N SER A 5 -15.17 -21.01 5.12
CA SER A 5 -14.39 -19.81 5.35
C SER A 5 -15.34 -18.62 5.39
N SER A 6 -15.39 -17.96 6.54
CA SER A 6 -16.09 -16.70 6.70
C SER A 6 -15.42 -15.63 5.83
N GLY A 7 -14.11 -15.43 5.99
CA GLY A 7 -13.49 -14.14 5.78
C GLY A 7 -13.33 -13.56 7.17
N LEU A 8 -12.12 -13.66 7.73
CA LEU A 8 -11.82 -13.26 9.10
C LEU A 8 -10.36 -12.83 9.16
N PHE A 9 -10.05 -11.74 8.44
CA PHE A 9 -8.74 -11.16 8.17
C PHE A 9 -7.77 -12.14 7.47
N THR A 10 -6.63 -11.60 7.02
CA THR A 10 -5.55 -12.34 6.38
C THR A 10 -4.65 -13.01 7.45
N ARG A 11 -3.34 -12.67 7.48
CA ARG A 11 -2.26 -13.01 8.41
C ARG A 11 -0.93 -13.12 7.69
N ASP A 12 -0.86 -14.04 6.73
CA ASP A 12 0.39 -14.50 6.10
C ASP A 12 0.52 -13.95 4.68
N ALA A 13 -0.44 -13.12 4.25
CA ALA A 13 -0.67 -12.64 2.90
C ALA A 13 -1.11 -13.74 1.92
N SER A 14 -0.97 -15.02 2.27
CA SER A 14 -1.20 -16.16 1.38
C SER A 14 -2.61 -16.20 0.80
N GLN A 15 -3.59 -15.66 1.52
CA GLN A 15 -5.00 -15.77 1.18
C GLN A 15 -5.40 -14.81 0.05
N LEU A 16 -4.55 -13.84 -0.30
CA LEU A 16 -4.90 -12.86 -1.32
C LEU A 16 -4.96 -13.52 -2.70
N LYS A 17 -5.53 -12.81 -3.66
CA LYS A 17 -5.65 -13.18 -5.05
C LYS A 17 -5.11 -11.99 -5.83
N GLY A 18 -4.30 -12.25 -6.83
CA GLY A 18 -3.53 -11.25 -7.54
C GLY A 18 -2.13 -11.76 -7.82
N THR A 19 -1.19 -10.85 -8.10
CA THR A 19 0.23 -11.19 -8.20
C THR A 19 0.93 -10.61 -6.95
N PHE A 20 2.12 -11.09 -6.63
CA PHE A 20 2.97 -10.62 -5.54
C PHE A 20 4.28 -10.12 -6.14
N LEU A 21 4.62 -8.85 -5.92
CA LEU A 21 5.71 -8.16 -6.58
C LEU A 21 6.35 -7.16 -5.64
N SER A 22 7.63 -6.85 -5.85
CA SER A 22 8.42 -6.16 -4.82
C SER A 22 9.62 -5.40 -5.39
N THR A 23 10.19 -4.48 -4.61
CA THR A 23 11.30 -3.64 -5.04
C THR A 23 12.14 -3.17 -3.84
N THR A 24 13.39 -2.80 -4.10
CA THR A 24 14.18 -1.92 -3.26
C THR A 24 14.19 -0.52 -3.90
N LEU A 25 13.68 0.49 -3.19
CA LEU A 25 13.91 1.90 -3.47
C LEU A 25 15.02 2.41 -2.54
N LYS A 26 15.67 3.51 -2.91
CA LYS A 26 16.61 4.22 -2.02
C LYS A 26 15.91 5.47 -1.50
N LYS A 27 16.16 5.83 -0.24
CA LYS A 27 15.75 7.10 0.34
C LYS A 27 16.55 8.19 -0.36
N SER A 28 15.89 8.83 -1.32
CA SER A 28 16.38 9.88 -2.19
C SER A 28 16.15 11.24 -1.50
N ASN A 29 16.20 12.37 -2.22
CA ASN A 29 16.09 13.73 -1.68
C ASN A 29 14.88 13.84 -0.74
N MET A 30 13.67 13.69 -1.30
CA MET A 30 12.42 13.70 -0.54
C MET A 30 11.97 12.26 -0.36
N GLY A 31 12.73 11.50 0.41
CA GLY A 31 12.43 10.15 0.79
C GLY A 31 12.17 9.23 -0.39
N PHE A 32 10.91 8.86 -0.60
CA PHE A 32 10.50 7.97 -1.66
C PHE A 32 9.44 8.68 -2.50
N GLY A 33 9.36 8.33 -3.77
CA GLY A 33 8.43 8.95 -4.70
C GLY A 33 7.03 8.33 -4.61
N PHE A 34 6.53 8.01 -3.41
CA PHE A 34 5.18 7.48 -3.24
C PHE A 34 4.66 7.78 -1.84
N THR A 35 3.35 7.70 -1.64
CA THR A 35 2.68 7.94 -0.37
C THR A 35 1.72 6.78 -0.07
N ILE A 36 1.33 6.59 1.19
CA ILE A 36 0.58 5.44 1.68
C ILE A 36 -0.71 5.91 2.38
N ILE A 37 -1.67 5.01 2.57
CA ILE A 37 -2.95 5.26 3.23
C ILE A 37 -3.26 4.13 4.24
N GLY A 38 -4.01 4.49 5.29
CA GLY A 38 -4.54 3.65 6.36
C GLY A 38 -6.06 3.73 6.36
N GLY A 39 -6.72 2.68 6.85
CA GLY A 39 -8.15 2.64 7.05
C GLY A 39 -8.48 3.67 8.13
N ASP A 40 -8.30 3.23 9.36
CA ASP A 40 -8.21 4.06 10.55
C ASP A 40 -7.88 3.20 11.76
N GLU A 41 -8.33 1.94 11.79
CA GLU A 41 -8.10 0.98 12.88
C GLU A 41 -6.87 0.07 12.66
N PRO A 42 -6.35 -0.59 13.72
CA PRO A 42 -5.07 -1.31 13.74
C PRO A 42 -5.16 -2.71 13.12
N ASP A 43 -5.86 -2.84 11.98
CA ASP A 43 -6.13 -4.09 11.27
C ASP A 43 -6.67 -3.83 9.85
N GLU A 44 -6.58 -2.59 9.33
CA GLU A 44 -7.01 -2.28 7.96
C GLU A 44 -5.88 -2.54 6.96
N PHE A 45 -6.24 -2.79 5.70
CA PHE A 45 -5.31 -3.22 4.65
C PHE A 45 -4.66 -2.01 4.01
N LEU A 46 -3.35 -1.84 4.13
CA LEU A 46 -2.65 -0.61 3.71
C LEU A 46 -2.41 -0.65 2.20
N GLN A 47 -2.57 0.48 1.49
CA GLN A 47 -2.33 0.56 0.04
C GLN A 47 -1.46 1.76 -0.31
N VAL A 48 -0.78 1.72 -1.47
CA VAL A 48 -0.11 2.88 -2.03
C VAL A 48 -1.18 3.94 -2.31
N LYS A 49 -1.17 5.04 -1.56
CA LYS A 49 -2.07 6.17 -1.76
C LYS A 49 -1.86 6.75 -3.14
N SER A 50 -0.62 7.11 -3.47
CA SER A 50 -0.25 7.47 -4.82
C SER A 50 1.24 7.24 -5.03
N VAL A 51 1.63 7.24 -6.30
CA VAL A 51 2.99 7.44 -6.72
C VAL A 51 3.13 8.94 -7.07
N ILE A 52 4.29 9.55 -6.81
CA ILE A 52 4.70 10.84 -7.33
C ILE A 52 5.28 10.59 -8.74
N PRO A 53 4.76 11.23 -9.79
CA PRO A 53 5.37 11.20 -11.11
C PRO A 53 6.73 11.90 -11.07
N ASP A 54 7.64 11.47 -11.95
CA ASP A 54 9.07 11.83 -11.92
C ASP A 54 9.82 11.46 -10.64
N GLY A 55 9.15 10.86 -9.65
CA GLY A 55 9.75 10.40 -8.41
C GLY A 55 10.57 9.13 -8.61
N PRO A 56 11.39 8.75 -7.60
CA PRO A 56 12.26 7.59 -7.71
C PRO A 56 11.47 6.27 -7.76
N ALA A 57 10.27 6.24 -7.18
CA ALA A 57 9.40 5.08 -7.29
C ALA A 57 8.94 4.90 -8.74
N ALA A 58 8.52 5.99 -9.39
CA ALA A 58 8.06 5.98 -10.77
C ALA A 58 9.19 5.54 -11.70
N GLN A 59 10.42 6.05 -11.52
CA GLN A 59 11.57 5.63 -12.30
C GLN A 59 12.04 4.20 -12.00
N ASP A 60 11.77 3.66 -10.81
CA ASP A 60 12.02 2.25 -10.54
C ASP A 60 11.03 1.40 -11.32
N GLY A 61 9.78 1.85 -11.41
CA GLY A 61 8.79 1.30 -12.33
C GLY A 61 8.15 0.00 -11.87
N LYS A 62 8.18 -0.33 -10.57
CA LYS A 62 7.52 -1.53 -10.05
C LYS A 62 6.16 -1.21 -9.45
N MET A 63 6.09 -0.25 -8.54
CA MET A 63 4.92 0.04 -7.72
C MET A 63 3.92 0.87 -8.51
N GLU A 64 2.63 0.67 -8.27
CA GLU A 64 1.57 1.48 -8.83
C GLU A 64 0.56 1.87 -7.76
N THR A 65 -0.27 2.85 -8.10
CA THR A 65 -1.29 3.41 -7.21
C THR A 65 -2.45 2.42 -7.12
N GLY A 66 -2.75 1.96 -5.91
CA GLY A 66 -3.75 0.93 -5.65
C GLY A 66 -3.12 -0.36 -5.10
N ASP A 67 -1.82 -0.57 -5.29
CA ASP A 67 -1.17 -1.80 -4.82
C ASP A 67 -1.23 -1.86 -3.28
N VAL A 68 -1.26 -3.06 -2.71
CA VAL A 68 -1.48 -3.35 -1.28
C VAL A 68 -0.14 -3.65 -0.62
N ILE A 69 0.25 -2.93 0.45
CA ILE A 69 1.48 -3.16 1.21
C ILE A 69 1.29 -4.41 2.04
N VAL A 70 2.26 -5.30 1.92
CA VAL A 70 2.32 -6.53 2.67
C VAL A 70 3.47 -6.47 3.67
N TYR A 71 4.69 -6.24 3.18
CA TYR A 71 5.91 -6.36 3.94
C TYR A 71 6.78 -5.12 3.71
N ILE A 72 7.56 -4.72 4.72
CA ILE A 72 8.53 -3.63 4.66
C ILE A 72 9.82 -4.21 5.25
N ASN A 73 10.90 -4.17 4.46
CA ASN A 73 12.13 -4.94 4.60
C ASN A 73 11.80 -6.41 4.70
N GLU A 74 11.65 -6.95 5.91
CA GLU A 74 11.41 -8.36 6.19
C GLU A 74 10.14 -8.56 7.03
N VAL A 75 9.43 -7.48 7.36
CA VAL A 75 8.46 -7.43 8.44
C VAL A 75 7.06 -7.28 7.86
N CYS A 76 6.12 -8.12 8.32
CA CYS A 76 4.75 -8.06 7.89
C CYS A 76 4.07 -6.87 8.55
N VAL A 77 3.51 -5.98 7.74
CA VAL A 77 2.82 -4.77 8.19
C VAL A 77 1.34 -4.79 7.79
N LEU A 78 0.81 -5.94 7.35
CA LEU A 78 -0.45 -6.01 6.61
C LEU A 78 -1.63 -5.35 7.33
N GLY A 79 -1.70 -5.42 8.67
CA GLY A 79 -2.69 -4.73 9.50
C GLY A 79 -2.06 -3.72 10.46
N HIS A 80 -0.80 -3.30 10.25
CA HIS A 80 -0.13 -2.37 11.16
C HIS A 80 -0.83 -1.01 11.15
N THR A 81 -0.52 -0.17 12.16
CA THR A 81 -1.07 1.18 12.20
C THR A 81 -0.38 1.97 11.10
N HIS A 82 -1.14 2.79 10.37
CA HIS A 82 -0.60 3.80 9.48
C HIS A 82 0.28 4.79 10.25
N ALA A 83 0.09 4.97 11.55
CA ALA A 83 1.05 5.68 12.38
C ALA A 83 2.41 4.99 12.31
N ASP A 84 2.47 3.71 12.66
CA ASP A 84 3.69 2.91 12.69
C ASP A 84 4.33 2.86 11.32
N VAL A 85 3.62 2.44 10.27
CA VAL A 85 4.10 2.35 8.90
C VAL A 85 4.62 3.69 8.40
N VAL A 86 3.94 4.80 8.68
CA VAL A 86 4.52 6.09 8.32
C VAL A 86 5.77 6.37 9.17
N LYS A 87 5.85 5.94 10.43
CA LYS A 87 7.07 6.11 11.22
C LYS A 87 8.19 5.30 10.59
N LEU A 88 7.87 4.10 10.11
CA LEU A 88 8.81 3.16 9.55
C LEU A 88 9.46 3.84 8.35
N PHE A 89 8.64 4.41 7.46
CA PHE A 89 9.13 5.12 6.30
C PHE A 89 9.93 6.37 6.67
N GLN A 90 9.48 7.14 7.67
CA GLN A 90 10.21 8.29 8.18
C GLN A 90 11.62 7.86 8.61
N SER A 91 11.71 6.77 9.35
CA SER A 91 12.90 6.37 10.08
C SER A 91 14.10 6.02 9.19
N VAL A 92 13.89 5.85 7.89
CA VAL A 92 14.90 5.44 6.93
C VAL A 92 15.61 6.75 6.58
N PRO A 93 16.88 6.96 6.97
CA PRO A 93 17.53 8.22 6.70
C PRO A 93 17.88 8.30 5.22
N ILE A 94 18.11 9.52 4.72
CA ILE A 94 18.57 9.76 3.35
C ILE A 94 19.89 8.98 3.20
N GLY A 95 19.97 8.13 2.18
CA GLY A 95 21.13 7.29 1.95
C GLY A 95 20.93 5.82 2.37
N GLN A 96 19.77 5.41 2.88
CA GLN A 96 19.48 3.97 3.05
C GLN A 96 18.37 3.55 2.10
N SER A 97 18.20 2.24 1.92
CA SER A 97 17.15 1.64 1.14
C SER A 97 16.35 0.67 2.01
N VAL A 98 15.18 0.28 1.54
CA VAL A 98 14.29 -0.68 2.17
C VAL A 98 13.71 -1.58 1.10
N ASN A 99 13.40 -2.83 1.43
CA ASN A 99 12.60 -3.70 0.56
C ASN A 99 11.11 -3.41 0.83
N LEU A 100 10.24 -3.66 -0.15
CA LEU A 100 8.80 -3.49 -0.02
C LEU A 100 8.15 -4.59 -0.88
N VAL A 101 7.24 -5.39 -0.33
CA VAL A 101 6.40 -6.33 -1.10
C VAL A 101 5.01 -5.73 -1.16
N LEU A 102 4.45 -5.68 -2.38
CA LEU A 102 3.06 -5.35 -2.58
C LEU A 102 2.32 -6.52 -3.23
N CYS A 103 0.99 -6.42 -3.26
CA CYS A 103 0.10 -7.36 -3.94
C CYS A 103 -0.84 -6.55 -4.86
N ARG A 104 -1.18 -7.13 -6.03
CA ARG A 104 -1.83 -6.45 -7.14
C ARG A 104 -3.11 -7.14 -7.58
N GLY A 105 -4.24 -6.41 -7.58
CA GLY A 105 -5.49 -6.85 -8.17
C GLY A 105 -6.73 -6.22 -7.50
N TYR A 106 -6.60 -5.82 -6.23
CA TYR A 106 -7.70 -5.19 -5.49
C TYR A 106 -7.94 -3.76 -5.97
N PRO A 107 -9.15 -3.20 -5.73
CA PRO A 107 -9.45 -1.81 -6.02
C PRO A 107 -8.76 -0.87 -5.02
N LEU A 108 -8.91 0.43 -5.25
CA LEU A 108 -8.41 1.49 -4.37
C LEU A 108 -9.27 1.53 -3.10
N PRO A 109 -8.76 2.11 -1.99
CA PRO A 109 -9.47 2.19 -0.71
C PRO A 109 -10.47 3.35 -0.63
N PHE A 110 -10.34 4.25 -1.57
CA PHE A 110 -11.16 5.43 -1.76
C PHE A 110 -11.83 5.28 -3.11
N ASP A 111 -13.16 5.30 -3.12
CA ASP A 111 -13.99 5.31 -4.33
C ASP A 111 -14.04 6.75 -4.85
N PRO A 112 -13.31 7.12 -5.91
CA PRO A 112 -13.33 8.49 -6.38
C PRO A 112 -14.61 8.78 -7.19
N GLU A 113 -15.21 7.78 -7.81
CA GLU A 113 -16.42 7.88 -8.58
C GLU A 113 -17.59 8.26 -7.66
N ASP A 114 -17.96 7.33 -6.77
CA ASP A 114 -19.13 7.40 -5.90
C ASP A 114 -18.58 7.33 -4.47
N PRO A 115 -18.32 8.47 -3.81
CA PRO A 115 -17.67 8.43 -2.50
C PRO A 115 -18.63 8.02 -1.37
N ALA A 116 -19.92 8.31 -1.51
CA ALA A 116 -20.97 8.02 -0.54
C ALA A 116 -22.33 8.33 -1.17
N ASN A 117 -22.54 9.61 -1.51
CA ASN A 117 -23.73 10.23 -2.09
C ASN A 117 -24.94 10.23 -1.15
N SER A 118 -25.86 11.16 -1.40
CA SER A 118 -27.20 11.17 -0.83
C SER A 118 -28.16 10.62 -1.90
N GLY A 119 -29.43 10.39 -1.50
CA GLY A 119 -30.46 9.89 -2.38
C GLY A 119 -31.26 11.05 -2.98
N PRO A 120 -32.45 11.38 -2.45
CA PRO A 120 -33.28 12.44 -3.01
C PRO A 120 -32.62 13.81 -2.83
N SER A 121 -32.76 14.66 -3.85
CA SER A 121 -32.38 16.07 -3.91
C SER A 121 -33.15 16.68 -5.09
N SER A 122 -32.98 17.99 -5.33
CA SER A 122 -33.66 18.68 -6.42
C SER A 122 -32.81 19.88 -6.88
N GLY A 123 -33.19 20.49 -8.00
CA GLY A 123 -32.49 21.56 -8.67
C GLY A 123 -32.00 21.01 -9.98
N GLY A 1 -15.39 -20.92 -10.64
CA GLY A 1 -16.27 -19.74 -10.65
C GLY A 1 -15.57 -18.54 -10.05
N SER A 2 -16.07 -17.34 -10.35
CA SER A 2 -15.47 -16.10 -9.88
C SER A 2 -15.49 -16.02 -8.35
N SER A 3 -14.55 -15.28 -7.78
CA SER A 3 -14.30 -15.21 -6.36
C SER A 3 -15.42 -14.47 -5.64
N GLY A 4 -15.43 -14.60 -4.32
CA GLY A 4 -16.43 -13.99 -3.45
C GLY A 4 -16.08 -14.32 -2.02
N SER A 5 -15.12 -13.59 -1.44
CA SER A 5 -14.81 -13.59 -0.03
C SER A 5 -14.18 -12.23 0.26
N SER A 6 -14.86 -11.47 1.10
CA SER A 6 -14.51 -10.16 1.59
C SER A 6 -14.81 -10.15 3.09
N GLY A 7 -14.54 -9.03 3.76
CA GLY A 7 -14.27 -9.07 5.18
C GLY A 7 -12.96 -9.84 5.34
N LEU A 8 -13.02 -10.95 6.08
CA LEU A 8 -12.01 -11.97 6.34
C LEU A 8 -10.59 -11.47 6.06
N PHE A 9 -10.05 -10.83 7.08
CA PHE A 9 -8.65 -10.43 7.14
C PHE A 9 -7.73 -11.63 6.92
N THR A 10 -6.54 -11.33 6.41
CA THR A 10 -5.50 -12.26 6.03
C THR A 10 -4.71 -12.79 7.24
N ARG A 11 -3.40 -13.00 7.11
CA ARG A 11 -2.41 -12.84 8.18
C ARG A 11 -1.06 -12.77 7.49
N ASP A 12 -0.63 -13.89 6.93
CA ASP A 12 0.69 -14.14 6.35
C ASP A 12 0.72 -13.78 4.87
N ALA A 13 -0.18 -12.90 4.44
CA ALA A 13 -0.48 -12.53 3.05
C ALA A 13 -0.84 -13.72 2.14
N SER A 14 -0.74 -14.95 2.62
CA SER A 14 -0.81 -16.16 1.84
C SER A 14 -2.24 -16.46 1.43
N GLN A 15 -3.24 -15.98 2.19
CA GLN A 15 -4.62 -16.16 1.75
C GLN A 15 -4.99 -15.37 0.48
N LEU A 16 -4.20 -14.37 0.05
CA LEU A 16 -4.56 -13.51 -1.09
C LEU A 16 -4.38 -14.26 -2.40
N LYS A 17 -5.00 -13.78 -3.48
CA LYS A 17 -5.18 -14.54 -4.72
C LYS A 17 -4.82 -13.78 -6.01
N GLY A 18 -4.36 -12.54 -5.90
CA GLY A 18 -3.65 -11.84 -6.96
C GLY A 18 -2.15 -12.05 -6.82
N THR A 19 -1.37 -11.44 -7.72
CA THR A 19 0.07 -11.67 -7.82
C THR A 19 0.79 -10.81 -6.78
N PHE A 20 1.98 -11.25 -6.37
CA PHE A 20 2.85 -10.52 -5.46
C PHE A 20 4.08 -10.07 -6.24
N LEU A 21 4.53 -8.87 -5.94
CA LEU A 21 5.63 -8.19 -6.56
C LEU A 21 6.66 -7.84 -5.48
N SER A 22 7.75 -7.20 -5.85
CA SER A 22 8.61 -6.52 -4.90
C SER A 22 9.22 -5.25 -5.50
N THR A 23 9.77 -4.39 -4.65
CA THR A 23 10.86 -3.53 -5.06
C THR A 23 11.70 -3.17 -3.84
N THR A 24 12.96 -2.80 -4.05
CA THR A 24 13.77 -2.07 -3.11
C THR A 24 13.85 -0.63 -3.62
N LEU A 25 13.28 0.34 -2.90
CA LEU A 25 13.51 1.74 -3.22
C LEU A 25 14.58 2.29 -2.31
N LYS A 26 15.48 3.09 -2.90
CA LYS A 26 16.27 4.04 -2.15
C LYS A 26 15.43 5.29 -1.94
N LYS A 27 15.73 6.06 -0.91
CA LYS A 27 15.42 7.48 -0.89
C LYS A 27 16.10 8.14 -2.11
N SER A 28 15.66 9.32 -2.52
CA SER A 28 16.49 10.20 -3.34
C SER A 28 16.47 11.57 -2.70
N ASN A 29 15.39 12.32 -2.92
CA ASN A 29 15.24 13.72 -2.58
C ASN A 29 13.91 13.82 -1.85
N MET A 30 13.88 14.52 -0.71
CA MET A 30 12.81 14.52 0.31
C MET A 30 12.64 13.13 0.94
N GLY A 31 12.29 12.14 0.14
CA GLY A 31 11.91 10.82 0.60
C GLY A 31 11.81 9.84 -0.57
N PHE A 32 11.00 8.81 -0.41
CA PHE A 32 10.54 7.99 -1.52
C PHE A 32 9.54 8.82 -2.35
N GLY A 33 9.43 8.49 -3.64
CA GLY A 33 8.51 9.14 -4.56
C GLY A 33 7.08 8.60 -4.46
N PHE A 34 6.56 8.22 -3.29
CA PHE A 34 5.19 7.72 -3.15
C PHE A 34 4.60 8.08 -1.79
N THR A 35 3.27 8.00 -1.66
CA THR A 35 2.54 8.22 -0.41
C THR A 35 1.66 6.99 -0.14
N ILE A 36 1.31 6.76 1.13
CA ILE A 36 0.59 5.57 1.61
C ILE A 36 -0.71 5.99 2.31
N ILE A 37 -1.63 5.05 2.48
CA ILE A 37 -2.93 5.15 3.16
C ILE A 37 -3.12 3.89 4.02
N GLY A 38 -3.98 3.97 5.05
CA GLY A 38 -4.48 2.89 5.88
C GLY A 38 -5.96 3.14 6.16
N GLY A 39 -6.74 2.08 6.38
CA GLY A 39 -8.19 2.14 6.55
C GLY A 39 -8.61 3.02 7.72
N ASP A 40 -8.37 2.56 8.95
CA ASP A 40 -8.68 3.26 10.21
C ASP A 40 -8.48 2.32 11.41
N GLU A 41 -9.16 1.18 11.49
CA GLU A 41 -8.89 0.22 12.58
C GLU A 41 -7.52 -0.44 12.38
N PRO A 42 -6.90 -0.98 13.43
CA PRO A 42 -5.54 -1.56 13.41
C PRO A 42 -5.52 -2.95 12.76
N ASP A 43 -6.24 -3.12 11.65
CA ASP A 43 -6.57 -4.35 10.96
C ASP A 43 -7.26 -4.00 9.63
N GLU A 44 -6.79 -2.92 8.97
CA GLU A 44 -7.15 -2.59 7.59
C GLU A 44 -5.91 -2.71 6.73
N PHE A 45 -6.12 -3.06 5.46
CA PHE A 45 -5.04 -3.25 4.51
C PHE A 45 -4.49 -1.88 4.11
N LEU A 46 -3.17 -1.73 4.23
CA LEU A 46 -2.43 -0.56 3.78
C LEU A 46 -2.19 -0.71 2.28
N GLN A 47 -2.27 0.38 1.52
CA GLN A 47 -1.98 0.40 0.09
C GLN A 47 -1.25 1.66 -0.32
N VAL A 48 -0.62 1.66 -1.50
CA VAL A 48 0.03 2.85 -2.04
C VAL A 48 -1.06 3.87 -2.35
N LYS A 49 -1.10 5.01 -1.66
CA LYS A 49 -2.04 6.08 -1.94
C LYS A 49 -1.80 6.61 -3.34
N SER A 50 -0.55 6.94 -3.66
CA SER A 50 -0.15 7.43 -4.96
C SER A 50 1.35 7.31 -5.13
N VAL A 51 1.82 7.20 -6.37
CA VAL A 51 3.21 7.33 -6.76
C VAL A 51 3.35 8.72 -7.39
N ILE A 52 4.22 9.57 -6.84
CA ILE A 52 4.53 10.87 -7.40
C ILE A 52 5.31 10.63 -8.68
N PRO A 53 4.92 11.25 -9.81
CA PRO A 53 5.57 11.08 -11.09
C PRO A 53 6.76 12.04 -11.28
N ASP A 54 7.61 12.10 -10.27
CA ASP A 54 8.79 12.95 -10.17
C ASP A 54 9.65 12.42 -9.02
N GLY A 55 10.05 11.16 -9.09
CA GLY A 55 10.71 10.50 -7.98
C GLY A 55 11.26 9.13 -8.33
N PRO A 56 12.04 8.50 -7.44
CA PRO A 56 12.64 7.19 -7.70
C PRO A 56 11.57 6.09 -7.82
N ALA A 57 10.40 6.26 -7.22
CA ALA A 57 9.33 5.27 -7.31
C ALA A 57 8.74 5.22 -8.72
N ALA A 58 8.72 6.36 -9.41
CA ALA A 58 8.35 6.45 -10.81
C ALA A 58 9.40 5.71 -11.66
N GLN A 59 10.66 6.11 -11.50
CA GLN A 59 11.76 5.63 -12.34
C GLN A 59 12.05 4.13 -12.13
N ASP A 60 11.81 3.61 -10.92
CA ASP A 60 12.03 2.20 -10.60
C ASP A 60 11.06 1.31 -11.38
N GLY A 61 9.89 1.84 -11.76
CA GLY A 61 8.93 1.24 -12.68
C GLY A 61 8.09 0.14 -12.05
N LYS A 62 8.49 -0.38 -10.89
CA LYS A 62 7.77 -1.45 -10.21
C LYS A 62 6.60 -0.91 -9.39
N MET A 63 6.69 0.33 -8.93
CA MET A 63 5.74 0.92 -8.02
C MET A 63 4.62 1.59 -8.79
N GLU A 64 3.39 1.29 -8.43
CA GLU A 64 2.18 1.85 -8.99
C GLU A 64 1.16 2.01 -7.88
N THR A 65 0.12 2.77 -8.21
CA THR A 65 -0.94 3.16 -7.31
C THR A 65 -2.01 2.05 -7.38
N GLY A 66 -2.70 1.73 -6.27
CA GLY A 66 -3.64 0.61 -6.25
C GLY A 66 -2.93 -0.73 -6.00
N ASP A 67 -1.73 -0.73 -5.42
CA ASP A 67 -1.01 -1.95 -5.02
C ASP A 67 -0.89 -1.95 -3.49
N VAL A 68 -0.98 -3.12 -2.87
CA VAL A 68 -1.25 -3.32 -1.43
C VAL A 68 0.07 -3.56 -0.68
N ILE A 69 0.44 -2.70 0.28
CA ILE A 69 1.59 -2.88 1.17
C ILE A 69 1.39 -4.15 1.99
N VAL A 70 2.20 -5.16 1.72
CA VAL A 70 2.20 -6.38 2.53
C VAL A 70 3.31 -6.31 3.57
N TYR A 71 4.54 -6.18 3.10
CA TYR A 71 5.75 -6.24 3.90
C TYR A 71 6.58 -5.00 3.58
N ILE A 72 7.47 -4.64 4.49
CA ILE A 72 8.42 -3.56 4.36
C ILE A 72 9.71 -4.07 4.99
N ASN A 73 10.79 -4.07 4.21
CA ASN A 73 12.18 -4.28 4.62
C ASN A 73 12.37 -5.70 5.14
N GLU A 74 12.01 -5.93 6.40
CA GLU A 74 12.01 -7.25 7.03
C GLU A 74 10.83 -7.36 8.03
N VAL A 75 9.66 -6.78 7.74
CA VAL A 75 8.52 -6.69 8.65
C VAL A 75 7.23 -7.01 7.89
N CYS A 76 6.36 -7.88 8.43
CA CYS A 76 4.98 -8.04 7.99
C CYS A 76 4.13 -6.89 8.53
N VAL A 77 3.69 -5.98 7.67
CA VAL A 77 3.00 -4.75 8.10
C VAL A 77 1.52 -4.70 7.67
N LEU A 78 1.00 -5.67 6.92
CA LEU A 78 -0.27 -5.56 6.20
C LEU A 78 -1.46 -5.16 7.09
N GLY A 79 -1.46 -5.54 8.37
CA GLY A 79 -2.46 -5.16 9.37
C GLY A 79 -1.79 -4.50 10.57
N HIS A 80 -0.66 -3.85 10.36
CA HIS A 80 -0.05 -2.90 11.28
C HIS A 80 -0.74 -1.55 11.06
N THR A 81 -0.46 -0.56 11.90
CA THR A 81 -1.18 0.70 11.81
C THR A 81 -0.44 1.65 10.86
N HIS A 82 -1.18 2.56 10.23
CA HIS A 82 -0.65 3.67 9.45
C HIS A 82 0.33 4.48 10.29
N ALA A 83 0.06 4.63 11.59
CA ALA A 83 0.94 5.27 12.55
C ALA A 83 2.34 4.68 12.47
N ASP A 84 2.49 3.40 12.80
CA ASP A 84 3.81 2.79 12.87
C ASP A 84 4.43 2.68 11.48
N VAL A 85 3.66 2.41 10.44
CA VAL A 85 4.16 2.29 9.07
C VAL A 85 4.70 3.62 8.55
N VAL A 86 4.03 4.73 8.85
CA VAL A 86 4.55 6.06 8.55
C VAL A 86 5.81 6.30 9.37
N LYS A 87 5.84 5.93 10.67
CA LYS A 87 7.05 6.07 11.50
C LYS A 87 8.19 5.27 10.90
N LEU A 88 7.90 4.07 10.40
CA LEU A 88 8.85 3.14 9.80
C LEU A 88 9.41 3.77 8.52
N PHE A 89 8.59 4.44 7.70
CA PHE A 89 9.07 5.07 6.48
C PHE A 89 9.92 6.31 6.78
N GLN A 90 9.54 7.12 7.79
CA GLN A 90 10.37 8.23 8.24
C GLN A 90 11.71 7.71 8.75
N SER A 91 11.73 6.55 9.41
CA SER A 91 12.91 5.89 9.97
C SER A 91 13.96 5.54 8.91
N VAL A 92 13.65 5.60 7.61
CA VAL A 92 14.63 5.36 6.55
C VAL A 92 15.30 6.71 6.27
N PRO A 93 16.59 6.90 6.62
CA PRO A 93 17.29 8.14 6.29
C PRO A 93 17.29 8.41 4.79
N ILE A 94 17.53 9.66 4.42
CA ILE A 94 18.01 10.00 3.08
C ILE A 94 19.33 9.25 2.90
N GLY A 95 19.55 8.65 1.73
CA GLY A 95 20.72 7.84 1.47
C GLY A 95 20.59 6.41 1.99
N GLN A 96 19.40 5.90 2.34
CA GLN A 96 19.20 4.46 2.52
C GLN A 96 18.09 3.93 1.61
N SER A 97 18.05 2.62 1.43
CA SER A 97 17.01 1.87 0.76
C SER A 97 16.35 0.88 1.70
N VAL A 98 15.10 0.51 1.40
CA VAL A 98 14.36 -0.55 2.05
C VAL A 98 13.66 -1.39 0.99
N ASN A 99 13.34 -2.63 1.36
CA ASN A 99 12.52 -3.52 0.55
C ASN A 99 11.06 -3.19 0.81
N LEU A 100 10.21 -3.56 -0.13
CA LEU A 100 8.77 -3.45 -0.09
C LEU A 100 8.26 -4.70 -0.84
N VAL A 101 7.12 -5.24 -0.42
CA VAL A 101 6.35 -6.27 -1.14
C VAL A 101 4.97 -5.66 -1.30
N LEU A 102 4.47 -5.60 -2.53
CA LEU A 102 3.08 -5.31 -2.77
C LEU A 102 2.35 -6.51 -3.36
N CYS A 103 1.02 -6.47 -3.33
CA CYS A 103 0.13 -7.40 -4.04
C CYS A 103 -0.72 -6.57 -5.02
N ARG A 104 -1.00 -7.17 -6.18
CA ARG A 104 -1.75 -6.62 -7.30
C ARG A 104 -3.19 -7.15 -7.33
N GLY A 105 -4.09 -6.39 -7.94
CA GLY A 105 -5.44 -6.83 -8.23
C GLY A 105 -6.47 -6.46 -7.16
N TYR A 106 -6.06 -5.86 -6.05
CA TYR A 106 -6.92 -5.24 -5.06
C TYR A 106 -6.85 -3.72 -5.29
N PRO A 107 -7.87 -3.11 -5.92
CA PRO A 107 -7.83 -1.72 -6.37
C PRO A 107 -7.91 -0.71 -5.21
N LEU A 108 -7.99 0.56 -5.59
CA LEU A 108 -8.13 1.71 -4.69
C LEU A 108 -9.49 1.65 -3.97
N PRO A 109 -9.59 2.09 -2.71
CA PRO A 109 -10.78 1.96 -1.89
C PRO A 109 -11.82 3.00 -2.28
N PHE A 110 -11.38 4.24 -2.45
CA PHE A 110 -12.17 5.37 -2.94
C PHE A 110 -12.59 5.05 -4.37
N ASP A 111 -13.87 4.73 -4.55
CA ASP A 111 -14.51 4.63 -5.86
C ASP A 111 -14.89 6.06 -6.26
N PRO A 112 -14.22 6.69 -7.25
CA PRO A 112 -14.67 7.98 -7.74
C PRO A 112 -16.01 7.88 -8.48
N GLU A 113 -16.40 6.67 -8.89
CA GLU A 113 -17.66 6.39 -9.57
C GLU A 113 -18.82 6.80 -8.69
N ASP A 114 -18.95 6.18 -7.51
CA ASP A 114 -20.05 6.43 -6.59
C ASP A 114 -19.54 6.24 -5.17
N PRO A 115 -18.86 7.25 -4.59
CA PRO A 115 -18.12 7.07 -3.35
C PRO A 115 -19.03 6.86 -2.15
N ALA A 116 -20.10 7.63 -2.02
CA ALA A 116 -21.10 7.48 -0.95
C ALA A 116 -22.36 8.25 -1.29
N ASN A 117 -22.19 9.52 -1.70
CA ASN A 117 -23.24 10.44 -2.08
C ASN A 117 -24.32 10.55 -1.00
N SER A 118 -23.97 11.14 0.14
CA SER A 118 -24.90 11.49 1.21
C SER A 118 -24.69 12.96 1.57
N GLY A 119 -25.75 13.60 2.04
CA GLY A 119 -25.72 14.75 2.93
C GLY A 119 -26.89 14.56 3.88
N PRO A 120 -27.99 15.33 3.76
CA PRO A 120 -29.14 15.31 4.65
C PRO A 120 -30.01 14.05 4.42
N SER A 121 -29.52 12.89 4.83
CA SER A 121 -30.23 11.61 4.81
C SER A 121 -29.87 10.85 6.09
N SER A 122 -30.35 11.36 7.21
CA SER A 122 -30.21 10.83 8.56
C SER A 122 -31.49 11.16 9.34
N GLY A 123 -31.61 10.62 10.56
CA GLY A 123 -32.56 11.04 11.57
C GLY A 123 -31.75 11.14 12.83
N GLY A 1 -8.26 -32.22 4.02
CA GLY A 1 -9.44 -32.74 3.33
C GLY A 1 -9.96 -31.72 2.34
N SER A 2 -11.28 -31.66 2.19
CA SER A 2 -12.00 -30.72 1.34
C SER A 2 -11.77 -29.31 1.89
N SER A 3 -10.96 -28.50 1.21
CA SER A 3 -10.64 -27.13 1.58
C SER A 3 -10.52 -26.27 0.32
N GLY A 4 -10.18 -24.99 0.45
CA GLY A 4 -10.03 -24.09 -0.69
C GLY A 4 -9.42 -22.78 -0.19
N SER A 5 -10.25 -21.79 0.10
CA SER A 5 -9.87 -20.60 0.86
C SER A 5 -11.09 -20.08 1.62
N SER A 6 -10.89 -19.56 2.83
CA SER A 6 -11.91 -18.83 3.57
C SER A 6 -11.25 -17.76 4.44
N GLY A 7 -12.00 -16.74 4.83
CA GLY A 7 -11.57 -15.67 5.72
C GLY A 7 -12.17 -14.33 5.30
N LEU A 8 -11.92 -13.28 6.09
CA LEU A 8 -12.20 -11.90 5.73
C LEU A 8 -10.83 -11.25 5.63
N PHE A 9 -10.27 -10.82 6.76
CA PHE A 9 -8.90 -10.34 6.85
C PHE A 9 -7.93 -11.46 6.50
N THR A 10 -6.73 -11.06 6.11
CA THR A 10 -5.62 -11.89 5.71
C THR A 10 -4.98 -12.59 6.94
N ARG A 11 -3.72 -12.28 7.24
CA ARG A 11 -2.78 -12.71 8.27
C ARG A 11 -1.45 -12.90 7.58
N ASP A 12 -1.27 -14.00 6.84
CA ASP A 12 0.05 -14.38 6.32
C ASP A 12 0.32 -13.90 4.89
N ALA A 13 -0.51 -13.02 4.33
CA ALA A 13 -0.51 -12.62 2.91
C ALA A 13 -0.96 -13.74 1.95
N SER A 14 -0.78 -15.03 2.29
CA SER A 14 -1.33 -16.18 1.57
C SER A 14 -2.87 -16.31 1.72
N GLN A 15 -3.54 -15.23 2.12
CA GLN A 15 -4.98 -15.06 2.08
C GLN A 15 -5.38 -13.95 1.12
N LEU A 16 -4.43 -13.13 0.63
CA LEU A 16 -4.70 -12.19 -0.46
C LEU A 16 -4.91 -12.99 -1.74
N LYS A 17 -5.51 -12.39 -2.75
CA LYS A 17 -5.68 -12.94 -4.07
C LYS A 17 -5.41 -11.84 -5.08
N GLY A 18 -4.56 -12.16 -6.06
CA GLY A 18 -4.09 -11.24 -7.08
C GLY A 18 -2.73 -11.71 -7.55
N THR A 19 -1.77 -10.80 -7.66
CA THR A 19 -0.37 -11.12 -7.97
C THR A 19 0.53 -10.37 -6.98
N PHE A 20 1.72 -10.88 -6.67
CA PHE A 20 2.66 -10.23 -5.76
C PHE A 20 3.86 -9.70 -6.53
N LEU A 21 4.39 -8.57 -6.06
CA LEU A 21 5.53 -7.85 -6.60
C LEU A 21 6.48 -7.57 -5.44
N SER A 22 7.68 -7.10 -5.74
CA SER A 22 8.49 -6.39 -4.76
C SER A 22 9.44 -5.43 -5.46
N THR A 23 9.83 -4.37 -4.75
CA THR A 23 10.82 -3.39 -5.17
C THR A 23 11.62 -2.95 -3.95
N THR A 24 12.83 -2.43 -4.19
CA THR A 24 13.64 -1.77 -3.19
C THR A 24 13.96 -0.38 -3.73
N LEU A 25 13.47 0.67 -3.08
CA LEU A 25 13.80 2.03 -3.50
C LEU A 25 14.92 2.54 -2.60
N LYS A 26 15.80 3.37 -3.15
CA LYS A 26 16.65 4.22 -2.34
C LYS A 26 15.84 5.46 -1.96
N LYS A 27 15.84 5.84 -0.68
CA LYS A 27 15.31 7.10 -0.19
C LYS A 27 16.18 8.22 -0.74
N SER A 28 15.76 8.93 -1.79
CA SER A 28 16.60 9.92 -2.45
C SER A 28 16.41 11.30 -1.81
N ASN A 29 15.52 12.15 -2.31
CA ASN A 29 15.34 13.51 -1.77
C ASN A 29 14.04 13.49 -0.98
N MET A 30 14.06 13.99 0.26
CA MET A 30 13.03 13.87 1.31
C MET A 30 12.69 12.42 1.71
N GLY A 31 12.34 11.56 0.76
CA GLY A 31 11.42 10.46 1.01
C GLY A 31 11.28 9.58 -0.21
N PHE A 32 10.28 8.71 -0.20
CA PHE A 32 10.01 7.82 -1.31
C PHE A 32 9.12 8.53 -2.33
N GLY A 33 9.24 8.12 -3.59
CA GLY A 33 8.41 8.64 -4.68
C GLY A 33 6.99 8.10 -4.64
N PHE A 34 6.46 7.69 -3.49
CA PHE A 34 5.08 7.27 -3.32
C PHE A 34 4.59 7.73 -1.95
N THR A 35 3.29 7.66 -1.73
CA THR A 35 2.64 7.95 -0.45
C THR A 35 1.80 6.73 -0.09
N ILE A 36 1.43 6.56 1.19
CA ILE A 36 0.71 5.40 1.68
C ILE A 36 -0.61 5.83 2.33
N ILE A 37 -1.55 4.89 2.39
CA ILE A 37 -2.76 4.90 3.18
C ILE A 37 -2.80 3.56 3.88
N GLY A 38 -3.36 3.53 5.08
CA GLY A 38 -3.98 2.40 5.75
C GLY A 38 -5.19 3.01 6.42
N GLY A 39 -6.24 2.21 6.60
CA GLY A 39 -7.55 2.74 6.93
C GLY A 39 -7.46 3.60 8.17
N ASP A 40 -7.25 2.95 9.31
CA ASP A 40 -7.20 3.62 10.60
C ASP A 40 -6.77 2.66 11.71
N GLU A 41 -7.32 1.44 11.73
CA GLU A 41 -6.94 0.37 12.66
C GLU A 41 -5.96 -0.61 11.99
N PRO A 42 -5.21 -1.42 12.77
CA PRO A 42 -4.28 -2.44 12.30
C PRO A 42 -5.04 -3.70 11.80
N ASP A 43 -6.10 -3.50 11.04
CA ASP A 43 -6.80 -4.56 10.31
C ASP A 43 -7.22 -4.10 8.92
N GLU A 44 -7.23 -2.80 8.66
CA GLU A 44 -7.49 -2.27 7.33
C GLU A 44 -6.19 -2.29 6.54
N PHE A 45 -6.22 -2.84 5.33
CA PHE A 45 -5.04 -2.95 4.50
C PHE A 45 -4.45 -1.59 4.20
N LEU A 46 -3.13 -1.60 4.09
CA LEU A 46 -2.32 -0.48 3.68
C LEU A 46 -2.16 -0.58 2.16
N GLN A 47 -2.37 0.51 1.43
CA GLN A 47 -2.19 0.57 -0.01
C GLN A 47 -1.31 1.76 -0.35
N VAL A 48 -0.59 1.69 -1.47
CA VAL A 48 0.10 2.84 -2.02
C VAL A 48 -0.98 3.86 -2.39
N LYS A 49 -0.99 4.99 -1.70
CA LYS A 49 -1.94 6.07 -1.86
C LYS A 49 -1.85 6.64 -3.26
N SER A 50 -0.65 7.05 -3.66
CA SER A 50 -0.28 7.42 -5.01
C SER A 50 1.21 7.23 -5.16
N VAL A 51 1.66 6.92 -6.37
CA VAL A 51 3.04 7.04 -6.78
C VAL A 51 3.21 8.46 -7.33
N ILE A 52 4.14 9.25 -6.79
CA ILE A 52 4.50 10.56 -7.28
C ILE A 52 5.33 10.36 -8.57
N PRO A 53 4.97 11.00 -9.70
CA PRO A 53 5.80 10.99 -10.89
C PRO A 53 7.11 11.74 -10.63
N ASP A 54 8.16 11.42 -11.39
CA ASP A 54 9.52 11.96 -11.30
C ASP A 54 10.33 11.38 -10.14
N GLY A 55 9.65 10.94 -9.07
CA GLY A 55 10.25 10.38 -7.87
C GLY A 55 10.85 9.00 -8.13
N PRO A 56 11.68 8.46 -7.21
CA PRO A 56 12.42 7.23 -7.45
C PRO A 56 11.53 6.00 -7.57
N ALA A 57 10.30 6.06 -7.05
CA ALA A 57 9.32 4.99 -7.21
C ALA A 57 8.92 4.89 -8.68
N ALA A 58 8.52 6.03 -9.27
CA ALA A 58 8.19 6.14 -10.68
C ALA A 58 9.39 5.73 -11.55
N GLN A 59 10.59 6.18 -11.20
CA GLN A 59 11.78 5.85 -11.97
C GLN A 59 12.16 4.36 -11.88
N ASP A 60 11.72 3.62 -10.87
CA ASP A 60 11.96 2.17 -10.81
C ASP A 60 10.86 1.43 -11.56
N GLY A 61 9.62 1.94 -11.51
CA GLY A 61 8.50 1.53 -12.34
C GLY A 61 7.77 0.29 -11.85
N LYS A 62 8.30 -0.44 -10.86
CA LYS A 62 7.70 -1.67 -10.37
C LYS A 62 6.50 -1.45 -9.43
N MET A 63 6.23 -0.22 -9.01
CA MET A 63 5.17 0.13 -8.07
C MET A 63 4.18 1.06 -8.77
N GLU A 64 2.89 0.86 -8.50
CA GLU A 64 1.81 1.66 -9.02
C GLU A 64 0.84 2.00 -7.87
N THR A 65 -0.12 2.87 -8.17
CA THR A 65 -1.08 3.36 -7.21
C THR A 65 -2.14 2.28 -6.99
N GLY A 66 -2.39 1.92 -5.73
CA GLY A 66 -3.37 0.91 -5.33
C GLY A 66 -2.76 -0.40 -4.88
N ASP A 67 -1.48 -0.64 -5.18
CA ASP A 67 -0.77 -1.83 -4.72
C ASP A 67 -0.81 -1.91 -3.18
N VAL A 68 -0.91 -3.11 -2.60
CA VAL A 68 -1.17 -3.37 -1.17
C VAL A 68 0.15 -3.62 -0.45
N ILE A 69 0.51 -2.84 0.57
CA ILE A 69 1.68 -3.02 1.44
C ILE A 69 1.50 -4.30 2.25
N VAL A 70 2.33 -5.30 1.94
CA VAL A 70 2.41 -6.54 2.69
C VAL A 70 3.50 -6.41 3.76
N TYR A 71 4.75 -6.22 3.31
CA TYR A 71 5.95 -6.33 4.11
C TYR A 71 6.88 -5.17 3.79
N ILE A 72 7.56 -4.61 4.80
CA ILE A 72 8.54 -3.54 4.66
C ILE A 72 9.87 -4.07 5.17
N ASN A 73 10.87 -3.98 4.32
CA ASN A 73 12.25 -4.44 4.49
C ASN A 73 12.32 -5.95 4.74
N GLU A 74 12.04 -6.42 5.94
CA GLU A 74 11.93 -7.85 6.25
C GLU A 74 10.77 -8.13 7.20
N VAL A 75 9.88 -7.17 7.44
CA VAL A 75 8.89 -7.20 8.52
C VAL A 75 7.49 -7.27 7.92
N CYS A 76 6.49 -7.83 8.62
CA CYS A 76 5.08 -7.73 8.23
C CYS A 76 4.48 -6.46 8.82
N VAL A 77 3.67 -5.73 8.06
CA VAL A 77 2.88 -4.58 8.55
C VAL A 77 1.42 -4.64 8.06
N LEU A 78 0.99 -5.70 7.38
CA LEU A 78 -0.24 -5.71 6.59
C LEU A 78 -1.55 -5.58 7.34
N GLY A 79 -1.58 -5.91 8.62
CA GLY A 79 -2.58 -5.42 9.55
C GLY A 79 -1.78 -4.79 10.68
N HIS A 80 -1.10 -3.70 10.34
CA HIS A 80 -0.49 -2.78 11.30
C HIS A 80 -1.05 -1.38 11.11
N THR A 81 -0.78 -0.46 12.03
CA THR A 81 -1.31 0.87 11.99
C THR A 81 -0.56 1.64 10.91
N HIS A 82 -1.29 2.41 10.10
CA HIS A 82 -0.74 3.46 9.27
C HIS A 82 0.07 4.44 10.12
N ALA A 83 -0.30 4.67 11.38
CA ALA A 83 0.50 5.52 12.27
C ALA A 83 1.92 4.97 12.47
N ASP A 84 2.10 3.65 12.62
CA ASP A 84 3.43 3.03 12.75
C ASP A 84 4.10 2.96 11.38
N VAL A 85 3.40 2.53 10.33
CA VAL A 85 3.99 2.39 8.99
C VAL A 85 4.54 3.73 8.49
N VAL A 86 3.81 4.82 8.67
CA VAL A 86 4.30 6.13 8.29
C VAL A 86 5.52 6.53 9.16
N LYS A 87 5.57 6.11 10.43
CA LYS A 87 6.75 6.23 11.26
C LYS A 87 7.91 5.47 10.60
N LEU A 88 7.63 4.26 10.13
CA LEU A 88 8.65 3.30 9.74
C LEU A 88 9.39 3.81 8.52
N PHE A 89 8.71 4.48 7.60
CA PHE A 89 9.33 5.08 6.43
C PHE A 89 10.22 6.29 6.80
N GLN A 90 9.97 6.93 7.94
CA GLN A 90 10.79 8.02 8.46
C GLN A 90 11.94 7.49 9.31
N SER A 91 11.88 6.23 9.78
CA SER A 91 13.01 5.55 10.39
C SER A 91 14.16 5.30 9.41
N VAL A 92 13.90 5.39 8.10
CA VAL A 92 14.88 5.18 7.04
C VAL A 92 15.62 6.51 6.81
N PRO A 93 16.95 6.57 6.95
CA PRO A 93 17.72 7.74 6.50
C PRO A 93 17.61 7.96 4.98
N ILE A 94 17.89 9.17 4.52
CA ILE A 94 18.19 9.41 3.12
C ILE A 94 19.44 8.61 2.72
N GLY A 95 19.50 8.24 1.44
CA GLY A 95 20.54 7.41 0.86
C GLY A 95 20.35 5.93 1.13
N GLN A 96 19.43 5.52 2.00
CA GLN A 96 19.33 4.11 2.37
C GLN A 96 18.28 3.44 1.50
N SER A 97 18.26 2.11 1.45
CA SER A 97 17.28 1.35 0.69
C SER A 97 16.44 0.51 1.64
N VAL A 98 15.17 0.31 1.30
CA VAL A 98 14.31 -0.66 1.96
C VAL A 98 13.51 -1.44 0.94
N ASN A 99 13.26 -2.72 1.20
CA ASN A 99 12.47 -3.59 0.34
C ASN A 99 11.00 -3.34 0.66
N LEU A 100 10.11 -3.64 -0.28
CA LEU A 100 8.67 -3.49 -0.13
C LEU A 100 8.06 -4.64 -0.94
N VAL A 101 7.38 -5.59 -0.30
CA VAL A 101 6.57 -6.59 -1.01
C VAL A 101 5.19 -5.97 -1.12
N LEU A 102 4.63 -5.91 -2.33
CA LEU A 102 3.26 -5.45 -2.54
C LEU A 102 2.43 -6.54 -3.23
N CYS A 103 1.11 -6.35 -3.27
CA CYS A 103 0.18 -7.18 -4.02
C CYS A 103 -0.68 -6.29 -4.94
N ARG A 104 -0.95 -6.78 -6.15
CA ARG A 104 -1.72 -6.17 -7.23
C ARG A 104 -3.02 -6.94 -7.43
N GLY A 105 -4.03 -6.27 -7.98
CA GLY A 105 -5.33 -6.85 -8.34
C GLY A 105 -6.45 -6.16 -7.57
N TYR A 106 -6.15 -5.72 -6.35
CA TYR A 106 -7.06 -4.96 -5.51
C TYR A 106 -7.30 -3.57 -6.13
N PRO A 107 -8.54 -3.06 -6.10
CA PRO A 107 -8.81 -1.66 -6.39
C PRO A 107 -8.31 -0.76 -5.27
N LEU A 108 -8.36 0.54 -5.52
CA LEU A 108 -8.07 1.62 -4.56
C LEU A 108 -9.12 1.64 -3.45
N PRO A 109 -8.87 2.28 -2.29
CA PRO A 109 -9.84 2.31 -1.21
C PRO A 109 -11.00 3.26 -1.50
N PHE A 110 -10.68 4.44 -2.03
CA PHE A 110 -11.64 5.46 -2.44
C PHE A 110 -12.24 5.08 -3.78
N ASP A 111 -13.52 5.40 -3.99
CA ASP A 111 -14.25 5.21 -5.23
C ASP A 111 -14.50 6.61 -5.81
N PRO A 112 -13.63 7.14 -6.69
CA PRO A 112 -13.84 8.47 -7.24
C PRO A 112 -14.99 8.52 -8.24
N GLU A 113 -15.46 7.37 -8.76
CA GLU A 113 -16.62 7.30 -9.63
C GLU A 113 -17.86 7.74 -8.86
N ASP A 114 -18.17 7.11 -7.72
CA ASP A 114 -19.17 7.58 -6.77
C ASP A 114 -19.05 6.76 -5.48
N PRO A 115 -18.65 7.34 -4.33
CA PRO A 115 -18.37 6.57 -3.12
C PRO A 115 -19.59 6.30 -2.25
N ALA A 116 -20.72 7.03 -2.41
CA ALA A 116 -21.97 6.91 -1.66
C ALA A 116 -22.78 8.15 -2.00
N ASN A 117 -23.22 8.23 -3.26
CA ASN A 117 -24.07 9.25 -3.85
C ASN A 117 -23.41 10.63 -3.94
N SER A 118 -24.03 11.55 -4.69
CA SER A 118 -23.54 12.90 -4.90
C SER A 118 -24.66 13.93 -4.96
N GLY A 119 -24.26 15.18 -5.19
CA GLY A 119 -25.04 16.28 -5.71
C GLY A 119 -24.06 17.42 -6.07
N PRO A 120 -24.45 18.37 -6.93
CA PRO A 120 -23.64 19.54 -7.20
C PRO A 120 -23.69 20.49 -5.99
N SER A 121 -22.67 21.33 -5.86
CA SER A 121 -22.46 22.25 -4.75
C SER A 121 -21.49 23.32 -5.26
N SER A 122 -21.95 24.56 -5.35
CA SER A 122 -21.22 25.72 -5.85
C SER A 122 -21.53 26.93 -4.95
N GLY A 123 -21.23 28.13 -5.42
CA GLY A 123 -22.03 29.30 -5.10
C GLY A 123 -22.94 29.57 -6.29
N GLY A 1 -9.09 -19.87 1.39
CA GLY A 1 -8.52 -21.22 1.42
C GLY A 1 -9.59 -22.25 1.09
N SER A 2 -10.09 -22.97 2.08
CA SER A 2 -11.17 -23.92 1.93
C SER A 2 -11.95 -23.90 3.24
N SER A 3 -13.26 -24.16 3.16
CA SER A 3 -14.15 -24.26 4.31
C SER A 3 -13.96 -23.08 5.27
N GLY A 4 -13.87 -21.86 4.73
CA GLY A 4 -13.41 -20.69 5.47
C GLY A 4 -14.57 -19.95 6.13
N SER A 5 -15.04 -18.87 5.49
CA SER A 5 -15.96 -17.86 6.04
C SER A 5 -15.32 -17.05 7.18
N SER A 6 -14.98 -17.68 8.30
CA SER A 6 -14.50 -17.05 9.52
C SER A 6 -13.25 -16.19 9.25
N GLY A 7 -13.28 -14.91 9.66
CA GLY A 7 -12.12 -14.03 9.64
C GLY A 7 -11.92 -13.39 8.27
N LEU A 8 -12.40 -12.15 8.12
CA LEU A 8 -12.18 -11.36 6.91
C LEU A 8 -10.79 -10.70 6.92
N PHE A 9 -10.11 -10.62 8.07
CA PHE A 9 -8.71 -10.19 8.12
C PHE A 9 -7.81 -11.28 7.51
N THR A 10 -6.58 -10.90 7.19
CA THR A 10 -5.57 -11.78 6.66
C THR A 10 -4.79 -12.50 7.76
N ARG A 11 -3.55 -12.07 8.04
CA ARG A 11 -2.46 -12.55 8.89
C ARG A 11 -1.21 -12.87 8.05
N ASP A 12 -1.36 -13.66 7.00
CA ASP A 12 -0.24 -14.42 6.41
C ASP A 12 -0.05 -14.19 4.89
N ALA A 13 -0.82 -13.26 4.32
CA ALA A 13 -0.78 -12.75 2.95
C ALA A 13 -1.06 -13.78 1.84
N SER A 14 -1.29 -15.06 2.16
CA SER A 14 -1.46 -16.09 1.14
C SER A 14 -2.91 -16.14 0.64
N GLN A 15 -3.84 -15.53 1.38
CA GLN A 15 -5.19 -15.30 0.89
C GLN A 15 -5.21 -14.31 -0.27
N LEU A 16 -4.28 -13.36 -0.38
CA LEU A 16 -4.49 -12.21 -1.25
C LEU A 16 -4.51 -12.69 -2.68
N LYS A 17 -5.44 -12.15 -3.45
CA LYS A 17 -5.61 -12.44 -4.86
C LYS A 17 -5.11 -11.22 -5.60
N GLY A 18 -4.19 -11.47 -6.52
CA GLY A 18 -3.36 -10.49 -7.21
C GLY A 18 -2.04 -11.16 -7.57
N THR A 19 -1.07 -10.39 -8.10
CA THR A 19 0.29 -10.88 -8.29
C THR A 19 1.09 -10.44 -7.06
N PHE A 20 2.23 -11.07 -6.78
CA PHE A 20 3.10 -10.72 -5.68
C PHE A 20 4.44 -10.31 -6.25
N LEU A 21 4.92 -9.18 -5.76
CA LEU A 21 6.06 -8.47 -6.29
C LEU A 21 6.64 -7.68 -5.12
N SER A 22 7.87 -7.23 -5.30
CA SER A 22 8.58 -6.41 -4.35
C SER A 22 9.43 -5.44 -5.15
N THR A 23 9.79 -4.30 -4.57
CA THR A 23 10.90 -3.52 -5.10
C THR A 23 11.59 -2.78 -3.97
N THR A 24 12.86 -2.43 -4.19
CA THR A 24 13.71 -1.78 -3.22
C THR A 24 13.92 -0.34 -3.68
N LEU A 25 13.43 0.63 -2.90
CA LEU A 25 13.66 2.03 -3.20
C LEU A 25 14.80 2.53 -2.34
N LYS A 26 15.63 3.42 -2.89
CA LYS A 26 16.57 4.22 -2.12
C LYS A 26 15.83 5.49 -1.69
N LYS A 27 16.09 5.94 -0.46
CA LYS A 27 15.53 7.17 0.05
C LYS A 27 16.26 8.31 -0.66
N SER A 28 15.65 8.95 -1.67
CA SER A 28 16.24 10.12 -2.31
C SER A 28 16.09 11.35 -1.38
N ASN A 29 16.50 12.52 -1.86
CA ASN A 29 16.50 13.79 -1.10
C ASN A 29 15.14 14.09 -0.47
N MET A 30 14.05 13.66 -1.12
CA MET A 30 12.66 13.93 -0.74
C MET A 30 11.99 12.67 -0.17
N GLY A 31 12.73 11.63 0.18
CA GLY A 31 12.20 10.41 0.75
C GLY A 31 11.87 9.41 -0.34
N PHE A 32 10.59 9.12 -0.60
CA PHE A 32 10.19 8.16 -1.62
C PHE A 32 9.27 8.82 -2.62
N GLY A 33 9.25 8.32 -3.85
CA GLY A 33 8.44 8.81 -4.96
C GLY A 33 7.04 8.25 -4.97
N PHE A 34 6.50 7.82 -3.83
CA PHE A 34 5.14 7.33 -3.69
C PHE A 34 4.63 7.78 -2.33
N THR A 35 3.35 7.54 -2.05
CA THR A 35 2.72 7.84 -0.78
C THR A 35 1.85 6.66 -0.39
N ILE A 36 1.51 6.54 0.90
CA ILE A 36 0.73 5.44 1.45
C ILE A 36 -0.51 6.01 2.16
N ILE A 37 -1.51 5.17 2.39
CA ILE A 37 -2.71 5.43 3.18
C ILE A 37 -2.90 4.23 4.13
N GLY A 38 -3.62 4.46 5.21
CA GLY A 38 -4.12 3.48 6.18
C GLY A 38 -5.52 3.90 6.59
N GLY A 39 -6.34 2.94 7.00
CA GLY A 39 -7.70 3.22 7.44
C GLY A 39 -7.70 4.11 8.68
N ASP A 40 -7.37 3.52 9.82
CA ASP A 40 -7.53 4.12 11.14
C ASP A 40 -6.88 3.25 12.22
N GLU A 41 -7.35 2.01 12.34
CA GLU A 41 -6.95 1.03 13.33
C GLU A 41 -5.74 0.24 12.82
N PRO A 42 -5.02 -0.48 13.72
CA PRO A 42 -3.93 -1.37 13.36
C PRO A 42 -4.46 -2.69 12.79
N ASP A 43 -5.39 -2.63 11.85
CA ASP A 43 -5.86 -3.80 11.11
C ASP A 43 -6.44 -3.46 9.73
N GLU A 44 -6.67 -2.19 9.37
CA GLU A 44 -7.00 -1.86 7.97
C GLU A 44 -5.79 -2.12 7.09
N PHE A 45 -6.05 -2.59 5.87
CA PHE A 45 -5.03 -2.93 4.90
C PHE A 45 -4.54 -1.62 4.26
N LEU A 46 -3.24 -1.39 4.31
CA LEU A 46 -2.55 -0.19 3.86
C LEU A 46 -2.35 -0.29 2.34
N GLN A 47 -2.56 0.80 1.61
CA GLN A 47 -2.40 0.82 0.15
C GLN A 47 -1.48 1.95 -0.28
N VAL A 48 -0.81 1.80 -1.42
CA VAL A 48 -0.09 2.90 -2.05
C VAL A 48 -1.12 3.93 -2.49
N LYS A 49 -1.12 5.10 -1.83
CA LYS A 49 -2.03 6.20 -2.04
C LYS A 49 -1.92 6.73 -3.47
N SER A 50 -0.69 6.97 -3.91
CA SER A 50 -0.33 7.53 -5.21
C SER A 50 1.14 7.19 -5.45
N VAL A 51 1.53 7.04 -6.72
CA VAL A 51 2.93 7.06 -7.17
C VAL A 51 3.15 8.44 -7.78
N ILE A 52 4.11 9.21 -7.26
CA ILE A 52 4.44 10.53 -7.76
C ILE A 52 5.20 10.36 -9.08
N PRO A 53 4.80 11.05 -10.17
CA PRO A 53 5.56 11.06 -11.41
C PRO A 53 6.92 11.71 -11.21
N ASP A 54 7.90 11.31 -12.00
CA ASP A 54 9.32 11.67 -11.92
C ASP A 54 10.00 11.18 -10.62
N GLY A 55 9.25 10.78 -9.59
CA GLY A 55 9.77 10.32 -8.31
C GLY A 55 10.53 8.99 -8.47
N PRO A 56 11.40 8.62 -7.50
CA PRO A 56 12.25 7.44 -7.64
C PRO A 56 11.47 6.12 -7.67
N ALA A 57 10.24 6.12 -7.16
CA ALA A 57 9.32 4.99 -7.30
C ALA A 57 8.86 4.84 -8.76
N ALA A 58 8.37 5.91 -9.41
CA ALA A 58 7.99 5.89 -10.82
C ALA A 58 9.20 5.51 -11.68
N GLN A 59 10.38 6.10 -11.42
CA GLN A 59 11.63 5.78 -12.09
C GLN A 59 12.14 4.36 -11.80
N ASP A 60 11.52 3.57 -10.92
CA ASP A 60 11.81 2.14 -10.75
C ASP A 60 10.88 1.30 -11.62
N GLY A 61 9.74 1.84 -12.05
CA GLY A 61 8.84 1.24 -13.04
C GLY A 61 8.21 -0.08 -12.61
N LYS A 62 7.95 -0.23 -11.31
CA LYS A 62 7.56 -1.49 -10.67
C LYS A 62 6.42 -1.32 -9.68
N MET A 63 6.43 -0.24 -8.90
CA MET A 63 5.38 0.08 -7.96
C MET A 63 4.33 0.93 -8.67
N GLU A 64 3.08 0.64 -8.35
CA GLU A 64 1.92 1.33 -8.89
C GLU A 64 0.89 1.61 -7.80
N THR A 65 -0.09 2.43 -8.14
CA THR A 65 -1.17 2.82 -7.26
C THR A 65 -2.21 1.69 -7.19
N GLY A 66 -3.06 1.68 -6.16
CA GLY A 66 -4.02 0.62 -5.88
C GLY A 66 -3.39 -0.56 -5.13
N ASP A 67 -2.07 -0.71 -5.16
CA ASP A 67 -1.42 -1.89 -4.58
C ASP A 67 -1.51 -1.87 -3.05
N VAL A 68 -1.50 -3.04 -2.43
CA VAL A 68 -1.59 -3.27 -0.98
C VAL A 68 -0.19 -3.58 -0.45
N ILE A 69 0.24 -2.93 0.64
CA ILE A 69 1.48 -3.19 1.35
C ILE A 69 1.29 -4.45 2.19
N VAL A 70 2.22 -5.39 2.00
CA VAL A 70 2.30 -6.63 2.76
C VAL A 70 3.43 -6.52 3.79
N TYR A 71 4.67 -6.31 3.31
CA TYR A 71 5.87 -6.27 4.13
C TYR A 71 6.72 -5.06 3.73
N ILE A 72 7.51 -4.55 4.67
CA ILE A 72 8.45 -3.45 4.49
C ILE A 72 9.80 -3.97 4.97
N ASN A 73 10.70 -4.18 4.01
CA ASN A 73 12.08 -4.64 4.14
C ASN A 73 12.14 -6.10 4.53
N GLU A 74 11.59 -6.41 5.69
CA GLU A 74 11.46 -7.75 6.27
C GLU A 74 10.21 -7.83 7.14
N VAL A 75 9.73 -6.71 7.68
CA VAL A 75 8.71 -6.63 8.71
C VAL A 75 7.34 -6.76 8.06
N CYS A 76 6.48 -7.62 8.61
CA CYS A 76 5.05 -7.66 8.31
C CYS A 76 4.42 -6.37 8.81
N VAL A 77 3.62 -5.72 7.97
CA VAL A 77 2.90 -4.50 8.33
C VAL A 77 1.44 -4.57 7.88
N LEU A 78 0.97 -5.72 7.37
CA LEU A 78 -0.27 -5.83 6.62
C LEU A 78 -1.48 -5.46 7.47
N GLY A 79 -1.39 -5.55 8.80
CA GLY A 79 -2.33 -4.97 9.75
C GLY A 79 -1.52 -4.33 10.87
N HIS A 80 -0.59 -3.45 10.51
CA HIS A 80 -0.09 -2.41 11.41
C HIS A 80 -0.87 -1.14 11.11
N THR A 81 -0.91 -0.19 12.06
CA THR A 81 -1.57 1.09 11.82
C THR A 81 -0.65 1.94 10.95
N HIS A 82 -1.25 2.91 10.24
CA HIS A 82 -0.51 3.95 9.56
C HIS A 82 0.39 4.72 10.53
N ALA A 83 0.07 4.79 11.83
CA ALA A 83 0.96 5.43 12.79
C ALA A 83 2.33 4.75 12.79
N ASP A 84 2.37 3.41 12.94
CA ASP A 84 3.61 2.64 12.97
C ASP A 84 4.24 2.64 11.57
N VAL A 85 3.46 2.44 10.51
CA VAL A 85 3.97 2.33 9.15
C VAL A 85 4.58 3.65 8.68
N VAL A 86 3.98 4.79 9.01
CA VAL A 86 4.60 6.08 8.75
C VAL A 86 5.90 6.19 9.54
N LYS A 87 5.96 5.72 10.80
CA LYS A 87 7.22 5.77 11.56
C LYS A 87 8.26 4.85 10.94
N LEU A 88 7.85 3.73 10.34
CA LEU A 88 8.71 2.79 9.67
C LEU A 88 9.32 3.48 8.45
N PHE A 89 8.52 4.17 7.64
CA PHE A 89 9.03 4.92 6.49
C PHE A 89 9.93 6.08 6.95
N GLN A 90 9.57 6.79 8.02
CA GLN A 90 10.41 7.84 8.59
C GLN A 90 11.74 7.28 9.11
N SER A 91 11.76 6.05 9.63
CA SER A 91 12.96 5.41 10.14
C SER A 91 14.05 5.33 9.07
N VAL A 92 13.72 5.38 7.79
CA VAL A 92 14.66 5.23 6.70
C VAL A 92 15.31 6.59 6.43
N PRO A 93 16.62 6.78 6.67
CA PRO A 93 17.32 8.01 6.36
C PRO A 93 17.75 8.06 4.88
N ILE A 94 18.16 9.25 4.44
CA ILE A 94 18.43 9.58 3.05
C ILE A 94 19.74 8.92 2.63
N GLY A 95 19.65 7.77 1.95
CA GLY A 95 20.77 7.02 1.42
C GLY A 95 20.62 5.52 1.63
N GLN A 96 19.73 5.08 2.52
CA GLN A 96 19.50 3.66 2.72
C GLN A 96 18.49 3.19 1.67
N SER A 97 18.37 1.88 1.48
CA SER A 97 17.41 1.27 0.59
C SER A 97 16.51 0.33 1.39
N VAL A 98 15.23 0.19 1.00
CA VAL A 98 14.27 -0.64 1.70
C VAL A 98 13.37 -1.33 0.68
N ASN A 99 13.06 -2.61 0.92
CA ASN A 99 12.21 -3.44 0.08
C ASN A 99 10.76 -3.19 0.45
N LEU A 100 9.82 -3.40 -0.48
CA LEU A 100 8.40 -3.18 -0.25
C LEU A 100 7.64 -4.26 -1.02
N VAL A 101 7.03 -5.23 -0.33
CA VAL A 101 6.28 -6.31 -0.97
C VAL A 101 4.86 -5.79 -1.13
N LEU A 102 4.37 -5.75 -2.36
CA LEU A 102 3.00 -5.35 -2.62
C LEU A 102 2.26 -6.51 -3.30
N CYS A 103 0.93 -6.45 -3.24
CA CYS A 103 0.04 -7.30 -4.02
C CYS A 103 -0.59 -6.43 -5.10
N ARG A 104 -0.35 -6.78 -6.37
CA ARG A 104 -0.84 -6.09 -7.55
C ARG A 104 -2.24 -6.58 -7.88
N GLY A 105 -3.20 -5.66 -8.00
CA GLY A 105 -4.51 -5.96 -8.57
C GLY A 105 -5.68 -5.62 -7.66
N TYR A 106 -5.41 -5.18 -6.43
CA TYR A 106 -6.41 -4.51 -5.60
C TYR A 106 -6.78 -3.19 -6.29
N PRO A 107 -8.04 -2.75 -6.26
CA PRO A 107 -8.41 -1.39 -6.60
C PRO A 107 -7.94 -0.44 -5.51
N LEU A 108 -8.13 0.86 -5.75
CA LEU A 108 -7.97 1.86 -4.68
C LEU A 108 -9.04 1.62 -3.58
N PRO A 109 -8.83 2.17 -2.38
CA PRO A 109 -9.84 2.15 -1.33
C PRO A 109 -10.88 3.25 -1.54
N PHE A 110 -10.44 4.44 -1.94
CA PHE A 110 -11.25 5.62 -2.24
C PHE A 110 -11.03 6.04 -3.69
N ASP A 111 -12.08 6.50 -4.37
CA ASP A 111 -12.06 7.01 -5.74
C ASP A 111 -12.13 8.54 -5.72
N PRO A 112 -11.04 9.26 -6.01
CA PRO A 112 -11.09 10.72 -6.20
C PRO A 112 -11.68 11.12 -7.55
N GLU A 113 -11.69 10.22 -8.54
CA GLU A 113 -12.08 10.55 -9.90
C GLU A 113 -13.58 10.87 -9.98
N ASP A 114 -14.40 10.18 -9.18
CA ASP A 114 -15.85 10.37 -9.10
C ASP A 114 -16.20 10.68 -7.65
N PRO A 115 -16.22 11.96 -7.25
CA PRO A 115 -16.50 12.34 -5.88
C PRO A 115 -17.99 12.18 -5.56
N ALA A 116 -18.89 12.44 -6.52
CA ALA A 116 -20.32 12.25 -6.34
C ALA A 116 -21.10 12.12 -7.65
N ASN A 117 -20.82 12.98 -8.64
CA ASN A 117 -21.49 13.11 -9.94
C ASN A 117 -22.94 13.57 -9.81
N SER A 118 -23.41 14.47 -10.69
CA SER A 118 -24.83 14.83 -10.89
C SER A 118 -24.96 15.79 -12.06
N GLY A 119 -25.59 15.39 -13.17
CA GLY A 119 -26.14 16.34 -14.13
C GLY A 119 -27.51 16.80 -13.61
N PRO A 120 -27.82 18.12 -13.52
CA PRO A 120 -29.12 18.61 -13.07
C PRO A 120 -30.23 18.40 -14.11
N SER A 121 -29.89 17.99 -15.35
CA SER A 121 -30.88 17.68 -16.37
C SER A 121 -30.32 16.65 -17.35
N SER A 122 -29.09 16.84 -17.86
CA SER A 122 -28.48 15.88 -18.77
C SER A 122 -26.95 15.90 -18.75
N GLY A 123 -26.28 16.93 -18.22
CA GLY A 123 -24.85 17.10 -18.29
C GLY A 123 -24.46 18.35 -17.54
N GLY A 1 -15.17 -30.48 18.10
CA GLY A 1 -13.82 -29.98 18.38
C GLY A 1 -13.15 -29.68 17.06
N SER A 2 -12.30 -28.67 17.00
CA SER A 2 -11.81 -28.11 15.74
C SER A 2 -10.37 -27.63 15.94
N SER A 3 -9.69 -27.23 14.87
CA SER A 3 -8.56 -26.34 14.88
C SER A 3 -8.59 -25.57 13.57
N GLY A 4 -7.95 -24.41 13.52
CA GLY A 4 -8.24 -23.39 12.53
C GLY A 4 -9.18 -22.36 13.15
N SER A 5 -9.11 -21.12 12.68
CA SER A 5 -9.92 -20.00 13.12
C SER A 5 -10.00 -18.96 12.00
N SER A 6 -10.82 -19.27 10.98
CA SER A 6 -11.11 -18.31 9.93
C SER A 6 -11.91 -17.12 10.45
N GLY A 7 -11.92 -16.04 9.68
CA GLY A 7 -12.70 -14.84 9.92
C GLY A 7 -12.85 -14.15 8.59
N LEU A 8 -12.26 -12.96 8.43
CA LEU A 8 -12.10 -12.31 7.13
C LEU A 8 -10.65 -11.87 7.00
N PHE A 9 -10.08 -11.24 8.04
CA PHE A 9 -8.70 -10.80 8.03
C PHE A 9 -7.74 -11.95 7.69
N THR A 10 -6.58 -11.56 7.16
CA THR A 10 -5.53 -12.42 6.69
C THR A 10 -4.68 -12.91 7.87
N ARG A 11 -3.46 -12.39 7.98
CA ARG A 11 -2.35 -12.56 8.94
C ARG A 11 -1.05 -12.81 8.21
N ASP A 12 -1.06 -13.67 7.20
CA ASP A 12 0.19 -14.27 6.69
C ASP A 12 0.38 -14.04 5.19
N ALA A 13 -0.34 -13.06 4.64
CA ALA A 13 -0.42 -12.74 3.21
C ALA A 13 -0.89 -13.89 2.31
N SER A 14 -1.12 -15.08 2.85
CA SER A 14 -1.40 -16.27 2.09
C SER A 14 -2.74 -16.17 1.37
N GLN A 15 -3.79 -15.65 2.03
CA GLN A 15 -5.15 -15.66 1.51
C GLN A 15 -5.43 -14.56 0.46
N LEU A 16 -4.44 -13.82 0.00
CA LEU A 16 -4.66 -12.85 -1.07
C LEU A 16 -4.83 -13.62 -2.39
N LYS A 17 -5.35 -12.97 -3.44
CA LYS A 17 -5.57 -13.61 -4.75
C LYS A 17 -4.98 -12.80 -5.91
N GLY A 18 -4.39 -11.64 -5.65
CA GLY A 18 -3.61 -10.87 -6.63
C GLY A 18 -2.21 -11.46 -6.79
N THR A 19 -1.42 -10.95 -7.73
CA THR A 19 -0.01 -11.32 -7.86
C THR A 19 0.82 -10.43 -6.94
N PHE A 20 1.94 -10.96 -6.45
CA PHE A 20 2.86 -10.30 -5.54
C PHE A 20 4.06 -9.76 -6.31
N LEU A 21 4.62 -8.63 -5.85
CA LEU A 21 5.67 -7.90 -6.55
C LEU A 21 6.70 -7.38 -5.56
N SER A 22 7.88 -6.99 -6.04
CA SER A 22 8.98 -6.58 -5.18
C SER A 22 9.84 -5.49 -5.83
N THR A 23 9.93 -4.35 -5.17
CA THR A 23 10.81 -3.24 -5.52
C THR A 23 11.58 -2.91 -4.24
N THR A 24 12.81 -2.41 -4.38
CA THR A 24 13.58 -1.89 -3.27
C THR A 24 13.84 -0.42 -3.59
N LEU A 25 13.31 0.50 -2.79
CA LEU A 25 13.49 1.92 -3.02
C LEU A 25 14.60 2.41 -2.11
N LYS A 26 15.52 3.21 -2.66
CA LYS A 26 16.47 3.99 -1.89
C LYS A 26 15.75 5.26 -1.45
N LYS A 27 16.00 5.70 -0.23
CA LYS A 27 15.58 7.00 0.27
C LYS A 27 16.34 8.03 -0.56
N SER A 28 15.67 8.63 -1.55
CA SER A 28 16.26 9.46 -2.57
C SER A 28 15.36 10.63 -2.94
N ASN A 29 15.98 11.67 -3.50
CA ASN A 29 15.37 12.86 -4.07
C ASN A 29 14.64 13.65 -2.97
N MET A 30 13.45 13.21 -2.54
CA MET A 30 12.92 13.50 -1.22
C MET A 30 12.22 12.24 -0.72
N GLY A 31 12.97 11.36 -0.06
CA GLY A 31 12.46 10.19 0.61
C GLY A 31 12.04 9.13 -0.37
N PHE A 32 10.73 8.86 -0.52
CA PHE A 32 10.24 7.93 -1.53
C PHE A 32 9.18 8.62 -2.37
N GLY A 33 9.21 8.36 -3.68
CA GLY A 33 8.32 8.97 -4.65
C GLY A 33 6.95 8.29 -4.69
N PHE A 34 6.41 7.90 -3.54
CA PHE A 34 5.03 7.45 -3.38
C PHE A 34 4.58 7.87 -1.99
N THR A 35 3.28 7.76 -1.70
CA THR A 35 2.72 7.91 -0.37
C THR A 35 1.78 6.72 -0.11
N ILE A 36 1.38 6.50 1.15
CA ILE A 36 0.65 5.33 1.60
C ILE A 36 -0.65 5.78 2.28
N ILE A 37 -1.60 4.86 2.42
CA ILE A 37 -2.80 4.98 3.25
C ILE A 37 -2.98 3.65 3.98
N GLY A 38 -3.66 3.70 5.11
CA GLY A 38 -4.29 2.59 5.81
C GLY A 38 -5.64 3.13 6.31
N GLY A 39 -6.63 2.25 6.46
CA GLY A 39 -7.99 2.59 6.83
C GLY A 39 -8.03 3.50 8.05
N ASP A 40 -7.64 2.98 9.20
CA ASP A 40 -7.22 3.75 10.37
C ASP A 40 -6.51 2.86 11.40
N GLU A 41 -6.88 1.58 11.45
CA GLU A 41 -6.50 0.65 12.52
C GLU A 41 -5.63 -0.50 12.00
N PRO A 42 -5.01 -1.29 12.91
CA PRO A 42 -4.25 -2.47 12.54
C PRO A 42 -5.22 -3.60 12.20
N ASP A 43 -5.83 -3.51 11.02
CA ASP A 43 -6.79 -4.48 10.46
C ASP A 43 -7.04 -4.14 8.99
N GLU A 44 -7.03 -2.85 8.64
CA GLU A 44 -7.18 -2.44 7.26
C GLU A 44 -5.85 -2.59 6.52
N PHE A 45 -5.92 -3.10 5.30
CA PHE A 45 -4.76 -3.31 4.46
C PHE A 45 -4.23 -1.96 3.99
N LEU A 46 -2.93 -1.77 4.15
CA LEU A 46 -2.21 -0.55 3.78
C LEU A 46 -1.92 -0.59 2.30
N GLN A 47 -2.10 0.53 1.59
CA GLN A 47 -2.01 0.58 0.13
C GLN A 47 -1.24 1.82 -0.32
N VAL A 48 -0.59 1.75 -1.48
CA VAL A 48 0.03 2.91 -2.10
C VAL A 48 -1.07 3.92 -2.44
N LYS A 49 -1.08 5.07 -1.76
CA LYS A 49 -2.04 6.15 -1.90
C LYS A 49 -1.92 6.79 -3.28
N SER A 50 -0.71 7.21 -3.64
CA SER A 50 -0.34 7.68 -4.96
C SER A 50 1.14 7.36 -5.19
N VAL A 51 1.53 7.13 -6.44
CA VAL A 51 2.92 7.20 -6.87
C VAL A 51 3.12 8.64 -7.37
N ILE A 52 4.05 9.39 -6.77
CA ILE A 52 4.43 10.72 -7.23
C ILE A 52 5.11 10.52 -8.59
N PRO A 53 4.70 11.24 -9.65
CA PRO A 53 5.35 11.18 -10.93
C PRO A 53 6.74 11.79 -10.85
N ASP A 54 7.62 11.40 -11.78
CA ASP A 54 9.05 11.73 -11.80
C ASP A 54 9.66 11.70 -10.40
N GLY A 55 9.52 10.55 -9.74
CA GLY A 55 10.06 10.28 -8.42
C GLY A 55 10.67 8.87 -8.39
N PRO A 56 11.44 8.53 -7.35
CA PRO A 56 12.27 7.32 -7.35
C PRO A 56 11.46 6.02 -7.31
N ALA A 57 10.19 6.06 -6.90
CA ALA A 57 9.29 4.92 -7.03
C ALA A 57 8.95 4.74 -8.51
N ALA A 58 8.39 5.79 -9.12
CA ALA A 58 7.97 5.83 -10.52
C ALA A 58 9.09 5.39 -11.46
N GLN A 59 10.33 5.75 -11.15
CA GLN A 59 11.49 5.38 -11.96
C GLN A 59 11.98 3.94 -11.72
N ASP A 60 11.56 3.23 -10.67
CA ASP A 60 11.86 1.79 -10.58
C ASP A 60 10.83 0.97 -11.34
N GLY A 61 9.63 1.53 -11.55
CA GLY A 61 8.65 1.08 -12.51
C GLY A 61 7.99 -0.25 -12.18
N LYS A 62 7.82 -0.62 -10.90
CA LYS A 62 7.12 -1.85 -10.51
C LYS A 62 5.94 -1.58 -9.59
N MET A 63 5.94 -0.48 -8.85
CA MET A 63 4.85 -0.05 -8.00
C MET A 63 3.88 0.77 -8.83
N GLU A 64 2.58 0.61 -8.59
CA GLU A 64 1.56 1.52 -9.08
C GLU A 64 0.65 1.87 -7.91
N THR A 65 -0.21 2.85 -8.14
CA THR A 65 -1.16 3.31 -7.15
C THR A 65 -2.17 2.18 -6.89
N GLY A 66 -2.63 2.07 -5.64
CA GLY A 66 -3.60 1.04 -5.20
C GLY A 66 -2.94 -0.25 -4.72
N ASP A 67 -1.68 -0.50 -5.07
CA ASP A 67 -0.99 -1.74 -4.69
C ASP A 67 -0.91 -1.85 -3.16
N VAL A 68 -1.04 -3.06 -2.61
CA VAL A 68 -1.19 -3.32 -1.16
C VAL A 68 0.17 -3.64 -0.56
N ILE A 69 0.64 -2.88 0.43
CA ILE A 69 1.86 -3.14 1.18
C ILE A 69 1.61 -4.34 2.09
N VAL A 70 2.32 -5.44 1.81
CA VAL A 70 2.34 -6.62 2.65
C VAL A 70 3.46 -6.50 3.71
N TYR A 71 4.70 -6.38 3.25
CA TYR A 71 5.90 -6.37 4.07
C TYR A 71 6.73 -5.17 3.66
N ILE A 72 7.48 -4.61 4.60
CA ILE A 72 8.43 -3.53 4.36
C ILE A 72 9.76 -4.10 4.81
N ASN A 73 10.70 -4.14 3.89
CA ASN A 73 12.01 -4.77 4.03
C ASN A 73 11.80 -6.26 4.20
N GLU A 74 11.59 -6.71 5.44
CA GLU A 74 11.16 -8.06 5.80
C GLU A 74 10.10 -8.03 6.91
N VAL A 75 9.88 -6.89 7.54
CA VAL A 75 8.92 -6.70 8.62
C VAL A 75 7.52 -6.86 8.05
N CYS A 76 6.69 -7.74 8.64
CA CYS A 76 5.28 -7.76 8.29
C CYS A 76 4.63 -6.52 8.87
N VAL A 77 3.92 -5.82 8.01
CA VAL A 77 3.15 -4.64 8.32
C VAL A 77 1.75 -4.76 7.67
N LEU A 78 1.33 -5.96 7.26
CA LEU A 78 0.18 -6.14 6.39
C LEU A 78 -1.11 -5.58 6.99
N GLY A 79 -1.27 -5.71 8.31
CA GLY A 79 -2.34 -5.13 9.11
C GLY A 79 -1.73 -4.29 10.22
N HIS A 80 -0.65 -3.57 9.94
CA HIS A 80 -0.15 -2.53 10.86
C HIS A 80 -1.07 -1.30 10.81
N THR A 81 -0.86 -0.37 11.73
CA THR A 81 -1.38 0.98 11.64
C THR A 81 -0.56 1.76 10.60
N HIS A 82 -1.24 2.56 9.79
CA HIS A 82 -0.61 3.62 9.00
C HIS A 82 0.23 4.50 9.91
N ALA A 83 -0.29 4.90 11.06
CA ALA A 83 0.43 5.73 12.02
C ALA A 83 1.76 5.12 12.48
N ASP A 84 1.94 3.79 12.39
CA ASP A 84 3.22 3.14 12.67
C ASP A 84 4.09 3.07 11.43
N VAL A 85 3.57 2.56 10.32
CA VAL A 85 4.23 2.39 9.02
C VAL A 85 4.80 3.72 8.52
N VAL A 86 4.11 4.82 8.77
CA VAL A 86 4.60 6.16 8.50
C VAL A 86 5.84 6.45 9.36
N LYS A 87 5.87 6.05 10.64
CA LYS A 87 7.05 6.26 11.49
C LYS A 87 8.19 5.39 10.97
N LEU A 88 7.87 4.19 10.49
CA LEU A 88 8.82 3.24 9.97
C LEU A 88 9.46 3.79 8.69
N PHE A 89 8.72 4.47 7.83
CA PHE A 89 9.29 5.13 6.65
C PHE A 89 10.11 6.37 7.05
N GLN A 90 9.77 7.06 8.14
CA GLN A 90 10.60 8.13 8.69
C GLN A 90 11.94 7.56 9.19
N SER A 91 11.94 6.36 9.77
CA SER A 91 13.15 5.73 10.31
C SER A 91 14.18 5.36 9.24
N VAL A 92 13.87 5.52 7.94
CA VAL A 92 14.79 5.31 6.84
C VAL A 92 15.48 6.65 6.54
N PRO A 93 16.74 6.89 6.94
CA PRO A 93 17.44 8.10 6.57
C PRO A 93 17.87 8.09 5.10
N ILE A 94 18.28 9.26 4.62
CA ILE A 94 18.70 9.52 3.25
C ILE A 94 19.89 8.60 2.93
N GLY A 95 19.73 7.77 1.88
CA GLY A 95 20.78 6.90 1.36
C GLY A 95 20.58 5.42 1.70
N GLN A 96 19.66 5.07 2.60
CA GLN A 96 19.33 3.68 2.90
C GLN A 96 18.33 3.17 1.85
N SER A 97 18.19 1.85 1.71
CA SER A 97 17.27 1.24 0.77
C SER A 97 16.41 0.17 1.47
N VAL A 98 15.11 0.13 1.16
CA VAL A 98 14.15 -0.77 1.78
C VAL A 98 13.37 -1.51 0.70
N ASN A 99 13.07 -2.78 0.94
CA ASN A 99 12.27 -3.64 0.07
C ASN A 99 10.81 -3.34 0.36
N LEU A 100 9.92 -3.66 -0.56
CA LEU A 100 8.50 -3.49 -0.41
C LEU A 100 7.88 -4.68 -1.12
N VAL A 101 7.21 -5.57 -0.40
CA VAL A 101 6.41 -6.63 -1.02
C VAL A 101 5.03 -6.02 -1.18
N LEU A 102 4.60 -5.85 -2.44
CA LEU A 102 3.27 -5.37 -2.73
C LEU A 102 2.43 -6.53 -3.27
N CYS A 103 1.11 -6.36 -3.31
CA CYS A 103 0.17 -7.21 -4.03
C CYS A 103 -0.60 -6.29 -4.99
N ARG A 104 -0.65 -6.69 -6.26
CA ARG A 104 -1.42 -6.07 -7.33
C ARG A 104 -2.90 -6.41 -7.16
N GLY A 105 -3.79 -5.59 -7.72
CA GLY A 105 -5.07 -6.08 -8.19
C GLY A 105 -6.18 -6.05 -7.15
N TYR A 106 -5.85 -5.81 -5.88
CA TYR A 106 -6.81 -5.16 -5.00
C TYR A 106 -7.05 -3.75 -5.55
N PRO A 107 -8.31 -3.26 -5.58
CA PRO A 107 -8.62 -1.90 -5.96
C PRO A 107 -8.10 -0.93 -4.89
N LEU A 108 -8.23 0.37 -5.14
CA LEU A 108 -8.06 1.40 -4.12
C LEU A 108 -9.07 1.17 -2.97
N PRO A 109 -8.85 1.76 -1.78
CA PRO A 109 -9.78 1.63 -0.67
C PRO A 109 -10.99 2.55 -0.81
N PHE A 110 -10.76 3.83 -1.11
CA PHE A 110 -11.78 4.87 -1.18
C PHE A 110 -11.95 5.29 -2.64
N ASP A 111 -13.20 5.29 -3.11
CA ASP A 111 -13.59 5.61 -4.46
C ASP A 111 -14.34 6.93 -4.44
N PRO A 112 -13.84 8.01 -5.07
CA PRO A 112 -14.69 9.13 -5.45
C PRO A 112 -15.62 8.77 -6.61
N GLU A 113 -15.34 7.67 -7.32
CA GLU A 113 -16.09 7.25 -8.51
C GLU A 113 -17.25 6.30 -8.15
N ASP A 114 -17.34 5.89 -6.89
CA ASP A 114 -18.43 5.09 -6.33
C ASP A 114 -19.77 5.86 -6.39
N PRO A 115 -19.86 7.13 -5.94
CA PRO A 115 -21.06 7.93 -6.13
C PRO A 115 -21.28 8.29 -7.61
N ALA A 116 -20.35 9.05 -8.20
CA ALA A 116 -20.34 9.55 -9.58
C ALA A 116 -19.34 10.68 -9.63
N ASN A 117 -18.20 10.50 -10.32
CA ASN A 117 -17.30 11.59 -10.65
C ASN A 117 -16.74 11.30 -12.05
N SER A 118 -15.43 11.42 -12.31
CA SER A 118 -14.78 11.09 -13.59
C SER A 118 -13.25 11.14 -13.40
N GLY A 119 -12.63 10.04 -13.01
CA GLY A 119 -11.21 9.99 -12.65
C GLY A 119 -10.31 9.71 -13.85
N PRO A 120 -9.01 10.08 -13.81
CA PRO A 120 -8.08 9.90 -14.91
C PRO A 120 -7.54 8.46 -14.98
N SER A 121 -8.42 7.49 -15.18
CA SER A 121 -8.06 6.14 -15.62
C SER A 121 -7.33 6.20 -16.97
N SER A 122 -6.43 5.25 -17.22
CA SER A 122 -5.73 4.94 -18.47
C SER A 122 -4.57 4.00 -18.16
N GLY A 123 -4.50 2.88 -18.86
CA GLY A 123 -3.35 1.99 -18.84
C GLY A 123 -3.19 1.34 -17.48
N GLY A 1 -4.03 -29.86 -8.59
CA GLY A 1 -5.34 -29.42 -8.11
C GLY A 1 -5.19 -28.11 -7.36
N SER A 2 -6.19 -27.76 -6.56
CA SER A 2 -6.14 -26.61 -5.68
C SER A 2 -7.18 -26.84 -4.57
N SER A 3 -7.08 -26.05 -3.51
CA SER A 3 -8.08 -25.93 -2.47
C SER A 3 -7.85 -24.56 -1.85
N GLY A 4 -8.68 -23.59 -2.22
CA GLY A 4 -8.65 -22.24 -1.65
C GLY A 4 -9.39 -22.21 -0.32
N SER A 5 -9.42 -21.04 0.31
CA SER A 5 -10.18 -20.84 1.53
C SER A 5 -10.71 -19.39 1.59
N SER A 6 -11.48 -19.12 2.63
CA SER A 6 -12.25 -17.90 2.86
C SER A 6 -11.81 -17.28 4.20
N GLY A 7 -12.25 -16.06 4.52
CA GLY A 7 -11.82 -15.37 5.74
C GLY A 7 -12.46 -13.99 5.82
N LEU A 8 -12.06 -13.23 6.85
CA LEU A 8 -12.20 -11.79 6.88
C LEU A 8 -10.79 -11.28 6.59
N PHE A 9 -10.02 -11.08 7.66
CA PHE A 9 -8.61 -10.75 7.70
C PHE A 9 -7.78 -11.90 7.12
N THR A 10 -6.55 -11.57 6.71
CA THR A 10 -5.53 -12.45 6.16
C THR A 10 -4.71 -13.10 7.28
N ARG A 11 -3.42 -12.75 7.39
CA ARG A 11 -2.32 -13.17 8.28
C ARG A 11 -1.02 -13.19 7.47
N ASP A 12 -0.86 -14.16 6.58
CA ASP A 12 0.42 -14.47 5.92
C ASP A 12 0.52 -13.93 4.48
N ALA A 13 -0.39 -13.03 4.12
CA ALA A 13 -0.62 -12.49 2.77
C ALA A 13 -1.27 -13.50 1.82
N SER A 14 -1.34 -14.78 2.17
CA SER A 14 -1.77 -15.85 1.27
C SER A 14 -3.25 -15.72 0.91
N GLN A 15 -4.05 -15.14 1.81
CA GLN A 15 -5.47 -14.93 1.55
C GLN A 15 -5.71 -13.63 0.75
N LEU A 16 -4.68 -12.88 0.38
CA LEU A 16 -4.84 -11.88 -0.66
C LEU A 16 -5.00 -12.63 -1.98
N LYS A 17 -5.90 -12.15 -2.84
CA LYS A 17 -6.01 -12.56 -4.22
C LYS A 17 -5.42 -11.41 -5.00
N GLY A 18 -4.54 -11.71 -5.95
CA GLY A 18 -3.73 -10.72 -6.63
C GLY A 18 -2.44 -11.36 -7.12
N THR A 19 -1.45 -10.55 -7.50
CA THR A 19 -0.16 -11.01 -7.97
C THR A 19 0.88 -10.13 -7.28
N PHE A 20 1.96 -10.74 -6.79
CA PHE A 20 2.91 -10.10 -5.90
C PHE A 20 4.17 -9.73 -6.67
N LEU A 21 4.79 -8.65 -6.22
CA LEU A 21 6.07 -8.16 -6.65
C LEU A 21 6.81 -7.55 -5.45
N SER A 22 8.09 -7.26 -5.64
CA SER A 22 8.97 -6.69 -4.63
C SER A 22 9.82 -5.58 -5.26
N THR A 23 10.08 -4.49 -4.56
CA THR A 23 10.98 -3.44 -5.01
C THR A 23 11.79 -2.93 -3.84
N THR A 24 12.95 -2.34 -4.14
CA THR A 24 13.85 -1.77 -3.17
C THR A 24 14.20 -0.38 -3.70
N LEU A 25 13.66 0.67 -3.08
CA LEU A 25 13.95 2.04 -3.47
C LEU A 25 15.02 2.55 -2.52
N LYS A 26 15.76 3.56 -2.97
CA LYS A 26 16.74 4.27 -2.17
C LYS A 26 16.16 5.65 -1.84
N LYS A 27 16.36 6.10 -0.60
CA LYS A 27 15.86 7.35 -0.06
C LYS A 27 16.43 8.53 -0.84
N SER A 28 15.65 9.17 -1.73
CA SER A 28 16.12 10.37 -2.40
C SER A 28 15.88 11.61 -1.51
N ASN A 29 16.13 12.79 -2.07
CA ASN A 29 15.96 14.08 -1.41
C ASN A 29 14.56 14.24 -0.81
N MET A 30 13.54 13.74 -1.52
CA MET A 30 12.14 13.86 -1.16
C MET A 30 11.53 12.56 -0.59
N GLY A 31 12.39 11.60 -0.25
CA GLY A 31 12.01 10.40 0.47
C GLY A 31 11.80 9.25 -0.50
N PHE A 32 10.55 8.88 -0.73
CA PHE A 32 10.18 7.90 -1.76
C PHE A 32 9.15 8.57 -2.64
N GLY A 33 9.08 8.15 -3.91
CA GLY A 33 8.16 8.74 -4.87
C GLY A 33 6.80 8.08 -4.80
N PHE A 34 6.30 7.76 -3.60
CA PHE A 34 4.96 7.25 -3.40
C PHE A 34 4.48 7.71 -2.02
N THR A 35 3.18 7.59 -1.77
CA THR A 35 2.53 7.94 -0.52
C THR A 35 1.57 6.81 -0.16
N ILE A 36 1.26 6.64 1.13
CA ILE A 36 0.54 5.49 1.64
C ILE A 36 -0.78 5.96 2.32
N ILE A 37 -1.72 5.03 2.47
CA ILE A 37 -2.98 5.15 3.21
C ILE A 37 -3.14 3.84 4.03
N GLY A 38 -3.98 3.88 5.06
CA GLY A 38 -4.43 2.75 5.87
C GLY A 38 -5.91 2.91 6.10
N GLY A 39 -6.62 1.80 6.28
CA GLY A 39 -8.07 1.78 6.40
C GLY A 39 -8.57 2.73 7.48
N ASP A 40 -8.47 2.36 8.75
CA ASP A 40 -9.10 3.14 9.84
C ASP A 40 -8.68 2.66 11.24
N GLU A 41 -8.34 1.38 11.37
CA GLU A 41 -8.05 0.72 12.63
C GLU A 41 -6.78 -0.14 12.53
N PRO A 42 -6.23 -0.62 13.67
CA PRO A 42 -5.00 -1.41 13.76
C PRO A 42 -5.15 -2.85 13.22
N ASP A 43 -5.95 -3.07 12.16
CA ASP A 43 -6.19 -4.35 11.52
C ASP A 43 -6.47 -4.22 10.02
N GLU A 44 -6.78 -3.00 9.53
CA GLU A 44 -7.10 -2.82 8.11
C GLU A 44 -5.85 -2.96 7.25
N PHE A 45 -6.08 -3.10 5.94
CA PHE A 45 -5.04 -3.15 4.93
C PHE A 45 -4.44 -1.74 4.78
N LEU A 46 -3.22 -1.71 4.27
CA LEU A 46 -2.42 -0.52 3.93
C LEU A 46 -2.19 -0.54 2.43
N GLN A 47 -2.40 0.58 1.73
CA GLN A 47 -2.23 0.68 0.28
C GLN A 47 -1.37 1.88 -0.10
N VAL A 48 -0.70 1.81 -1.25
CA VAL A 48 -0.10 2.97 -1.88
C VAL A 48 -1.23 3.88 -2.36
N LYS A 49 -1.40 5.03 -1.68
CA LYS A 49 -2.39 6.06 -1.98
C LYS A 49 -2.18 6.66 -3.36
N SER A 50 -0.91 6.94 -3.70
CA SER A 50 -0.49 7.54 -4.96
C SER A 50 1.00 7.25 -5.16
N VAL A 51 1.43 6.99 -6.40
CA VAL A 51 2.81 7.07 -6.85
C VAL A 51 3.02 8.49 -7.38
N ILE A 52 3.98 9.22 -6.85
CA ILE A 52 4.29 10.59 -7.23
C ILE A 52 5.12 10.53 -8.52
N PRO A 53 4.78 11.33 -9.55
CA PRO A 53 5.58 11.40 -10.76
C PRO A 53 6.97 11.97 -10.47
N ASP A 54 7.86 11.86 -11.45
CA ASP A 54 9.17 12.51 -11.46
C ASP A 54 10.02 12.09 -10.24
N GLY A 55 9.76 10.87 -9.74
CA GLY A 55 10.30 10.34 -8.49
C GLY A 55 11.10 9.05 -8.66
N PRO A 56 11.67 8.50 -7.57
CA PRO A 56 12.46 7.28 -7.61
C PRO A 56 11.56 6.04 -7.77
N ALA A 57 10.32 6.07 -7.28
CA ALA A 57 9.37 4.98 -7.50
C ALA A 57 9.01 4.92 -8.98
N ALA A 58 8.63 6.06 -9.58
CA ALA A 58 8.21 6.14 -10.97
C ALA A 58 9.31 5.72 -11.96
N GLN A 59 10.59 5.96 -11.66
CA GLN A 59 11.70 5.50 -12.51
C GLN A 59 11.99 4.01 -12.36
N ASP A 60 11.58 3.39 -11.25
CA ASP A 60 11.73 1.96 -11.01
C ASP A 60 10.57 1.21 -11.65
N GLY A 61 9.35 1.73 -11.51
CA GLY A 61 8.15 1.26 -12.19
C GLY A 61 7.59 -0.06 -11.66
N LYS A 62 8.18 -0.65 -10.61
CA LYS A 62 7.64 -1.88 -10.02
C LYS A 62 6.54 -1.62 -9.00
N MET A 63 6.27 -0.36 -8.66
CA MET A 63 5.24 0.06 -7.71
C MET A 63 4.29 1.02 -8.42
N GLU A 64 3.00 0.89 -8.11
CA GLU A 64 1.95 1.71 -8.67
C GLU A 64 0.91 2.04 -7.57
N THR A 65 -0.13 2.76 -7.96
CA THR A 65 -1.15 3.29 -7.07
C THR A 65 -2.27 2.26 -6.92
N GLY A 66 -2.72 2.02 -5.67
CA GLY A 66 -3.73 1.04 -5.31
C GLY A 66 -3.13 -0.25 -4.75
N ASP A 67 -1.82 -0.43 -4.93
CA ASP A 67 -1.09 -1.60 -4.47
C ASP A 67 -1.20 -1.75 -2.95
N VAL A 68 -1.19 -2.98 -2.44
CA VAL A 68 -1.34 -3.31 -1.02
C VAL A 68 0.04 -3.57 -0.43
N ILE A 69 0.46 -2.86 0.62
CA ILE A 69 1.71 -3.09 1.34
C ILE A 69 1.56 -4.33 2.20
N VAL A 70 2.20 -5.42 1.78
CA VAL A 70 2.25 -6.64 2.54
C VAL A 70 3.34 -6.50 3.62
N TYR A 71 4.57 -6.23 3.18
CA TYR A 71 5.75 -6.25 4.02
C TYR A 71 6.54 -4.97 3.76
N ILE A 72 7.24 -4.52 4.81
CA ILE A 72 8.21 -3.44 4.78
C ILE A 72 9.48 -4.05 5.34
N ASN A 73 10.50 -4.10 4.49
CA ASN A 73 11.85 -4.62 4.66
C ASN A 73 11.90 -6.13 4.94
N GLU A 74 11.23 -6.56 5.99
CA GLU A 74 11.10 -7.94 6.45
C GLU A 74 9.93 -8.10 7.46
N VAL A 75 9.13 -7.06 7.69
CA VAL A 75 8.13 -6.99 8.75
C VAL A 75 6.74 -7.07 8.11
N CYS A 76 5.89 -7.97 8.58
CA CYS A 76 4.51 -8.13 8.12
C CYS A 76 3.61 -7.05 8.73
N VAL A 77 3.55 -5.90 8.06
CA VAL A 77 2.80 -4.73 8.52
C VAL A 77 1.36 -4.73 8.00
N LEU A 78 0.93 -5.75 7.25
CA LEU A 78 -0.32 -5.73 6.48
C LEU A 78 -1.61 -5.54 7.31
N GLY A 79 -1.56 -5.75 8.62
CA GLY A 79 -2.64 -5.44 9.56
C GLY A 79 -2.16 -4.49 10.64
N HIS A 80 -1.10 -3.71 10.39
CA HIS A 80 -0.48 -2.83 11.38
C HIS A 80 -1.01 -1.40 11.23
N THR A 81 -0.74 -0.53 12.20
CA THR A 81 -1.26 0.83 12.16
C THR A 81 -0.50 1.59 11.09
N HIS A 82 -1.20 2.39 10.31
CA HIS A 82 -0.59 3.34 9.39
C HIS A 82 0.41 4.21 10.12
N ALA A 83 0.11 4.74 11.32
CA ALA A 83 1.04 5.58 12.05
C ALA A 83 2.38 4.90 12.34
N ASP A 84 2.41 3.59 12.61
CA ASP A 84 3.64 2.82 12.84
C ASP A 84 4.46 2.76 11.56
N VAL A 85 3.87 2.27 10.48
CA VAL A 85 4.39 2.16 9.13
C VAL A 85 4.90 3.50 8.61
N VAL A 86 4.15 4.57 8.86
CA VAL A 86 4.54 5.91 8.51
C VAL A 86 5.79 6.29 9.32
N LYS A 87 5.88 5.89 10.59
CA LYS A 87 7.08 6.13 11.41
C LYS A 87 8.25 5.30 10.90
N LEU A 88 8.00 4.10 10.39
CA LEU A 88 8.98 3.22 9.81
C LEU A 88 9.58 3.89 8.58
N PHE A 89 8.75 4.39 7.66
CA PHE A 89 9.22 5.01 6.43
C PHE A 89 10.06 6.26 6.73
N GLN A 90 9.66 7.06 7.72
CA GLN A 90 10.46 8.21 8.12
C GLN A 90 11.76 7.79 8.82
N SER A 91 11.77 6.67 9.53
CA SER A 91 12.97 6.17 10.23
C SER A 91 14.04 5.66 9.26
N VAL A 92 13.81 5.69 7.95
CA VAL A 92 14.83 5.47 6.93
C VAL A 92 15.51 6.84 6.75
N PRO A 93 16.79 7.03 7.12
CA PRO A 93 17.51 8.26 6.81
C PRO A 93 18.04 8.27 5.36
N ILE A 94 18.62 9.39 4.94
CA ILE A 94 19.25 9.57 3.64
C ILE A 94 20.38 8.53 3.50
N GLY A 95 20.68 8.10 2.28
CA GLY A 95 21.68 7.09 1.96
C GLY A 95 21.11 5.68 2.03
N GLN A 96 19.94 5.46 2.65
CA GLN A 96 19.47 4.10 2.89
C GLN A 96 18.50 3.66 1.80
N SER A 97 18.25 2.36 1.71
CA SER A 97 17.26 1.70 0.88
C SER A 97 16.51 0.69 1.75
N VAL A 98 15.27 0.35 1.36
CA VAL A 98 14.42 -0.59 2.09
C VAL A 98 13.63 -1.45 1.09
N ASN A 99 13.34 -2.70 1.45
CA ASN A 99 12.60 -3.63 0.60
C ASN A 99 11.12 -3.39 0.87
N LEU A 100 10.27 -3.67 -0.09
CA LEU A 100 8.81 -3.57 -0.03
C LEU A 100 8.31 -4.79 -0.80
N VAL A 101 7.14 -5.33 -0.42
CA VAL A 101 6.46 -6.40 -1.13
C VAL A 101 5.03 -5.93 -1.24
N LEU A 102 4.53 -5.77 -2.47
CA LEU A 102 3.15 -5.35 -2.67
C LEU A 102 2.35 -6.47 -3.35
N CYS A 103 1.03 -6.35 -3.33
CA CYS A 103 0.09 -7.24 -3.99
C CYS A 103 -0.84 -6.41 -4.86
N ARG A 104 -0.90 -6.75 -6.15
CA ARG A 104 -1.64 -6.05 -7.20
C ARG A 104 -2.91 -6.83 -7.50
N GLY A 105 -4.06 -6.16 -7.57
CA GLY A 105 -5.36 -6.81 -7.71
C GLY A 105 -6.31 -6.46 -6.56
N TYR A 106 -5.97 -5.46 -5.74
CA TYR A 106 -6.90 -4.75 -4.88
C TYR A 106 -7.14 -3.39 -5.55
N PRO A 107 -8.38 -2.94 -5.73
CA PRO A 107 -8.69 -1.61 -6.21
C PRO A 107 -8.36 -0.54 -5.16
N LEU A 108 -8.45 0.72 -5.55
CA LEU A 108 -8.19 1.85 -4.66
C LEU A 108 -9.30 1.99 -3.60
N PRO A 109 -9.00 2.56 -2.41
CA PRO A 109 -9.99 2.82 -1.38
C PRO A 109 -10.75 4.12 -1.64
N PHE A 110 -10.09 5.06 -2.31
CA PHE A 110 -10.70 6.28 -2.82
C PHE A 110 -11.42 5.95 -4.12
N ASP A 111 -12.76 5.88 -4.06
CA ASP A 111 -13.62 5.68 -5.22
C ASP A 111 -14.16 7.07 -5.58
N PRO A 112 -13.73 7.73 -6.67
CA PRO A 112 -14.22 9.06 -7.02
C PRO A 112 -15.57 9.06 -7.73
N GLU A 113 -15.91 7.96 -8.41
CA GLU A 113 -17.06 7.88 -9.30
C GLU A 113 -18.34 8.08 -8.50
N ASP A 114 -18.60 7.16 -7.56
CA ASP A 114 -19.80 7.10 -6.75
C ASP A 114 -19.54 6.18 -5.56
N PRO A 115 -18.76 6.63 -4.55
CA PRO A 115 -18.32 5.78 -3.43
C PRO A 115 -19.47 5.28 -2.58
N ALA A 116 -20.43 6.17 -2.30
CA ALA A 116 -21.67 5.90 -1.62
C ALA A 116 -22.54 7.12 -1.88
N ASN A 117 -23.57 6.96 -2.71
CA ASN A 117 -24.54 8.01 -2.99
C ASN A 117 -25.93 7.40 -3.12
N SER A 118 -26.93 8.27 -3.13
CA SER A 118 -28.29 7.96 -3.53
C SER A 118 -28.76 9.12 -4.40
N GLY A 119 -28.76 8.89 -5.71
CA GLY A 119 -29.36 9.81 -6.67
C GLY A 119 -30.89 9.76 -6.55
N PRO A 120 -31.60 10.83 -6.93
CA PRO A 120 -33.06 10.80 -7.02
C PRO A 120 -33.51 10.04 -8.28
N SER A 121 -34.81 9.84 -8.41
CA SER A 121 -35.47 9.39 -9.63
C SER A 121 -36.46 10.50 -9.96
N SER A 122 -36.30 11.13 -11.13
CA SER A 122 -36.91 12.40 -11.46
C SER A 122 -36.50 13.50 -10.47
N GLY A 123 -37.16 14.64 -10.54
CA GLY A 123 -36.94 15.85 -9.76
C GLY A 123 -37.87 16.92 -10.33
N GLY A 1 -11.34 -28.09 -4.99
CA GLY A 1 -10.08 -27.31 -4.97
C GLY A 1 -9.88 -26.63 -3.63
N SER A 2 -8.92 -25.71 -3.56
CA SER A 2 -8.56 -24.95 -2.36
C SER A 2 -9.10 -23.52 -2.45
N SER A 3 -9.61 -22.97 -1.35
CA SER A 3 -10.25 -21.66 -1.34
C SER A 3 -9.35 -20.52 -1.83
N GLY A 4 -8.13 -20.41 -1.31
CA GLY A 4 -7.33 -19.20 -1.44
C GLY A 4 -7.58 -18.34 -0.21
N SER A 5 -8.68 -17.59 -0.20
CA SER A 5 -9.06 -16.77 0.94
C SER A 5 -9.26 -17.63 2.21
N SER A 6 -9.15 -16.99 3.37
CA SER A 6 -9.51 -17.56 4.67
C SER A 6 -10.91 -17.07 5.08
N GLY A 7 -11.23 -15.81 4.76
CA GLY A 7 -12.26 -15.06 5.44
C GLY A 7 -11.72 -14.57 6.78
N LEU A 8 -12.41 -13.57 7.36
CA LEU A 8 -11.93 -12.70 8.42
C LEU A 8 -10.47 -12.33 8.23
N PHE A 9 -10.22 -11.26 7.49
CA PHE A 9 -8.91 -10.71 7.22
C PHE A 9 -8.04 -11.79 6.55
N THR A 10 -6.73 -11.80 6.78
CA THR A 10 -5.75 -12.64 6.15
C THR A 10 -4.90 -13.35 7.22
N ARG A 11 -3.72 -12.81 7.50
CA ARG A 11 -2.68 -13.04 8.51
C ARG A 11 -1.36 -13.39 7.84
N ASP A 12 -1.40 -14.26 6.83
CA ASP A 12 -0.18 -14.85 6.27
C ASP A 12 0.21 -14.27 4.90
N ALA A 13 -0.58 -13.30 4.41
CA ALA A 13 -0.58 -12.72 3.07
C ALA A 13 -0.90 -13.71 1.95
N SER A 14 -0.67 -15.01 2.14
CA SER A 14 -0.91 -16.05 1.15
C SER A 14 -2.39 -16.06 0.74
N GLN A 15 -3.29 -15.73 1.67
CA GLN A 15 -4.73 -15.80 1.44
C GLN A 15 -5.26 -14.56 0.68
N LEU A 16 -4.40 -13.67 0.19
CA LEU A 16 -4.79 -12.56 -0.67
C LEU A 16 -5.03 -13.06 -2.10
N LYS A 17 -5.58 -12.20 -2.96
CA LYS A 17 -5.97 -12.51 -4.33
C LYS A 17 -5.43 -11.43 -5.25
N GLY A 18 -4.39 -11.76 -6.00
CA GLY A 18 -3.70 -10.88 -6.92
C GLY A 18 -2.21 -11.22 -7.02
N THR A 19 -1.47 -10.46 -7.82
CA THR A 19 -0.04 -10.71 -8.06
C THR A 19 0.76 -10.19 -6.86
N PHE A 20 1.73 -10.95 -6.36
CA PHE A 20 2.71 -10.48 -5.39
C PHE A 20 3.97 -10.04 -6.12
N LEU A 21 4.55 -8.94 -5.68
CA LEU A 21 5.71 -8.31 -6.29
C LEU A 21 6.55 -7.63 -5.23
N SER A 22 7.72 -7.12 -5.59
CA SER A 22 8.55 -6.33 -4.68
C SER A 22 9.31 -5.22 -5.42
N THR A 23 9.93 -4.32 -4.65
CA THR A 23 11.03 -3.48 -5.10
C THR A 23 11.87 -3.03 -3.89
N THR A 24 13.14 -2.70 -4.13
CA THR A 24 13.99 -1.95 -3.23
C THR A 24 14.10 -0.51 -3.74
N LEU A 25 13.58 0.48 -3.00
CA LEU A 25 13.78 1.89 -3.30
C LEU A 25 14.85 2.44 -2.39
N LYS A 26 15.76 3.25 -2.94
CA LYS A 26 16.67 4.08 -2.14
C LYS A 26 15.88 5.32 -1.74
N LYS A 27 16.02 5.76 -0.48
CA LYS A 27 15.58 7.09 -0.08
C LYS A 27 16.46 8.07 -0.85
N SER A 28 15.87 8.74 -1.82
CA SER A 28 16.55 9.61 -2.76
C SER A 28 15.69 10.87 -2.90
N ASN A 29 16.29 11.93 -3.42
CA ASN A 29 15.70 13.24 -3.63
C ASN A 29 15.11 13.84 -2.36
N MET A 30 13.83 13.60 -2.06
CA MET A 30 13.10 14.16 -0.93
C MET A 30 12.20 13.10 -0.29
N GLY A 31 12.61 11.83 -0.35
CA GLY A 31 11.85 10.67 0.11
C GLY A 31 11.38 9.84 -1.07
N PHE A 32 10.72 8.71 -0.78
CA PHE A 32 10.29 7.79 -1.82
C PHE A 32 9.26 8.45 -2.71
N GLY A 33 9.23 8.09 -4.00
CA GLY A 33 8.31 8.65 -4.97
C GLY A 33 6.91 8.04 -4.86
N PHE A 34 6.45 7.66 -3.67
CA PHE A 34 5.11 7.16 -3.49
C PHE A 34 4.64 7.52 -2.09
N THR A 35 3.34 7.43 -1.86
CA THR A 35 2.70 7.73 -0.60
C THR A 35 1.74 6.60 -0.28
N ILE A 36 1.44 6.40 0.99
CA ILE A 36 0.64 5.30 1.50
C ILE A 36 -0.63 5.87 2.16
N ILE A 37 -1.66 5.05 2.29
CA ILE A 37 -2.90 5.30 3.03
C ILE A 37 -3.04 4.20 4.10
N GLY A 38 -3.91 4.43 5.07
CA GLY A 38 -4.24 3.50 6.12
C GLY A 38 -5.73 3.25 6.16
N GLY A 39 -6.12 2.06 6.62
CA GLY A 39 -7.51 1.77 6.94
C GLY A 39 -8.06 2.60 8.08
N ASP A 40 -7.19 3.28 8.84
CA ASP A 40 -7.45 4.10 10.03
C ASP A 40 -7.63 3.21 11.25
N GLU A 41 -8.26 2.05 11.08
CA GLU A 41 -8.30 0.96 12.04
C GLU A 41 -6.93 0.23 12.13
N PRO A 42 -6.69 -0.64 13.14
CA PRO A 42 -5.40 -1.28 13.37
C PRO A 42 -5.32 -2.73 12.86
N ASP A 43 -6.02 -3.05 11.76
CA ASP A 43 -6.16 -4.41 11.24
C ASP A 43 -6.54 -4.37 9.76
N GLU A 44 -5.95 -3.42 9.02
CA GLU A 44 -6.40 -3.04 7.70
C GLU A 44 -5.26 -2.98 6.68
N PHE A 45 -5.65 -3.19 5.44
CA PHE A 45 -4.75 -3.26 4.30
C PHE A 45 -4.26 -1.86 3.96
N LEU A 46 -2.96 -1.66 4.09
CA LEU A 46 -2.27 -0.41 3.78
C LEU A 46 -2.05 -0.41 2.28
N GLN A 47 -2.51 0.61 1.56
CA GLN A 47 -2.41 0.65 0.09
C GLN A 47 -1.49 1.80 -0.33
N VAL A 48 -0.81 1.71 -1.48
CA VAL A 48 -0.20 2.89 -2.07
C VAL A 48 -1.32 3.88 -2.43
N LYS A 49 -1.30 5.07 -1.82
CA LYS A 49 -2.19 6.19 -2.06
C LYS A 49 -1.96 6.75 -3.46
N SER A 50 -0.71 7.07 -3.81
CA SER A 50 -0.31 7.50 -5.13
C SER A 50 1.18 7.25 -5.32
N VAL A 51 1.61 7.07 -6.58
CA VAL A 51 3.00 7.13 -7.01
C VAL A 51 3.24 8.54 -7.56
N ILE A 52 4.09 9.29 -6.86
CA ILE A 52 4.52 10.64 -7.18
C ILE A 52 5.44 10.57 -8.41
N PRO A 53 5.18 11.41 -9.44
CA PRO A 53 6.06 11.50 -10.58
C PRO A 53 7.36 12.25 -10.24
N ASP A 54 8.37 12.07 -11.08
CA ASP A 54 9.74 12.54 -10.94
C ASP A 54 10.42 12.04 -9.64
N GLY A 55 9.78 11.10 -8.95
CA GLY A 55 10.28 10.45 -7.76
C GLY A 55 10.91 9.10 -8.11
N PRO A 56 11.76 8.55 -7.22
CA PRO A 56 12.49 7.32 -7.51
C PRO A 56 11.58 6.11 -7.75
N ALA A 57 10.37 6.12 -7.19
CA ALA A 57 9.40 5.05 -7.36
C ALA A 57 8.84 5.03 -8.79
N ALA A 58 8.53 6.20 -9.36
CA ALA A 58 8.04 6.31 -10.73
C ALA A 58 9.10 5.85 -11.73
N GLN A 59 10.37 6.22 -11.48
CA GLN A 59 11.50 5.82 -12.30
C GLN A 59 11.75 4.31 -12.22
N ASP A 60 11.67 3.75 -11.01
CA ASP A 60 11.82 2.31 -10.76
C ASP A 60 10.67 1.52 -11.38
N GLY A 61 9.44 2.06 -11.31
CA GLY A 61 8.24 1.61 -12.00
C GLY A 61 7.63 0.31 -11.46
N LYS A 62 8.31 -0.36 -10.51
CA LYS A 62 7.72 -1.52 -9.86
C LYS A 62 6.52 -1.09 -9.02
N MET A 63 6.64 0.06 -8.37
CA MET A 63 5.60 0.66 -7.55
C MET A 63 4.46 1.10 -8.47
N GLU A 64 3.22 0.76 -8.13
CA GLU A 64 2.05 1.34 -8.77
C GLU A 64 1.04 1.72 -7.68
N THR A 65 0.11 2.58 -8.04
CA THR A 65 -1.03 2.92 -7.21
C THR A 65 -2.00 1.75 -7.25
N GLY A 66 -2.86 1.62 -6.24
CA GLY A 66 -3.75 0.46 -6.14
C GLY A 66 -3.02 -0.82 -5.74
N ASP A 67 -1.74 -0.77 -5.40
CA ASP A 67 -1.04 -1.90 -4.79
C ASP A 67 -1.29 -1.89 -3.26
N VAL A 68 -1.05 -3.01 -2.58
CA VAL A 68 -1.22 -3.23 -1.14
C VAL A 68 0.16 -3.52 -0.52
N ILE A 69 0.58 -2.78 0.51
CA ILE A 69 1.79 -2.98 1.29
C ILE A 69 1.57 -4.19 2.21
N VAL A 70 2.19 -5.32 1.86
CA VAL A 70 2.18 -6.51 2.70
C VAL A 70 3.29 -6.42 3.75
N TYR A 71 4.52 -6.25 3.28
CA TYR A 71 5.74 -6.44 4.04
C TYR A 71 6.67 -5.27 3.73
N ILE A 72 7.35 -4.76 4.75
CA ILE A 72 8.35 -3.71 4.64
C ILE A 72 9.65 -4.31 5.18
N ASN A 73 10.74 -4.09 4.45
CA ASN A 73 12.11 -4.52 4.74
C ASN A 73 12.26 -6.02 4.90
N GLU A 74 11.89 -6.58 6.04
CA GLU A 74 12.05 -7.99 6.39
C GLU A 74 10.92 -8.42 7.35
N VAL A 75 9.81 -7.69 7.36
CA VAL A 75 8.81 -7.68 8.39
C VAL A 75 7.42 -7.70 7.74
N CYS A 76 6.40 -8.24 8.41
CA CYS A 76 4.99 -8.05 8.05
C CYS A 76 4.45 -6.78 8.72
N VAL A 77 3.68 -5.98 7.98
CA VAL A 77 2.86 -4.88 8.49
C VAL A 77 1.42 -4.99 7.97
N LEU A 78 1.03 -6.14 7.43
CA LEU A 78 -0.11 -6.26 6.53
C LEU A 78 -1.43 -5.76 7.13
N GLY A 79 -1.60 -5.88 8.45
CA GLY A 79 -2.69 -5.29 9.22
C GLY A 79 -2.11 -4.53 10.39
N HIS A 80 -1.11 -3.67 10.15
CA HIS A 80 -0.46 -2.83 11.16
C HIS A 80 -1.02 -1.40 11.15
N THR A 81 -0.67 -0.56 12.14
CA THR A 81 -1.22 0.78 12.26
C THR A 81 -0.49 1.69 11.27
N HIS A 82 -1.23 2.51 10.51
CA HIS A 82 -0.67 3.52 9.61
C HIS A 82 0.28 4.45 10.35
N ALA A 83 0.00 4.88 11.58
CA ALA A 83 0.92 5.75 12.31
C ALA A 83 2.31 5.12 12.46
N ASP A 84 2.37 3.81 12.73
CA ASP A 84 3.62 3.08 12.89
C ASP A 84 4.31 2.89 11.54
N VAL A 85 3.57 2.47 10.51
CA VAL A 85 4.09 2.24 9.17
C VAL A 85 4.63 3.54 8.57
N VAL A 86 3.94 4.66 8.76
CA VAL A 86 4.46 5.94 8.36
C VAL A 86 5.75 6.23 9.14
N LYS A 87 5.80 5.94 10.45
CA LYS A 87 7.02 6.04 11.24
C LYS A 87 8.13 5.20 10.60
N LEU A 88 7.81 3.98 10.17
CA LEU A 88 8.78 3.03 9.65
C LEU A 88 9.37 3.55 8.34
N PHE A 89 8.54 4.19 7.51
CA PHE A 89 9.04 4.87 6.32
C PHE A 89 9.85 6.13 6.67
N GLN A 90 9.53 6.84 7.76
CA GLN A 90 10.27 8.00 8.22
C GLN A 90 11.65 7.60 8.75
N SER A 91 11.78 6.41 9.35
CA SER A 91 13.02 5.91 9.95
C SER A 91 14.19 5.80 8.96
N VAL A 92 13.91 5.84 7.66
CA VAL A 92 14.87 5.69 6.58
C VAL A 92 15.50 7.06 6.31
N PRO A 93 16.79 7.28 6.64
CA PRO A 93 17.49 8.52 6.30
C PRO A 93 17.70 8.62 4.80
N ILE A 94 18.10 9.81 4.35
CA ILE A 94 18.66 10.06 3.02
C ILE A 94 19.80 9.07 2.82
N GLY A 95 19.75 8.30 1.73
CA GLY A 95 20.80 7.38 1.35
C GLY A 95 20.43 5.92 1.66
N GLN A 96 19.59 5.63 2.64
CA GLN A 96 19.29 4.23 2.96
C GLN A 96 18.18 3.77 2.01
N SER A 97 18.21 2.50 1.61
CA SER A 97 17.15 1.85 0.88
C SER A 97 16.34 0.96 1.80
N VAL A 98 15.14 0.59 1.37
CA VAL A 98 14.26 -0.35 2.05
C VAL A 98 13.64 -1.28 1.02
N ASN A 99 13.19 -2.46 1.46
CA ASN A 99 12.41 -3.37 0.63
C ASN A 99 10.93 -3.15 0.86
N LEU A 100 10.10 -3.53 -0.11
CA LEU A 100 8.65 -3.58 0.00
C LEU A 100 8.19 -4.78 -0.81
N VAL A 101 7.30 -5.61 -0.24
CA VAL A 101 6.48 -6.52 -1.03
C VAL A 101 5.14 -5.84 -1.15
N LEU A 102 4.70 -5.64 -2.40
CA LEU A 102 3.36 -5.17 -2.68
C LEU A 102 2.54 -6.31 -3.28
N CYS A 103 1.22 -6.19 -3.23
CA CYS A 103 0.29 -7.05 -3.94
C CYS A 103 -0.50 -6.16 -4.90
N ARG A 104 -0.46 -6.43 -6.20
CA ARG A 104 -1.42 -5.94 -7.18
C ARG A 104 -2.71 -6.75 -7.04
N GLY A 105 -3.84 -6.19 -7.47
CA GLY A 105 -5.06 -6.94 -7.74
C GLY A 105 -6.23 -6.59 -6.85
N TYR A 106 -6.03 -5.99 -5.67
CA TYR A 106 -7.12 -5.35 -4.93
C TYR A 106 -7.35 -3.96 -5.54
N PRO A 107 -8.61 -3.50 -5.67
CA PRO A 107 -8.90 -2.17 -6.16
C PRO A 107 -8.58 -1.10 -5.11
N LEU A 108 -8.62 0.16 -5.55
CA LEU A 108 -8.55 1.32 -4.66
C LEU A 108 -9.80 1.33 -3.74
N PRO A 109 -9.80 2.12 -2.64
CA PRO A 109 -10.96 2.27 -1.76
C PRO A 109 -11.83 3.49 -2.11
N PHE A 110 -11.21 4.45 -2.79
CA PHE A 110 -11.75 5.71 -3.26
C PHE A 110 -11.62 5.74 -4.77
N ASP A 111 -12.71 6.02 -5.48
CA ASP A 111 -12.75 6.26 -6.92
C ASP A 111 -12.99 7.76 -7.11
N PRO A 112 -12.10 8.49 -7.79
CA PRO A 112 -12.34 9.85 -8.20
C PRO A 112 -13.55 9.93 -9.12
N GLU A 113 -13.51 9.21 -10.25
CA GLU A 113 -14.47 9.32 -11.34
C GLU A 113 -15.86 8.87 -10.90
N ASP A 114 -16.05 7.55 -10.75
CA ASP A 114 -17.35 6.90 -10.69
C ASP A 114 -17.45 5.98 -9.47
N PRO A 115 -17.43 6.53 -8.24
CA PRO A 115 -17.49 5.78 -6.98
C PRO A 115 -18.86 5.18 -6.66
N ALA A 116 -19.85 5.39 -7.54
CA ALA A 116 -21.23 4.96 -7.52
C ALA A 116 -21.96 5.85 -8.53
N ASN A 117 -21.84 5.53 -9.82
CA ASN A 117 -22.49 6.26 -10.91
C ASN A 117 -23.08 5.22 -11.86
N SER A 118 -24.36 5.33 -12.17
CA SER A 118 -25.00 4.46 -13.16
C SER A 118 -26.00 5.26 -14.00
N GLY A 119 -26.27 4.78 -15.21
CA GLY A 119 -27.22 5.35 -16.14
C GLY A 119 -28.50 4.51 -16.14
N PRO A 120 -29.57 4.93 -15.46
CA PRO A 120 -30.87 4.26 -15.58
C PRO A 120 -31.44 4.49 -16.99
N SER A 121 -32.51 3.75 -17.32
CA SER A 121 -33.24 3.88 -18.56
C SER A 121 -34.68 3.52 -18.23
N SER A 122 -35.61 4.44 -18.48
CA SER A 122 -36.96 4.44 -17.94
C SER A 122 -36.95 4.60 -16.41
N GLY A 123 -38.14 4.65 -15.84
CA GLY A 123 -38.47 4.05 -14.56
C GLY A 123 -39.58 3.03 -14.84
N GLY A 1 -12.21 -27.19 -2.72
CA GLY A 1 -13.21 -28.18 -2.28
C GLY A 1 -14.57 -27.52 -2.13
N SER A 2 -15.57 -28.24 -1.58
CA SER A 2 -16.86 -27.62 -1.27
C SER A 2 -16.83 -26.88 0.05
N SER A 3 -15.96 -27.28 0.99
CA SER A 3 -15.95 -26.70 2.32
C SER A 3 -15.51 -25.24 2.18
N GLY A 4 -16.14 -24.34 2.92
CA GLY A 4 -15.94 -22.91 2.83
C GLY A 4 -16.68 -22.22 3.96
N SER A 5 -16.52 -20.91 4.09
CA SER A 5 -17.10 -20.12 5.17
C SER A 5 -16.95 -18.64 4.78
N SER A 6 -17.43 -17.72 5.60
CA SER A 6 -17.12 -16.30 5.51
C SER A 6 -15.63 -16.07 5.79
N GLY A 7 -15.13 -14.86 5.51
CA GLY A 7 -13.76 -14.43 5.81
C GLY A 7 -13.79 -13.43 6.97
N LEU A 8 -12.67 -13.30 7.68
CA LEU A 8 -12.49 -12.36 8.78
C LEU A 8 -11.00 -12.00 8.86
N PHE A 9 -10.64 -10.92 8.16
CA PHE A 9 -9.29 -10.41 7.90
C PHE A 9 -8.36 -11.47 7.30
N THR A 10 -7.15 -11.06 6.89
CA THR A 10 -6.10 -11.93 6.38
C THR A 10 -5.39 -12.65 7.54
N ARG A 11 -4.08 -12.42 7.73
CA ARG A 11 -3.11 -12.85 8.75
C ARG A 11 -1.77 -13.30 8.16
N ASP A 12 -1.72 -13.73 6.90
CA ASP A 12 -0.46 -14.24 6.32
C ASP A 12 -0.25 -13.83 4.86
N ALA A 13 -1.01 -12.85 4.38
CA ALA A 13 -1.07 -12.38 2.99
C ALA A 13 -1.49 -13.45 1.97
N SER A 14 -1.66 -14.72 2.37
CA SER A 14 -1.92 -15.81 1.44
C SER A 14 -3.35 -15.77 0.89
N GLN A 15 -4.33 -15.18 1.60
CA GLN A 15 -5.68 -15.01 1.07
C GLN A 15 -5.74 -13.94 -0.03
N LEU A 16 -4.69 -13.16 -0.24
CA LEU A 16 -4.80 -12.05 -1.17
C LEU A 16 -4.96 -12.57 -2.59
N LYS A 17 -5.82 -11.91 -3.35
CA LYS A 17 -6.18 -12.28 -4.69
C LYS A 17 -5.74 -11.11 -5.54
N GLY A 18 -4.74 -11.42 -6.35
CA GLY A 18 -3.83 -10.47 -6.94
C GLY A 18 -2.50 -11.16 -7.20
N THR A 19 -1.49 -10.41 -7.66
CA THR A 19 -0.19 -10.97 -8.02
C THR A 19 0.88 -10.21 -7.24
N PHE A 20 1.88 -10.92 -6.74
CA PHE A 20 2.85 -10.45 -5.76
C PHE A 20 4.18 -10.17 -6.44
N LEU A 21 4.79 -9.06 -6.05
CA LEU A 21 6.12 -8.63 -6.41
C LEU A 21 6.68 -7.76 -5.28
N SER A 22 7.94 -7.37 -5.44
CA SER A 22 8.63 -6.47 -4.53
C SER A 22 9.42 -5.41 -5.31
N THR A 23 9.93 -4.40 -4.62
CA THR A 23 10.86 -3.42 -5.14
C THR A 23 11.76 -2.96 -3.98
N THR A 24 12.97 -2.51 -4.31
CA THR A 24 13.93 -1.99 -3.35
C THR A 24 14.15 -0.52 -3.69
N LEU A 25 13.59 0.40 -2.89
CA LEU A 25 13.76 1.83 -3.15
C LEU A 25 14.85 2.37 -2.24
N LYS A 26 15.78 3.15 -2.80
CA LYS A 26 16.73 3.92 -2.02
C LYS A 26 16.05 5.22 -1.60
N LYS A 27 16.39 5.71 -0.41
CA LYS A 27 15.87 6.95 0.14
C LYS A 27 16.58 8.12 -0.54
N SER A 28 16.17 8.40 -1.77
CA SER A 28 16.63 9.54 -2.55
C SER A 28 16.20 10.81 -1.81
N ASN A 29 17.17 11.59 -1.34
CA ASN A 29 17.03 12.93 -0.77
C ASN A 29 15.89 13.04 0.24
N MET A 30 14.70 13.41 -0.23
CA MET A 30 13.45 13.50 0.49
C MET A 30 13.13 12.21 1.23
N GLY A 31 13.08 11.09 0.51
CA GLY A 31 12.20 10.01 0.86
C GLY A 31 11.72 9.28 -0.38
N PHE A 32 10.96 8.22 -0.16
CA PHE A 32 10.41 7.40 -1.23
C PHE A 32 9.25 8.16 -1.84
N GLY A 33 9.27 8.37 -3.15
CA GLY A 33 8.25 9.12 -3.87
C GLY A 33 6.98 8.29 -4.08
N PHE A 34 6.39 7.76 -3.02
CA PHE A 34 5.02 7.29 -2.99
C PHE A 34 4.45 7.62 -1.61
N THR A 35 3.13 7.70 -1.50
CA THR A 35 2.45 7.90 -0.23
C THR A 35 1.42 6.79 -0.05
N ILE A 36 1.03 6.51 1.19
CA ILE A 36 0.24 5.36 1.58
C ILE A 36 -1.11 5.85 2.14
N ILE A 37 -2.09 4.94 2.22
CA ILE A 37 -3.37 5.13 2.88
C ILE A 37 -3.56 3.97 3.86
N GLY A 38 -4.23 4.29 4.98
CA GLY A 38 -4.75 3.32 5.92
C GLY A 38 -6.12 3.73 6.42
N GLY A 39 -6.93 2.74 6.78
CA GLY A 39 -8.28 2.81 7.30
C GLY A 39 -8.41 3.76 8.48
N ASP A 40 -8.08 3.29 9.69
CA ASP A 40 -8.34 4.00 10.95
C ASP A 40 -7.94 3.16 12.18
N GLU A 41 -8.10 1.84 12.12
CA GLU A 41 -7.89 0.92 13.24
C GLU A 41 -6.84 -0.13 12.88
N PRO A 42 -6.27 -0.88 13.85
CA PRO A 42 -5.15 -1.81 13.63
C PRO A 42 -5.61 -3.14 12.99
N ASP A 43 -6.41 -3.05 11.93
CA ASP A 43 -7.09 -4.18 11.25
C ASP A 43 -7.62 -3.76 9.86
N GLU A 44 -7.13 -2.64 9.34
CA GLU A 44 -7.33 -2.13 7.99
C GLU A 44 -6.23 -2.61 7.03
N PHE A 45 -6.43 -2.47 5.71
CA PHE A 45 -5.50 -2.92 4.67
C PHE A 45 -4.75 -1.74 4.07
N LEU A 46 -3.43 -1.72 4.21
CA LEU A 46 -2.60 -0.59 3.80
C LEU A 46 -2.39 -0.68 2.29
N GLN A 47 -2.64 0.40 1.55
CA GLN A 47 -2.45 0.47 0.09
C GLN A 47 -1.62 1.69 -0.28
N VAL A 48 -0.92 1.65 -1.41
CA VAL A 48 -0.26 2.80 -1.98
C VAL A 48 -1.36 3.77 -2.44
N LYS A 49 -1.42 4.94 -1.79
CA LYS A 49 -2.39 5.99 -2.06
C LYS A 49 -2.13 6.62 -3.42
N SER A 50 -0.90 7.05 -3.68
CA SER A 50 -0.45 7.53 -4.97
C SER A 50 1.06 7.37 -5.06
N VAL A 51 1.58 7.18 -6.27
CA VAL A 51 3.00 7.27 -6.59
C VAL A 51 3.25 8.72 -7.00
N ILE A 52 4.24 9.38 -6.39
CA ILE A 52 4.64 10.75 -6.74
C ILE A 52 5.32 10.68 -8.12
N PRO A 53 4.96 11.55 -9.07
CA PRO A 53 5.62 11.60 -10.37
C PRO A 53 7.06 12.10 -10.25
N ASP A 54 7.87 11.86 -11.29
CA ASP A 54 9.27 12.30 -11.41
C ASP A 54 10.04 12.15 -10.09
N GLY A 55 9.94 10.96 -9.51
CA GLY A 55 10.55 10.58 -8.25
C GLY A 55 11.08 9.15 -8.30
N PRO A 56 11.76 8.68 -7.24
CA PRO A 56 12.51 7.42 -7.27
C PRO A 56 11.61 6.19 -7.35
N ALA A 57 10.34 6.26 -6.92
CA ALA A 57 9.43 5.14 -7.02
C ALA A 57 8.94 5.01 -8.45
N ALA A 58 8.46 6.12 -9.02
CA ALA A 58 7.95 6.18 -10.38
C ALA A 58 9.02 5.78 -11.38
N GLN A 59 10.23 6.33 -11.26
CA GLN A 59 11.31 6.02 -12.19
C GLN A 59 11.65 4.53 -12.19
N ASP A 60 11.60 3.85 -11.04
CA ASP A 60 11.98 2.44 -10.96
C ASP A 60 10.92 1.51 -11.57
N GLY A 61 9.68 1.99 -11.69
CA GLY A 61 8.63 1.43 -12.54
C GLY A 61 8.06 0.09 -12.07
N LYS A 62 8.43 -0.40 -10.88
CA LYS A 62 7.87 -1.64 -10.36
C LYS A 62 6.58 -1.40 -9.60
N MET A 63 6.31 -0.18 -9.13
CA MET A 63 5.24 0.17 -8.22
C MET A 63 4.21 1.01 -8.95
N GLU A 64 2.95 0.79 -8.58
CA GLU A 64 1.80 1.52 -9.09
C GLU A 64 0.82 1.74 -7.92
N THR A 65 -0.31 2.37 -8.19
CA THR A 65 -1.25 2.82 -7.17
C THR A 65 -2.35 1.76 -7.00
N GLY A 66 -3.02 1.76 -5.84
CA GLY A 66 -4.03 0.75 -5.51
C GLY A 66 -3.41 -0.54 -4.99
N ASP A 67 -2.10 -0.70 -5.19
CA ASP A 67 -1.35 -1.86 -4.76
C ASP A 67 -1.34 -1.92 -3.23
N VAL A 68 -1.24 -3.12 -2.66
CA VAL A 68 -1.45 -3.41 -1.24
C VAL A 68 -0.09 -3.68 -0.60
N ILE A 69 0.33 -2.91 0.42
CA ILE A 69 1.59 -3.13 1.12
C ILE A 69 1.42 -4.34 2.01
N VAL A 70 2.37 -5.28 1.89
CA VAL A 70 2.38 -6.52 2.65
C VAL A 70 3.53 -6.51 3.66
N TYR A 71 4.78 -6.36 3.22
CA TYR A 71 5.96 -6.45 4.09
C TYR A 71 6.92 -5.31 3.77
N ILE A 72 7.70 -4.87 4.75
CA ILE A 72 8.68 -3.79 4.65
C ILE A 72 9.98 -4.31 5.28
N ASN A 73 11.04 -4.42 4.48
CA ASN A 73 12.31 -5.06 4.77
C ASN A 73 12.12 -6.56 4.98
N GLU A 74 11.54 -6.94 6.11
CA GLU A 74 11.13 -8.30 6.45
C GLU A 74 9.88 -8.28 7.35
N VAL A 75 9.49 -7.11 7.86
CA VAL A 75 8.44 -6.93 8.84
C VAL A 75 7.10 -7.09 8.14
N CYS A 76 6.27 -8.01 8.63
CA CYS A 76 4.88 -8.13 8.22
C CYS A 76 4.11 -6.91 8.72
N VAL A 77 3.68 -6.03 7.82
CA VAL A 77 2.94 -4.82 8.19
C VAL A 77 1.45 -4.92 7.82
N LEU A 78 0.96 -6.08 7.39
CA LEU A 78 -0.33 -6.22 6.73
C LEU A 78 -1.53 -5.68 7.51
N GLY A 79 -1.56 -5.74 8.85
CA GLY A 79 -2.57 -5.11 9.70
C GLY A 79 -1.95 -4.09 10.65
N HIS A 80 -0.72 -3.64 10.36
CA HIS A 80 -0.03 -2.63 11.13
C HIS A 80 -0.68 -1.28 10.85
N THR A 81 -0.51 -0.33 11.75
CA THR A 81 -1.20 0.94 11.61
C THR A 81 -0.41 1.84 10.66
N HIS A 82 -1.12 2.66 9.90
CA HIS A 82 -0.54 3.69 9.03
C HIS A 82 0.35 4.63 9.84
N ALA A 83 0.03 4.90 11.10
CA ALA A 83 0.86 5.70 11.98
C ALA A 83 2.26 5.12 12.08
N ASP A 84 2.39 3.85 12.51
CA ASP A 84 3.70 3.24 12.70
C ASP A 84 4.39 3.06 11.35
N VAL A 85 3.67 2.60 10.33
CA VAL A 85 4.21 2.37 8.99
C VAL A 85 4.79 3.65 8.39
N VAL A 86 4.12 4.79 8.56
CA VAL A 86 4.65 6.05 8.10
C VAL A 86 5.87 6.44 8.94
N LYS A 87 5.85 6.20 10.26
CA LYS A 87 7.02 6.52 11.11
C LYS A 87 8.20 5.66 10.71
N LEU A 88 7.95 4.41 10.32
CA LEU A 88 8.94 3.44 9.87
C LEU A 88 9.57 3.93 8.58
N PHE A 89 8.77 4.41 7.62
CA PHE A 89 9.31 4.99 6.39
C PHE A 89 10.21 6.20 6.67
N GLN A 90 9.91 6.98 7.72
CA GLN A 90 10.76 8.09 8.15
C GLN A 90 11.97 7.63 8.97
N SER A 91 11.92 6.43 9.56
CA SER A 91 13.01 5.81 10.31
C SER A 91 14.12 5.29 9.39
N VAL A 92 13.92 5.33 8.07
CA VAL A 92 14.96 5.10 7.08
C VAL A 92 15.69 6.45 6.86
N PRO A 93 16.99 6.58 7.18
CA PRO A 93 17.75 7.78 6.88
C PRO A 93 18.10 7.86 5.37
N ILE A 94 18.77 8.93 4.96
CA ILE A 94 19.10 9.20 3.55
C ILE A 94 20.02 8.10 3.03
N GLY A 95 19.85 7.74 1.76
CA GLY A 95 20.79 6.91 1.01
C GLY A 95 20.74 5.42 1.36
N GLN A 96 19.92 5.00 2.33
CA GLN A 96 19.71 3.58 2.57
C GLN A 96 18.62 3.09 1.62
N SER A 97 18.46 1.78 1.43
CA SER A 97 17.41 1.23 0.61
C SER A 97 16.63 0.19 1.39
N VAL A 98 15.32 0.25 1.31
CA VAL A 98 14.43 -0.71 1.94
C VAL A 98 13.81 -1.58 0.86
N ASN A 99 13.59 -2.84 1.22
CA ASN A 99 12.78 -3.79 0.47
C ASN A 99 11.34 -3.54 0.84
N LEU A 100 10.43 -3.76 -0.11
CA LEU A 100 9.02 -3.48 0.01
C LEU A 100 8.28 -4.56 -0.81
N VAL A 101 7.21 -5.22 -0.29
CA VAL A 101 6.35 -6.17 -1.02
C VAL A 101 5.00 -5.52 -1.25
N LEU A 102 4.50 -5.55 -2.48
CA LEU A 102 3.11 -5.22 -2.81
C LEU A 102 2.39 -6.43 -3.39
N CYS A 103 1.06 -6.35 -3.45
CA CYS A 103 0.19 -7.26 -4.19
C CYS A 103 -0.76 -6.43 -5.05
N ARG A 104 -0.89 -6.79 -6.32
CA ARG A 104 -1.60 -6.07 -7.37
C ARG A 104 -2.93 -6.74 -7.67
N GLY A 105 -4.04 -6.02 -7.54
CA GLY A 105 -5.36 -6.56 -7.88
C GLY A 105 -6.46 -6.21 -6.89
N TYR A 106 -6.18 -5.38 -5.88
CA TYR A 106 -7.22 -4.78 -5.06
C TYR A 106 -7.61 -3.43 -5.67
N PRO A 107 -8.87 -3.00 -5.54
CA PRO A 107 -9.34 -1.77 -6.14
C PRO A 107 -8.82 -0.55 -5.36
N LEU A 108 -8.98 0.63 -5.94
CA LEU A 108 -8.65 1.88 -5.27
C LEU A 108 -9.78 2.23 -4.29
N PRO A 109 -9.47 2.79 -3.12
CA PRO A 109 -10.45 3.39 -2.22
C PRO A 109 -10.95 4.75 -2.71
N PHE A 110 -10.12 5.41 -3.51
CA PHE A 110 -10.44 6.63 -4.24
C PHE A 110 -10.28 6.36 -5.73
N ASP A 111 -11.39 6.14 -6.43
CA ASP A 111 -11.43 6.13 -7.89
C ASP A 111 -11.41 7.60 -8.37
N PRO A 112 -10.35 8.08 -9.04
CA PRO A 112 -10.17 9.50 -9.32
C PRO A 112 -11.07 10.05 -10.43
N GLU A 113 -11.68 9.20 -11.24
CA GLU A 113 -12.68 9.55 -12.23
C GLU A 113 -13.99 8.82 -11.89
N ASP A 114 -13.94 7.60 -11.32
CA ASP A 114 -15.12 6.83 -10.90
C ASP A 114 -15.94 6.42 -12.14
N PRO A 115 -17.02 5.63 -12.06
CA PRO A 115 -17.90 5.36 -13.20
C PRO A 115 -18.99 6.42 -13.32
N ALA A 116 -19.20 7.25 -12.28
CA ALA A 116 -19.99 8.45 -12.12
C ALA A 116 -20.32 8.57 -10.65
N ASN A 117 -21.47 8.03 -10.23
CA ASN A 117 -22.10 8.20 -8.92
C ASN A 117 -22.56 9.65 -8.70
N SER A 118 -23.51 9.83 -7.78
CA SER A 118 -24.24 11.09 -7.57
C SER A 118 -24.74 11.70 -8.89
N GLY A 119 -25.06 10.87 -9.90
CA GLY A 119 -25.09 11.28 -11.30
C GLY A 119 -26.23 12.26 -11.61
N PRO A 120 -27.40 11.81 -12.08
CA PRO A 120 -28.54 12.69 -12.29
C PRO A 120 -29.11 13.12 -10.94
N SER A 121 -28.77 14.32 -10.47
CA SER A 121 -29.39 15.02 -9.35
C SER A 121 -29.13 16.52 -9.52
N SER A 122 -29.80 17.35 -8.72
CA SER A 122 -29.81 18.79 -8.89
C SER A 122 -29.56 19.50 -7.56
N GLY A 123 -28.33 19.42 -7.06
CA GLY A 123 -27.92 20.04 -5.81
C GLY A 123 -26.57 19.48 -5.40
N GLY A 1 -25.95 -23.66 8.82
CA GLY A 1 -25.88 -23.57 10.28
C GLY A 1 -25.01 -22.39 10.68
N SER A 2 -24.45 -22.40 11.88
CA SER A 2 -23.47 -21.40 12.30
C SER A 2 -22.22 -21.46 11.41
N SER A 3 -21.32 -20.49 11.55
CA SER A 3 -19.97 -20.57 11.02
C SER A 3 -19.03 -20.11 12.12
N GLY A 4 -18.11 -20.98 12.51
CA GLY A 4 -17.23 -20.81 13.65
C GLY A 4 -16.25 -19.66 13.43
N SER A 5 -15.34 -19.79 12.46
CA SER A 5 -14.30 -18.81 12.21
C SER A 5 -14.35 -18.43 10.74
N SER A 6 -15.33 -17.60 10.37
CA SER A 6 -15.41 -17.05 9.03
C SER A 6 -14.21 -16.13 8.81
N GLY A 7 -13.64 -16.18 7.61
CA GLY A 7 -12.42 -15.45 7.27
C GLY A 7 -12.80 -14.11 6.66
N LEU A 8 -12.06 -13.05 7.01
CA LEU A 8 -12.14 -11.73 6.39
C LEU A 8 -10.75 -11.12 6.29
N PHE A 9 -10.09 -10.85 7.43
CA PHE A 9 -8.69 -10.47 7.46
C PHE A 9 -7.81 -11.67 7.07
N THR A 10 -6.61 -11.36 6.57
CA THR A 10 -5.56 -12.28 6.16
C THR A 10 -4.84 -12.95 7.36
N ARG A 11 -3.53 -12.73 7.52
CA ARG A 11 -2.53 -13.14 8.53
C ARG A 11 -1.25 -13.63 7.88
N ASP A 12 -1.26 -13.95 6.58
CA ASP A 12 -0.07 -14.41 5.87
C ASP A 12 0.00 -13.95 4.43
N ALA A 13 -0.85 -12.99 4.04
CA ALA A 13 -0.98 -12.47 2.68
C ALA A 13 -1.38 -13.53 1.62
N SER A 14 -1.66 -14.77 2.02
CA SER A 14 -1.92 -15.86 1.08
C SER A 14 -3.40 -15.91 0.66
N GLN A 15 -4.31 -15.28 1.42
CA GLN A 15 -5.70 -15.17 1.00
C GLN A 15 -5.88 -14.17 -0.16
N LEU A 16 -4.92 -13.26 -0.40
CA LEU A 16 -5.04 -12.21 -1.43
C LEU A 16 -5.26 -12.85 -2.81
N LYS A 17 -5.82 -12.12 -3.78
CA LYS A 17 -6.15 -12.60 -5.11
C LYS A 17 -5.59 -11.65 -6.16
N GLY A 18 -4.38 -11.95 -6.62
CA GLY A 18 -3.70 -11.26 -7.70
C GLY A 18 -2.30 -11.83 -7.89
N THR A 19 -1.29 -10.96 -7.94
CA THR A 19 0.12 -11.28 -8.11
C THR A 19 0.94 -10.44 -7.13
N PHE A 20 2.02 -10.98 -6.60
CA PHE A 20 2.94 -10.26 -5.72
C PHE A 20 4.03 -9.59 -6.52
N LEU A 21 4.43 -8.41 -6.05
CA LEU A 21 5.52 -7.60 -6.54
C LEU A 21 6.50 -7.42 -5.39
N SER A 22 7.70 -6.95 -5.71
CA SER A 22 8.55 -6.25 -4.80
C SER A 22 9.37 -5.21 -5.54
N THR A 23 9.94 -4.26 -4.81
CA THR A 23 10.92 -3.29 -5.27
C THR A 23 11.71 -2.88 -4.03
N THR A 24 12.92 -2.37 -4.24
CA THR A 24 13.80 -1.89 -3.20
C THR A 24 14.06 -0.42 -3.52
N LEU A 25 13.50 0.51 -2.74
CA LEU A 25 13.68 1.92 -3.03
C LEU A 25 14.80 2.42 -2.15
N LYS A 26 15.71 3.18 -2.75
CA LYS A 26 16.69 3.97 -2.03
C LYS A 26 16.00 5.27 -1.60
N LYS A 27 16.47 5.84 -0.49
CA LYS A 27 16.12 7.18 -0.06
C LYS A 27 17.07 8.14 -0.75
N SER A 28 16.61 8.81 -1.81
CA SER A 28 17.41 9.75 -2.57
C SER A 28 17.76 10.94 -1.66
N ASN A 29 16.76 11.59 -1.04
CA ASN A 29 16.94 12.64 -0.04
C ASN A 29 15.68 12.80 0.81
N MET A 30 14.63 13.36 0.19
CA MET A 30 13.35 13.71 0.78
C MET A 30 12.70 12.56 1.56
N GLY A 31 12.77 11.34 1.06
CA GLY A 31 12.02 10.21 1.58
C GLY A 31 11.80 9.26 0.42
N PHE A 32 10.56 8.89 0.13
CA PHE A 32 10.22 8.10 -1.04
C PHE A 32 9.12 8.82 -1.84
N GLY A 33 9.17 8.68 -3.16
CA GLY A 33 8.28 9.38 -4.08
C GLY A 33 6.93 8.69 -4.26
N PHE A 34 6.29 8.29 -3.16
CA PHE A 34 4.91 7.82 -3.11
C PHE A 34 4.35 8.21 -1.75
N THR A 35 3.02 8.19 -1.58
CA THR A 35 2.39 8.23 -0.27
C THR A 35 1.45 7.03 -0.13
N ILE A 36 1.03 6.69 1.09
CA ILE A 36 0.34 5.46 1.43
C ILE A 36 -0.95 5.82 2.17
N ILE A 37 -1.92 4.90 2.19
CA ILE A 37 -3.19 5.00 2.91
C ILE A 37 -3.37 3.72 3.71
N GLY A 38 -3.96 3.84 4.90
CA GLY A 38 -4.39 2.76 5.76
C GLY A 38 -5.72 3.18 6.37
N GLY A 39 -6.58 2.22 6.71
CA GLY A 39 -7.95 2.47 7.15
C GLY A 39 -8.04 3.50 8.26
N ASP A 40 -7.60 3.12 9.47
CA ASP A 40 -7.68 3.97 10.67
C ASP A 40 -6.94 3.30 11.83
N GLU A 41 -7.17 1.99 12.00
CA GLU A 41 -6.67 1.16 13.10
C GLU A 41 -5.68 0.10 12.58
N PRO A 42 -4.89 -0.56 13.46
CA PRO A 42 -3.98 -1.63 13.08
C PRO A 42 -4.71 -2.97 12.88
N ASP A 43 -5.55 -3.04 11.85
CA ASP A 43 -5.79 -4.27 11.07
C ASP A 43 -5.93 -3.92 9.57
N GLU A 44 -5.87 -2.64 9.19
CA GLU A 44 -6.55 -2.20 7.98
C GLU A 44 -5.56 -2.10 6.82
N PHE A 45 -5.97 -2.56 5.65
CA PHE A 45 -5.08 -2.80 4.52
C PHE A 45 -4.37 -1.51 4.09
N LEU A 46 -3.04 -1.59 4.08
CA LEU A 46 -2.16 -0.52 3.62
C LEU A 46 -2.10 -0.63 2.09
N GLN A 47 -2.34 0.45 1.34
CA GLN A 47 -2.18 0.50 -0.11
C GLN A 47 -1.43 1.76 -0.54
N VAL A 48 -0.72 1.70 -1.68
CA VAL A 48 -0.10 2.85 -2.29
C VAL A 48 -1.20 3.85 -2.66
N LYS A 49 -1.20 5.01 -2.00
CA LYS A 49 -2.21 6.06 -2.15
C LYS A 49 -2.08 6.69 -3.53
N SER A 50 -0.91 7.25 -3.85
CA SER A 50 -0.49 7.59 -5.20
C SER A 50 1.03 7.59 -5.28
N VAL A 51 1.56 7.46 -6.49
CA VAL A 51 2.97 7.54 -6.84
C VAL A 51 3.21 8.94 -7.45
N ILE A 52 4.31 9.62 -7.11
CA ILE A 52 4.66 10.92 -7.68
C ILE A 52 5.22 10.68 -9.09
N PRO A 53 4.91 11.53 -10.08
CA PRO A 53 5.31 11.36 -11.49
C PRO A 53 6.78 11.69 -11.81
N ASP A 54 7.65 11.52 -10.84
CA ASP A 54 9.10 11.71 -10.90
C ASP A 54 9.81 10.83 -9.87
N GLY A 55 9.08 10.21 -8.94
CA GLY A 55 9.68 9.57 -7.78
C GLY A 55 10.53 8.38 -8.22
N PRO A 56 11.49 7.94 -7.38
CA PRO A 56 12.23 6.71 -7.65
C PRO A 56 11.28 5.50 -7.66
N ALA A 57 10.12 5.60 -7.00
CA ALA A 57 9.01 4.67 -7.11
C ALA A 57 8.55 4.49 -8.56
N ALA A 58 8.22 5.62 -9.22
CA ALA A 58 7.80 5.66 -10.60
C ALA A 58 8.93 5.16 -11.50
N GLN A 59 10.13 5.70 -11.31
CA GLN A 59 11.23 5.46 -12.23
C GLN A 59 11.81 4.04 -12.12
N ASP A 60 11.64 3.35 -10.98
CA ASP A 60 11.97 1.92 -10.90
C ASP A 60 10.95 1.07 -11.67
N GLY A 61 9.81 1.64 -12.08
CA GLY A 61 8.89 1.02 -13.03
C GLY A 61 8.13 -0.16 -12.45
N LYS A 62 7.93 -0.20 -11.12
CA LYS A 62 7.40 -1.37 -10.44
C LYS A 62 6.22 -1.06 -9.53
N MET A 63 6.19 0.13 -8.93
CA MET A 63 5.17 0.50 -7.97
C MET A 63 4.09 1.28 -8.70
N GLU A 64 2.84 0.92 -8.40
CA GLU A 64 1.66 1.56 -8.95
C GLU A 64 0.62 1.78 -7.86
N THR A 65 -0.37 2.58 -8.22
CA THR A 65 -1.35 3.15 -7.34
C THR A 65 -2.50 2.16 -7.20
N GLY A 66 -2.73 1.68 -5.97
CA GLY A 66 -3.66 0.59 -5.67
C GLY A 66 -2.96 -0.68 -5.25
N ASP A 67 -1.64 -0.80 -5.43
CA ASP A 67 -0.90 -1.96 -4.96
C ASP A 67 -0.95 -1.98 -3.42
N VAL A 68 -0.97 -3.18 -2.81
CA VAL A 68 -1.24 -3.43 -1.39
C VAL A 68 0.08 -3.73 -0.68
N ILE A 69 0.54 -2.90 0.26
CA ILE A 69 1.73 -3.09 1.07
C ILE A 69 1.50 -4.28 1.97
N VAL A 70 2.39 -5.26 1.91
CA VAL A 70 2.34 -6.47 2.71
C VAL A 70 3.45 -6.47 3.77
N TYR A 71 4.70 -6.31 3.32
CA TYR A 71 5.88 -6.28 4.15
C TYR A 71 6.66 -5.05 3.75
N ILE A 72 7.38 -4.48 4.71
CA ILE A 72 8.31 -3.39 4.49
C ILE A 72 9.60 -3.86 5.10
N ASN A 73 10.66 -3.83 4.31
CA ASN A 73 12.02 -4.12 4.68
C ASN A 73 12.15 -5.59 5.03
N GLU A 74 11.78 -5.97 6.24
CA GLU A 74 11.61 -7.37 6.67
C GLU A 74 10.58 -7.49 7.80
N VAL A 75 9.73 -6.48 7.95
CA VAL A 75 8.67 -6.39 8.94
C VAL A 75 7.37 -6.70 8.19
N CYS A 76 6.63 -7.71 8.65
CA CYS A 76 5.24 -7.91 8.28
C CYS A 76 4.42 -6.72 8.76
N VAL A 77 3.75 -6.01 7.85
CA VAL A 77 2.93 -4.85 8.18
C VAL A 77 1.51 -5.01 7.65
N LEU A 78 1.14 -6.22 7.24
CA LEU A 78 -0.04 -6.54 6.46
C LEU A 78 -1.40 -6.20 7.09
N GLY A 79 -1.42 -5.85 8.38
CA GLY A 79 -2.55 -5.23 9.05
C GLY A 79 -2.09 -4.09 9.95
N HIS A 80 -0.83 -3.66 9.90
CA HIS A 80 -0.38 -2.55 10.73
C HIS A 80 -0.96 -1.22 10.23
N THR A 81 -0.98 -0.22 11.11
CA THR A 81 -1.56 1.07 10.82
C THR A 81 -0.56 1.95 10.08
N HIS A 82 -1.05 2.93 9.29
CA HIS A 82 -0.19 3.95 8.69
C HIS A 82 0.60 4.65 9.78
N ALA A 83 0.04 4.98 10.94
CA ALA A 83 0.81 5.62 12.02
C ALA A 83 2.09 4.84 12.37
N ASP A 84 2.07 3.51 12.25
CA ASP A 84 3.25 2.68 12.51
C ASP A 84 4.19 2.61 11.30
N VAL A 85 3.65 2.36 10.10
CA VAL A 85 4.39 2.30 8.84
C VAL A 85 5.00 3.66 8.48
N VAL A 86 4.42 4.77 8.91
CA VAL A 86 5.02 6.08 8.87
C VAL A 86 6.27 6.06 9.74
N LYS A 87 6.25 5.47 10.94
CA LYS A 87 7.40 5.48 11.83
C LYS A 87 8.57 4.78 11.13
N LEU A 88 8.27 3.70 10.44
CA LEU A 88 9.18 2.84 9.70
C LEU A 88 9.77 3.62 8.52
N PHE A 89 8.95 4.35 7.76
CA PHE A 89 9.44 5.11 6.60
C PHE A 89 10.29 6.29 7.06
N GLN A 90 9.92 6.92 8.17
CA GLN A 90 10.69 7.98 8.80
C GLN A 90 11.97 7.43 9.43
N SER A 91 12.09 6.12 9.66
CA SER A 91 13.28 5.41 10.11
C SER A 91 14.06 4.82 8.93
N VAL A 92 14.14 5.57 7.83
CA VAL A 92 15.09 5.30 6.77
C VAL A 92 15.82 6.64 6.59
N PRO A 93 17.12 6.74 6.91
CA PRO A 93 17.87 7.96 6.61
C PRO A 93 18.27 7.97 5.14
N ILE A 94 18.82 9.10 4.71
CA ILE A 94 19.39 9.29 3.39
C ILE A 94 20.53 8.27 3.22
N GLY A 95 20.70 7.77 1.99
CA GLY A 95 21.77 6.83 1.68
C GLY A 95 21.46 5.41 2.12
N GLN A 96 20.19 5.05 2.32
CA GLN A 96 19.77 3.70 2.65
C GLN A 96 18.62 3.29 1.73
N SER A 97 18.26 2.02 1.75
CA SER A 97 17.13 1.47 1.03
C SER A 97 16.25 0.63 1.94
N VAL A 98 15.01 0.39 1.52
CA VAL A 98 14.10 -0.56 2.14
C VAL A 98 13.47 -1.39 1.03
N ASN A 99 13.17 -2.66 1.35
CA ASN A 99 12.41 -3.53 0.47
C ASN A 99 10.94 -3.23 0.71
N LEU A 100 10.08 -3.52 -0.26
CA LEU A 100 8.66 -3.28 -0.18
C LEU A 100 7.96 -4.40 -0.95
N VAL A 101 7.26 -5.31 -0.28
CA VAL A 101 6.45 -6.36 -0.93
C VAL A 101 5.09 -5.73 -1.13
N LEU A 102 4.62 -5.69 -2.38
CA LEU A 102 3.24 -5.32 -2.67
C LEU A 102 2.48 -6.51 -3.25
N CYS A 103 1.15 -6.40 -3.32
CA CYS A 103 0.30 -7.29 -4.10
C CYS A 103 -0.56 -6.42 -5.01
N ARG A 104 -0.57 -6.77 -6.30
CA ARG A 104 -1.51 -6.30 -7.31
C ARG A 104 -2.79 -7.10 -7.14
N GLY A 105 -3.94 -6.57 -7.56
CA GLY A 105 -5.19 -7.33 -7.66
C GLY A 105 -6.38 -6.64 -7.03
N TYR A 106 -6.17 -5.68 -6.13
CA TYR A 106 -7.23 -4.99 -5.42
C TYR A 106 -7.59 -3.69 -6.15
N PRO A 107 -8.81 -3.15 -5.98
CA PRO A 107 -9.12 -1.79 -6.38
C PRO A 107 -8.39 -0.80 -5.47
N LEU A 108 -8.58 0.48 -5.77
CA LEU A 108 -8.30 1.52 -4.78
C LEU A 108 -9.33 1.43 -3.66
N PRO A 109 -8.99 1.90 -2.44
CA PRO A 109 -9.94 2.00 -1.33
C PRO A 109 -10.94 3.14 -1.56
N PHE A 110 -10.49 4.17 -2.24
CA PHE A 110 -11.23 5.34 -2.70
C PHE A 110 -12.01 4.99 -3.97
N ASP A 111 -13.17 5.62 -4.15
CA ASP A 111 -13.95 5.58 -5.38
C ASP A 111 -14.33 7.01 -5.73
N PRO A 112 -13.87 7.58 -6.86
CA PRO A 112 -14.48 8.78 -7.40
C PRO A 112 -15.85 8.50 -8.05
N GLU A 113 -16.18 7.22 -8.31
CA GLU A 113 -17.40 6.78 -8.98
C GLU A 113 -18.64 7.24 -8.20
N ASP A 114 -18.92 6.61 -7.05
CA ASP A 114 -20.05 6.94 -6.20
C ASP A 114 -19.41 7.32 -4.86
N PRO A 115 -18.90 8.55 -4.72
CA PRO A 115 -17.98 8.86 -3.64
C PRO A 115 -18.69 8.87 -2.28
N ALA A 116 -19.99 9.18 -2.24
CA ALA A 116 -20.90 8.87 -1.15
C ALA A 116 -22.36 8.95 -1.60
N ASN A 117 -22.64 9.81 -2.59
CA ASN A 117 -23.96 10.01 -3.22
C ASN A 117 -25.08 10.19 -2.16
N SER A 118 -26.32 9.85 -2.50
CA SER A 118 -27.48 9.64 -1.63
C SER A 118 -27.87 10.84 -0.74
N GLY A 119 -28.91 10.67 0.08
CA GLY A 119 -29.37 11.66 1.03
C GLY A 119 -30.89 11.67 1.17
N PRO A 120 -31.57 12.82 0.99
CA PRO A 120 -32.99 13.00 1.30
C PRO A 120 -33.91 11.93 0.73
N SER A 121 -33.68 11.51 -0.53
CA SER A 121 -34.45 10.45 -1.17
C SER A 121 -33.55 9.67 -2.13
N SER A 122 -34.01 8.53 -2.63
CA SER A 122 -33.66 7.97 -3.92
C SER A 122 -34.91 8.19 -4.78
N GLY A 123 -34.71 8.54 -6.06
CA GLY A 123 -35.74 9.10 -6.94
C GLY A 123 -35.30 10.50 -7.29
N GLY A 1 -4.47 -32.46 4.22
CA GLY A 1 -3.82 -31.16 4.47
C GLY A 1 -4.82 -30.24 5.14
N SER A 2 -4.33 -29.29 5.94
CA SER A 2 -5.12 -28.40 6.77
C SER A 2 -4.67 -26.97 6.45
N SER A 3 -5.35 -26.34 5.50
CA SER A 3 -5.03 -25.01 4.98
C SER A 3 -5.38 -23.87 5.96
N GLY A 4 -4.93 -22.66 5.61
CA GLY A 4 -5.41 -21.40 6.17
C GLY A 4 -6.24 -20.72 5.10
N SER A 5 -7.55 -20.98 5.08
CA SER A 5 -8.46 -20.45 4.09
C SER A 5 -8.59 -18.92 4.18
N SER A 6 -9.25 -18.33 3.18
CA SER A 6 -9.84 -17.01 3.29
C SER A 6 -11.01 -17.05 4.27
N GLY A 7 -11.34 -15.89 4.83
CA GLY A 7 -12.26 -15.75 5.94
C GLY A 7 -11.44 -15.38 7.16
N LEU A 8 -11.94 -14.43 7.95
CA LEU A 8 -11.31 -13.78 9.08
C LEU A 8 -9.86 -13.37 8.73
N PHE A 9 -9.75 -12.20 8.08
CA PHE A 9 -8.54 -11.53 7.66
C PHE A 9 -7.71 -12.43 6.72
N THR A 10 -6.41 -12.27 6.73
CA THR A 10 -5.40 -12.92 5.93
C THR A 10 -4.46 -13.69 6.87
N ARG A 11 -3.22 -13.21 7.07
CA ARG A 11 -2.14 -13.53 8.01
C ARG A 11 -0.85 -13.66 7.23
N ASP A 12 -0.69 -14.72 6.44
CA ASP A 12 0.58 -14.99 5.75
C ASP A 12 0.73 -14.23 4.44
N ALA A 13 -0.29 -13.45 4.08
CA ALA A 13 -0.53 -12.77 2.80
C ALA A 13 -1.10 -13.71 1.73
N SER A 14 -1.09 -15.03 1.97
CA SER A 14 -1.32 -16.00 0.92
C SER A 14 -2.79 -16.06 0.46
N GLN A 15 -3.73 -15.55 1.25
CA GLN A 15 -5.14 -15.44 0.83
C GLN A 15 -5.38 -14.23 -0.08
N LEU A 16 -4.42 -13.29 -0.18
CA LEU A 16 -4.58 -12.15 -1.08
C LEU A 16 -4.47 -12.67 -2.50
N LYS A 17 -5.25 -12.12 -3.42
CA LYS A 17 -5.44 -12.68 -4.75
C LYS A 17 -5.11 -11.60 -5.76
N GLY A 18 -4.16 -11.93 -6.63
CA GLY A 18 -3.69 -11.09 -7.71
C GLY A 18 -2.29 -11.54 -8.10
N THR A 19 -1.32 -10.63 -8.03
CA THR A 19 0.08 -10.96 -8.22
C THR A 19 0.91 -10.25 -7.15
N PHE A 20 1.86 -10.99 -6.58
CA PHE A 20 2.88 -10.48 -5.67
C PHE A 20 4.13 -10.08 -6.43
N LEU A 21 4.76 -9.00 -5.96
CA LEU A 21 6.03 -8.50 -6.41
C LEU A 21 6.70 -7.75 -5.27
N SER A 22 7.99 -7.46 -5.45
CA SER A 22 8.85 -6.90 -4.42
C SER A 22 9.89 -5.96 -5.05
N THR A 23 9.98 -4.70 -4.62
CA THR A 23 11.02 -3.78 -5.05
C THR A 23 11.76 -3.23 -3.83
N THR A 24 12.99 -2.77 -4.04
CA THR A 24 13.79 -2.04 -3.08
C THR A 24 13.98 -0.64 -3.64
N LEU A 25 13.39 0.38 -3.00
CA LEU A 25 13.55 1.77 -3.43
C LEU A 25 14.63 2.44 -2.60
N LYS A 26 15.33 3.43 -3.15
CA LYS A 26 16.30 4.21 -2.38
C LYS A 26 15.67 5.56 -2.08
N LYS A 27 16.06 6.14 -0.95
CA LYS A 27 15.65 7.47 -0.54
C LYS A 27 16.58 8.47 -1.21
N SER A 28 16.11 9.13 -2.27
CA SER A 28 16.88 10.16 -2.98
C SER A 28 17.19 11.33 -2.04
N ASN A 29 16.16 11.95 -1.45
CA ASN A 29 16.31 13.12 -0.60
C ASN A 29 15.20 13.15 0.44
N MET A 30 14.02 13.64 0.05
CA MET A 30 12.88 13.80 0.94
C MET A 30 12.45 12.44 1.46
N GLY A 31 12.28 11.46 0.57
CA GLY A 31 11.59 10.23 0.86
C GLY A 31 11.57 9.34 -0.38
N PHE A 32 10.67 8.36 -0.38
CA PHE A 32 10.36 7.56 -1.55
C PHE A 32 9.36 8.33 -2.40
N GLY A 33 9.39 8.13 -3.71
CA GLY A 33 8.55 8.87 -4.65
C GLY A 33 7.12 8.32 -4.73
N PHE A 34 6.57 7.74 -3.66
CA PHE A 34 5.18 7.34 -3.58
C PHE A 34 4.62 7.77 -2.22
N THR A 35 3.31 7.76 -2.06
CA THR A 35 2.61 8.03 -0.82
C THR A 35 1.74 6.83 -0.50
N ILE A 36 1.43 6.62 0.79
CA ILE A 36 0.74 5.44 1.28
C ILE A 36 -0.52 5.88 2.03
N ILE A 37 -1.49 4.99 2.12
CA ILE A 37 -2.71 5.09 2.91
C ILE A 37 -2.78 3.81 3.75
N GLY A 38 -3.38 3.93 4.93
CA GLY A 38 -3.71 2.83 5.83
C GLY A 38 -5.07 3.10 6.44
N GLY A 39 -5.78 2.04 6.81
CA GLY A 39 -7.07 2.11 7.48
C GLY A 39 -7.07 3.07 8.66
N ASP A 40 -6.56 2.63 9.81
CA ASP A 40 -6.47 3.42 11.04
C ASP A 40 -5.87 2.58 12.18
N GLU A 41 -6.54 1.49 12.57
CA GLU A 41 -6.12 0.61 13.66
C GLU A 41 -5.07 -0.43 13.22
N PRO A 42 -4.39 -1.12 14.17
CA PRO A 42 -3.43 -2.18 13.89
C PRO A 42 -4.15 -3.49 13.51
N ASP A 43 -4.98 -3.42 12.47
CA ASP A 43 -5.64 -4.56 11.83
C ASP A 43 -6.04 -4.28 10.38
N GLU A 44 -5.86 -3.06 9.87
CA GLU A 44 -6.31 -2.68 8.54
C GLU A 44 -5.21 -2.82 7.49
N PHE A 45 -5.62 -2.78 6.22
CA PHE A 45 -4.77 -2.90 5.06
C PHE A 45 -4.14 -1.55 4.68
N LEU A 46 -3.06 -1.61 3.90
CA LEU A 46 -2.26 -0.47 3.47
C LEU A 46 -2.17 -0.51 1.95
N GLN A 47 -2.29 0.63 1.26
CA GLN A 47 -2.09 0.69 -0.18
C GLN A 47 -1.22 1.87 -0.56
N VAL A 48 -0.55 1.77 -1.72
CA VAL A 48 0.08 2.91 -2.36
C VAL A 48 -1.05 3.88 -2.74
N LYS A 49 -1.13 5.02 -2.05
CA LYS A 49 -2.14 6.07 -2.22
C LYS A 49 -1.98 6.71 -3.60
N SER A 50 -0.75 7.11 -3.95
CA SER A 50 -0.33 7.55 -5.27
C SER A 50 1.13 7.16 -5.43
N VAL A 51 1.60 7.05 -6.67
CA VAL A 51 3.01 7.13 -7.02
C VAL A 51 3.17 8.54 -7.57
N ILE A 52 4.14 9.32 -7.08
CA ILE A 52 4.44 10.62 -7.65
C ILE A 52 5.12 10.32 -9.00
N PRO A 53 4.54 10.75 -10.13
CA PRO A 53 5.21 10.64 -11.40
C PRO A 53 6.47 11.52 -11.37
N ASP A 54 7.60 11.01 -11.85
CA ASP A 54 8.92 11.65 -11.83
C ASP A 54 9.55 11.63 -10.42
N GLY A 55 8.88 11.06 -9.41
CA GLY A 55 9.48 10.72 -8.12
C GLY A 55 10.32 9.44 -8.27
N PRO A 56 11.22 9.13 -7.32
CA PRO A 56 12.12 7.96 -7.41
C PRO A 56 11.40 6.60 -7.41
N ALA A 57 10.08 6.55 -7.22
CA ALA A 57 9.28 5.35 -7.34
C ALA A 57 8.80 5.18 -8.78
N ALA A 58 8.24 6.23 -9.39
CA ALA A 58 7.90 6.24 -10.81
C ALA A 58 9.14 6.01 -11.66
N GLN A 59 10.27 6.64 -11.31
CA GLN A 59 11.54 6.43 -11.99
C GLN A 59 12.04 4.98 -11.83
N ASP A 60 11.63 4.26 -10.77
CA ASP A 60 12.02 2.86 -10.61
C ASP A 60 11.13 1.98 -11.50
N GLY A 61 9.83 2.29 -11.55
CA GLY A 61 8.87 1.72 -12.48
C GLY A 61 8.56 0.26 -12.19
N LYS A 62 8.16 -0.07 -10.94
CA LYS A 62 7.62 -1.38 -10.59
C LYS A 62 6.27 -1.33 -9.90
N MET A 63 6.14 -0.66 -8.76
CA MET A 63 4.85 -0.47 -8.14
C MET A 63 4.01 0.45 -9.01
N GLU A 64 2.71 0.40 -8.79
CA GLU A 64 1.74 1.34 -9.30
C GLU A 64 0.68 1.52 -8.20
N THR A 65 -0.23 2.46 -8.42
CA THR A 65 -1.12 2.94 -7.38
C THR A 65 -2.20 1.91 -7.10
N GLY A 66 -2.63 1.78 -5.84
CA GLY A 66 -3.58 0.77 -5.39
C GLY A 66 -2.93 -0.58 -5.09
N ASP A 67 -1.64 -0.76 -5.33
CA ASP A 67 -0.92 -1.95 -4.87
C ASP A 67 -0.91 -1.94 -3.33
N VAL A 68 -1.03 -3.11 -2.68
CA VAL A 68 -1.25 -3.30 -1.23
C VAL A 68 0.09 -3.58 -0.56
N ILE A 69 0.53 -2.77 0.40
CA ILE A 69 1.74 -3.01 1.18
C ILE A 69 1.47 -4.20 2.09
N VAL A 70 2.24 -5.27 1.90
CA VAL A 70 2.16 -6.48 2.71
C VAL A 70 3.27 -6.46 3.77
N TYR A 71 4.52 -6.29 3.32
CA TYR A 71 5.70 -6.37 4.14
C TYR A 71 6.58 -5.18 3.78
N ILE A 72 7.28 -4.64 4.78
CA ILE A 72 8.26 -3.57 4.64
C ILE A 72 9.55 -4.12 5.22
N ASN A 73 10.51 -4.36 4.34
CA ASN A 73 11.90 -4.74 4.57
C ASN A 73 12.08 -6.13 5.17
N GLU A 74 11.40 -6.41 6.27
CA GLU A 74 11.37 -7.68 7.01
C GLU A 74 10.18 -7.72 7.99
N VAL A 75 9.29 -6.73 7.97
CA VAL A 75 8.20 -6.55 8.91
C VAL A 75 6.90 -6.82 8.18
N CYS A 76 6.10 -7.79 8.64
CA CYS A 76 4.71 -7.94 8.24
C CYS A 76 3.93 -6.74 8.76
N VAL A 77 3.32 -5.96 7.89
CA VAL A 77 2.55 -4.76 8.26
C VAL A 77 1.11 -4.82 7.73
N LEU A 78 0.71 -5.97 7.19
CA LEU A 78 -0.51 -6.28 6.45
C LEU A 78 -1.76 -6.23 7.34
N GLY A 79 -1.61 -6.10 8.67
CA GLY A 79 -2.66 -5.60 9.53
C GLY A 79 -2.04 -4.70 10.59
N HIS A 80 -1.27 -3.68 10.18
CA HIS A 80 -0.64 -2.72 11.09
C HIS A 80 -1.20 -1.31 10.90
N THR A 81 -1.07 -0.47 11.93
CA THR A 81 -1.57 0.91 11.93
C THR A 81 -0.62 1.79 11.12
N HIS A 82 -1.16 2.70 10.29
CA HIS A 82 -0.36 3.58 9.45
C HIS A 82 0.58 4.41 10.30
N ALA A 83 0.19 4.84 11.50
CA ALA A 83 1.08 5.60 12.38
C ALA A 83 2.44 4.89 12.59
N ASP A 84 2.45 3.55 12.61
CA ASP A 84 3.68 2.76 12.74
C ASP A 84 4.38 2.62 11.39
N VAL A 85 3.69 2.30 10.29
CA VAL A 85 4.33 2.21 8.97
C VAL A 85 4.91 3.56 8.54
N VAL A 86 4.26 4.65 8.90
CA VAL A 86 4.76 6.00 8.75
C VAL A 86 6.04 6.15 9.57
N LYS A 87 6.09 5.65 10.82
CA LYS A 87 7.32 5.71 11.61
C LYS A 87 8.42 4.87 10.98
N LEU A 88 8.06 3.73 10.39
CA LEU A 88 8.99 2.83 9.73
C LEU A 88 9.63 3.57 8.56
N PHE A 89 8.83 4.23 7.71
CA PHE A 89 9.33 4.97 6.54
C PHE A 89 10.14 6.21 6.97
N GLN A 90 9.67 6.96 7.98
CA GLN A 90 10.38 8.13 8.50
C GLN A 90 11.73 7.70 9.09
N SER A 91 11.80 6.50 9.71
CA SER A 91 13.01 5.87 10.19
C SER A 91 13.86 5.28 9.04
N VAL A 92 13.81 5.81 7.82
CA VAL A 92 14.75 5.52 6.75
C VAL A 92 15.50 6.83 6.47
N PRO A 93 16.78 6.98 6.87
CA PRO A 93 17.63 8.10 6.44
C PRO A 93 17.72 8.25 4.91
N ILE A 94 18.22 9.40 4.43
CA ILE A 94 18.64 9.56 3.05
C ILE A 94 19.78 8.58 2.76
N GLY A 95 19.90 8.15 1.51
CA GLY A 95 20.94 7.23 1.08
C GLY A 95 20.68 5.79 1.51
N GLN A 96 19.58 5.52 2.22
CA GLN A 96 19.19 4.16 2.58
C GLN A 96 18.20 3.65 1.52
N SER A 97 17.97 2.35 1.49
CA SER A 97 16.88 1.72 0.80
C SER A 97 16.14 0.80 1.75
N VAL A 98 14.92 0.41 1.37
CA VAL A 98 14.11 -0.61 2.03
C VAL A 98 13.38 -1.42 0.94
N ASN A 99 13.14 -2.70 1.19
CA ASN A 99 12.34 -3.58 0.36
C ASN A 99 10.87 -3.40 0.72
N LEU A 100 9.99 -3.66 -0.23
CA LEU A 100 8.55 -3.48 -0.12
C LEU A 100 7.93 -4.62 -0.92
N VAL A 101 7.20 -5.52 -0.26
CA VAL A 101 6.38 -6.53 -0.93
C VAL A 101 5.03 -5.88 -1.11
N LEU A 102 4.55 -5.78 -2.35
CA LEU A 102 3.18 -5.41 -2.58
C LEU A 102 2.40 -6.60 -3.11
N CYS A 103 1.07 -6.53 -3.01
CA CYS A 103 0.15 -7.41 -3.68
C CYS A 103 -0.71 -6.53 -4.58
N ARG A 104 -0.66 -6.79 -5.89
CA ARG A 104 -1.48 -6.14 -6.88
C ARG A 104 -2.85 -6.80 -6.89
N GLY A 105 -3.92 -6.08 -7.15
CA GLY A 105 -5.19 -6.66 -7.58
C GLY A 105 -6.38 -6.28 -6.71
N TYR A 106 -6.18 -5.80 -5.48
CA TYR A 106 -7.23 -5.05 -4.79
C TYR A 106 -7.38 -3.70 -5.49
N PRO A 107 -8.59 -3.17 -5.71
CA PRO A 107 -8.76 -1.80 -6.15
C PRO A 107 -8.37 -0.83 -5.04
N LEU A 108 -8.33 0.45 -5.38
CA LEU A 108 -8.05 1.52 -4.43
C LEU A 108 -9.15 1.60 -3.36
N PRO A 109 -8.85 2.18 -2.18
CA PRO A 109 -9.81 2.25 -1.08
C PRO A 109 -10.81 3.39 -1.26
N PHE A 110 -10.35 4.51 -1.80
CA PHE A 110 -11.10 5.73 -2.04
C PHE A 110 -11.07 6.04 -3.53
N ASP A 111 -12.24 6.35 -4.11
CA ASP A 111 -12.42 6.79 -5.49
C ASP A 111 -12.47 8.32 -5.52
N PRO A 112 -11.37 9.02 -5.86
CA PRO A 112 -11.43 10.48 -5.95
C PRO A 112 -12.23 10.92 -7.19
N GLU A 113 -12.32 10.07 -8.20
CA GLU A 113 -13.01 10.28 -9.47
C GLU A 113 -14.52 10.16 -9.33
N ASP A 114 -15.03 9.46 -8.31
CA ASP A 114 -16.46 9.30 -8.10
C ASP A 114 -16.69 9.11 -6.58
N PRO A 115 -16.65 10.19 -5.79
CA PRO A 115 -16.66 10.10 -4.33
C PRO A 115 -18.06 9.96 -3.70
N ALA A 116 -19.15 10.30 -4.40
CA ALA A 116 -20.54 10.16 -3.95
C ALA A 116 -21.54 10.33 -5.10
N ASN A 117 -21.48 11.50 -5.76
CA ASN A 117 -22.38 12.05 -6.77
C ASN A 117 -23.88 12.03 -6.41
N SER A 118 -24.67 12.54 -7.35
CA SER A 118 -26.06 12.21 -7.61
C SER A 118 -26.16 11.97 -9.12
N GLY A 119 -27.29 11.45 -9.58
CA GLY A 119 -27.63 11.42 -10.99
C GLY A 119 -28.01 12.84 -11.45
N PRO A 120 -29.24 13.29 -11.17
CA PRO A 120 -29.62 14.68 -11.42
C PRO A 120 -28.98 15.61 -10.36
N SER A 121 -28.74 16.86 -10.74
CA SER A 121 -28.39 18.02 -9.92
C SER A 121 -28.63 19.26 -10.81
N SER A 122 -28.35 20.47 -10.32
CA SER A 122 -28.43 21.69 -11.12
C SER A 122 -27.02 22.17 -11.47
N GLY A 123 -26.89 22.98 -12.52
CA GLY A 123 -25.63 23.46 -13.04
C GLY A 123 -25.84 23.80 -14.51
N GLY A 1 -26.42 -23.11 0.60
CA GLY A 1 -26.41 -22.82 -0.84
C GLY A 1 -25.14 -22.06 -1.14
N SER A 2 -25.26 -20.91 -1.81
CA SER A 2 -24.12 -20.07 -2.17
C SER A 2 -23.36 -19.56 -0.94
N SER A 3 -22.16 -19.01 -1.17
CA SER A 3 -21.33 -18.43 -0.13
C SER A 3 -20.92 -17.01 -0.50
N GLY A 4 -20.87 -16.12 0.48
CA GLY A 4 -20.51 -14.73 0.29
C GLY A 4 -20.17 -14.12 1.64
N SER A 5 -19.26 -13.15 1.64
CA SER A 5 -18.58 -12.64 2.82
C SER A 5 -18.67 -11.11 2.88
N SER A 6 -18.14 -10.52 3.94
CA SER A 6 -17.95 -9.09 4.07
C SER A 6 -16.54 -8.93 4.59
N GLY A 7 -16.38 -8.87 5.92
CA GLY A 7 -15.09 -8.82 6.57
C GLY A 7 -14.36 -10.11 6.30
N LEU A 8 -13.25 -10.06 5.57
CA LEU A 8 -12.41 -11.22 5.34
C LEU A 8 -10.96 -10.73 5.36
N PHE A 9 -10.45 -10.51 6.56
CA PHE A 9 -9.08 -10.10 6.79
C PHE A 9 -8.12 -11.18 6.28
N THR A 10 -6.88 -10.80 5.98
CA THR A 10 -5.83 -11.65 5.45
C THR A 10 -5.19 -12.51 6.55
N ARG A 11 -3.88 -12.41 6.79
CA ARG A 11 -3.04 -12.96 7.86
C ARG A 11 -1.59 -12.96 7.43
N ASP A 12 -1.21 -13.87 6.53
CA ASP A 12 0.19 -14.05 6.11
C ASP A 12 0.36 -13.79 4.61
N ALA A 13 -0.56 -13.00 4.03
CA ALA A 13 -0.62 -12.55 2.65
C ALA A 13 -0.96 -13.67 1.66
N SER A 14 -0.69 -14.93 1.99
CA SER A 14 -1.06 -16.08 1.19
C SER A 14 -2.59 -16.26 1.08
N GLN A 15 -3.38 -15.56 1.91
CA GLN A 15 -4.82 -15.40 1.75
C GLN A 15 -5.18 -14.58 0.50
N LEU A 16 -4.29 -13.75 -0.03
CA LEU A 16 -4.60 -12.91 -1.18
C LEU A 16 -4.48 -13.74 -2.45
N LYS A 17 -5.28 -13.41 -3.47
CA LYS A 17 -5.44 -14.25 -4.66
C LYS A 17 -4.88 -13.59 -5.93
N GLY A 18 -4.34 -12.38 -5.81
CA GLY A 18 -3.69 -11.66 -6.90
C GLY A 18 -2.18 -11.81 -6.88
N THR A 19 -1.50 -10.99 -7.68
CA THR A 19 -0.07 -11.12 -7.99
C THR A 19 0.75 -10.64 -6.80
N PHE A 20 2.01 -11.08 -6.70
CA PHE A 20 2.95 -10.60 -5.68
C PHE A 20 4.20 -10.10 -6.35
N LEU A 21 4.60 -8.88 -5.98
CA LEU A 21 5.74 -8.13 -6.48
C LEU A 21 6.52 -7.63 -5.29
N SER A 22 7.73 -7.13 -5.54
CA SER A 22 8.40 -6.25 -4.62
C SER A 22 9.18 -5.16 -5.35
N THR A 23 9.77 -4.24 -4.61
CA THR A 23 10.70 -3.24 -5.09
C THR A 23 11.57 -2.84 -3.91
N THR A 24 12.76 -2.32 -4.18
CA THR A 24 13.64 -1.74 -3.19
C THR A 24 13.98 -0.35 -3.68
N LEU A 25 13.39 0.69 -3.08
CA LEU A 25 13.72 2.05 -3.52
C LEU A 25 14.77 2.56 -2.56
N LYS A 26 15.79 3.20 -3.11
CA LYS A 26 16.79 3.86 -2.29
C LYS A 26 16.25 5.27 -2.03
N LYS A 27 16.11 5.66 -0.77
CA LYS A 27 15.51 6.92 -0.33
C LYS A 27 16.18 8.07 -1.11
N SER A 28 15.43 8.91 -1.79
CA SER A 28 15.96 10.11 -2.45
C SER A 28 15.90 11.28 -1.44
N ASN A 29 16.22 12.51 -1.84
CA ASN A 29 16.37 13.65 -0.92
C ASN A 29 15.07 13.91 -0.16
N MET A 30 13.96 14.10 -0.87
CA MET A 30 12.61 14.21 -0.32
C MET A 30 11.99 12.84 0.06
N GLY A 31 12.77 11.76 0.15
CA GLY A 31 12.28 10.48 0.61
C GLY A 31 11.94 9.59 -0.57
N PHE A 32 10.92 8.75 -0.39
CA PHE A 32 10.42 7.89 -1.43
C PHE A 32 9.34 8.64 -2.22
N GLY A 33 9.24 8.39 -3.52
CA GLY A 33 8.31 9.05 -4.41
C GLY A 33 6.96 8.36 -4.41
N PHE A 34 6.43 7.93 -3.27
CA PHE A 34 5.07 7.42 -3.16
C PHE A 34 4.50 7.76 -1.79
N THR A 35 3.20 7.60 -1.63
CA THR A 35 2.45 7.83 -0.41
C THR A 35 1.63 6.57 -0.11
N ILE A 36 1.22 6.39 1.14
CA ILE A 36 0.44 5.27 1.65
C ILE A 36 -0.81 5.86 2.33
N ILE A 37 -1.83 5.04 2.55
CA ILE A 37 -3.08 5.39 3.20
C ILE A 37 -3.48 4.24 4.15
N GLY A 38 -4.34 4.54 5.12
CA GLY A 38 -4.79 3.70 6.22
C GLY A 38 -6.29 3.91 6.46
N GLY A 39 -6.97 2.92 7.02
CA GLY A 39 -8.36 3.01 7.45
C GLY A 39 -8.51 3.88 8.69
N ASP A 40 -8.28 3.32 9.87
CA ASP A 40 -8.45 3.93 11.20
C ASP A 40 -8.00 2.97 12.32
N GLU A 41 -7.82 1.67 12.04
CA GLU A 41 -7.44 0.68 13.03
C GLU A 41 -6.19 -0.11 12.59
N PRO A 42 -5.40 -0.64 13.53
CA PRO A 42 -4.32 -1.59 13.28
C PRO A 42 -4.81 -2.96 12.72
N ASP A 43 -5.61 -2.99 11.67
CA ASP A 43 -5.97 -4.20 10.90
C ASP A 43 -6.45 -3.80 9.50
N GLU A 44 -6.17 -2.54 9.15
CA GLU A 44 -6.54 -1.89 7.92
C GLU A 44 -5.66 -2.36 6.77
N PHE A 45 -6.11 -2.17 5.53
CA PHE A 45 -5.30 -2.52 4.36
C PHE A 45 -4.54 -1.28 3.92
N LEU A 46 -3.22 -1.36 4.07
CA LEU A 46 -2.29 -0.31 3.70
C LEU A 46 -2.06 -0.46 2.20
N GLN A 47 -2.51 0.51 1.39
CA GLN A 47 -2.27 0.50 -0.05
C GLN A 47 -1.45 1.72 -0.43
N VAL A 48 -0.72 1.65 -1.55
CA VAL A 48 -0.07 2.82 -2.10
C VAL A 48 -1.17 3.82 -2.44
N LYS A 49 -1.16 4.98 -1.78
CA LYS A 49 -2.12 6.06 -1.96
C LYS A 49 -1.97 6.63 -3.36
N SER A 50 -0.76 7.04 -3.71
CA SER A 50 -0.37 7.45 -5.05
C SER A 50 1.14 7.25 -5.19
N VAL A 51 1.62 7.20 -6.42
CA VAL A 51 3.03 7.42 -6.74
C VAL A 51 3.18 8.91 -7.08
N ILE A 52 4.26 9.56 -6.66
CA ILE A 52 4.61 10.91 -7.07
C ILE A 52 5.33 10.78 -8.43
N PRO A 53 4.95 11.59 -9.42
CA PRO A 53 5.59 11.59 -10.74
C PRO A 53 7.02 12.12 -10.63
N ASP A 54 7.84 11.81 -11.63
CA ASP A 54 9.29 12.06 -11.70
C ASP A 54 10.11 11.38 -10.59
N GLY A 55 9.48 10.97 -9.49
CA GLY A 55 10.12 10.48 -8.29
C GLY A 55 10.77 9.10 -8.44
N PRO A 56 11.50 8.65 -7.40
CA PRO A 56 12.33 7.45 -7.45
C PRO A 56 11.48 6.18 -7.61
N ALA A 57 10.25 6.19 -7.06
CA ALA A 57 9.34 5.07 -7.10
C ALA A 57 8.86 4.81 -8.53
N ALA A 58 8.59 5.90 -9.24
CA ALA A 58 8.24 5.87 -10.65
C ALA A 58 9.47 5.47 -11.47
N GLN A 59 10.64 6.06 -11.23
CA GLN A 59 11.84 5.76 -12.01
C GLN A 59 12.27 4.30 -11.89
N ASP A 60 12.25 3.71 -10.70
CA ASP A 60 12.56 2.30 -10.52
C ASP A 60 11.48 1.40 -11.13
N GLY A 61 10.36 1.95 -11.62
CA GLY A 61 9.40 1.26 -12.47
C GLY A 61 8.81 0.00 -11.84
N LYS A 62 8.70 -0.05 -10.51
CA LYS A 62 8.32 -1.23 -9.74
C LYS A 62 7.31 -0.88 -8.63
N MET A 63 6.93 0.39 -8.50
CA MET A 63 5.84 0.85 -7.65
C MET A 63 4.74 1.35 -8.57
N GLU A 64 3.48 1.02 -8.29
CA GLU A 64 2.32 1.65 -8.90
C GLU A 64 1.30 1.99 -7.83
N THR A 65 0.30 2.78 -8.18
CA THR A 65 -0.78 3.21 -7.30
C THR A 65 -1.79 2.07 -7.14
N GLY A 66 -2.60 2.10 -6.08
CA GLY A 66 -3.71 1.16 -5.91
C GLY A 66 -3.22 -0.27 -5.75
N ASP A 67 -2.13 -0.46 -5.00
CA ASP A 67 -1.50 -1.76 -4.78
C ASP A 67 -1.24 -1.90 -3.28
N VAL A 68 -1.20 -3.12 -2.74
CA VAL A 68 -1.35 -3.39 -1.31
C VAL A 68 0.01 -3.68 -0.68
N ILE A 69 0.50 -2.87 0.26
CA ILE A 69 1.69 -3.13 1.03
C ILE A 69 1.40 -4.35 1.91
N VAL A 70 2.41 -5.21 1.99
CA VAL A 70 2.37 -6.44 2.76
C VAL A 70 3.53 -6.46 3.78
N TYR A 71 4.75 -6.25 3.30
CA TYR A 71 5.96 -6.31 4.11
C TYR A 71 6.83 -5.09 3.79
N ILE A 72 7.61 -4.63 4.77
CA ILE A 72 8.59 -3.56 4.65
C ILE A 72 9.91 -4.16 5.15
N ASN A 73 10.95 -4.07 4.34
CA ASN A 73 12.16 -4.88 4.35
C ASN A 73 11.83 -6.35 4.53
N GLU A 74 11.81 -6.87 5.76
CA GLU A 74 11.52 -8.26 6.08
C GLU A 74 10.36 -8.37 7.07
N VAL A 75 9.87 -7.26 7.62
CA VAL A 75 8.87 -7.26 8.68
C VAL A 75 7.48 -7.30 8.02
N CYS A 76 6.53 -8.06 8.57
CA CYS A 76 5.12 -8.00 8.17
C CYS A 76 4.48 -6.76 8.78
N VAL A 77 3.78 -5.96 7.97
CA VAL A 77 2.93 -4.84 8.38
C VAL A 77 1.52 -4.92 7.73
N LEU A 78 1.16 -6.03 7.08
CA LEU A 78 -0.02 -6.11 6.22
C LEU A 78 -1.29 -5.60 6.89
N GLY A 79 -1.49 -5.97 8.16
CA GLY A 79 -2.62 -5.63 9.00
C GLY A 79 -2.17 -4.77 10.15
N HIS A 80 -1.21 -3.86 9.92
CA HIS A 80 -0.72 -2.92 10.93
C HIS A 80 -1.49 -1.59 10.81
N THR A 81 -0.95 -0.48 11.32
CA THR A 81 -1.55 0.84 11.12
C THR A 81 -0.56 1.74 10.39
N HIS A 82 -1.12 2.59 9.52
CA HIS A 82 -0.46 3.63 8.75
C HIS A 82 0.34 4.54 9.67
N ALA A 83 -0.20 4.93 10.82
CA ALA A 83 0.51 5.82 11.72
C ALA A 83 1.85 5.23 12.20
N ASP A 84 1.95 3.89 12.28
CA ASP A 84 3.16 3.18 12.69
C ASP A 84 4.11 3.05 11.48
N VAL A 85 3.66 2.50 10.35
CA VAL A 85 4.32 2.34 9.06
C VAL A 85 4.90 3.65 8.54
N VAL A 86 4.19 4.77 8.63
CA VAL A 86 4.76 6.05 8.25
C VAL A 86 5.96 6.36 9.15
N LYS A 87 5.95 5.93 10.42
CA LYS A 87 7.09 6.16 11.30
C LYS A 87 8.26 5.29 10.87
N LEU A 88 7.97 4.08 10.37
CA LEU A 88 8.95 3.10 9.96
C LEU A 88 9.75 3.62 8.78
N PHE A 89 9.05 4.23 7.81
CA PHE A 89 9.65 4.87 6.65
C PHE A 89 10.60 6.03 7.01
N GLN A 90 10.48 6.60 8.22
CA GLN A 90 11.37 7.65 8.74
C GLN A 90 12.56 7.09 9.55
N SER A 91 12.55 5.80 9.88
CA SER A 91 13.76 5.06 10.29
C SER A 91 14.68 4.72 9.11
N VAL A 92 14.47 5.32 7.93
CA VAL A 92 15.31 5.11 6.77
C VAL A 92 16.07 6.44 6.57
N PRO A 93 17.28 6.61 7.13
CA PRO A 93 18.04 7.87 7.12
C PRO A 93 18.73 8.03 5.76
N ILE A 94 18.78 9.24 5.20
CA ILE A 94 19.10 9.46 3.78
C ILE A 94 20.42 8.75 3.46
N GLY A 95 20.37 7.89 2.43
CA GLY A 95 21.41 6.95 2.04
C GLY A 95 20.95 5.49 2.11
N GLN A 96 19.84 5.18 2.79
CA GLN A 96 19.35 3.80 2.88
C GLN A 96 18.30 3.55 1.80
N SER A 97 17.87 2.30 1.68
CA SER A 97 16.73 1.82 0.95
C SER A 97 15.88 0.97 1.88
N VAL A 98 14.64 0.64 1.49
CA VAL A 98 13.85 -0.46 2.06
C VAL A 98 13.30 -1.30 0.92
N ASN A 99 13.12 -2.60 1.15
CA ASN A 99 12.36 -3.49 0.27
C ASN A 99 10.91 -3.31 0.65
N LEU A 100 9.99 -3.52 -0.28
CA LEU A 100 8.56 -3.32 -0.09
C LEU A 100 7.88 -4.38 -0.94
N VAL A 101 7.09 -5.27 -0.34
CA VAL A 101 6.27 -6.23 -1.09
C VAL A 101 4.93 -5.55 -1.34
N LEU A 102 4.49 -5.55 -2.60
CA LEU A 102 3.11 -5.21 -2.93
C LEU A 102 2.39 -6.46 -3.44
N CYS A 103 1.05 -6.45 -3.33
CA CYS A 103 0.17 -7.41 -3.97
C CYS A 103 -0.70 -6.65 -4.97
N ARG A 104 -0.75 -7.10 -6.22
CA ARG A 104 -1.68 -6.58 -7.24
C ARG A 104 -3.03 -7.28 -7.12
N GLY A 105 -4.09 -6.63 -7.60
CA GLY A 105 -5.37 -7.27 -7.88
C GLY A 105 -6.53 -6.75 -7.04
N TYR A 106 -6.29 -5.71 -6.26
CA TYR A 106 -7.29 -5.05 -5.44
C TYR A 106 -7.39 -3.59 -5.92
N PRO A 107 -8.59 -3.03 -6.13
CA PRO A 107 -8.75 -1.64 -6.51
C PRO A 107 -8.33 -0.69 -5.38
N LEU A 108 -8.47 0.61 -5.59
CA LEU A 108 -8.16 1.64 -4.60
C LEU A 108 -9.15 1.58 -3.42
N PRO A 109 -8.78 2.11 -2.24
CA PRO A 109 -9.61 2.01 -1.04
C PRO A 109 -10.78 2.98 -1.04
N PHE A 110 -10.61 4.08 -1.75
CA PHE A 110 -11.61 5.12 -2.02
C PHE A 110 -11.81 5.20 -3.52
N ASP A 111 -13.04 5.43 -3.96
CA ASP A 111 -13.45 5.33 -5.36
C ASP A 111 -14.24 6.59 -5.74
N PRO A 112 -13.58 7.63 -6.28
CA PRO A 112 -14.23 8.89 -6.62
C PRO A 112 -15.03 8.83 -7.93
N GLU A 113 -15.00 7.73 -8.69
CA GLU A 113 -15.88 7.59 -9.84
C GLU A 113 -17.31 7.33 -9.35
N ASP A 114 -17.46 6.56 -8.28
CA ASP A 114 -18.73 6.01 -7.79
C ASP A 114 -18.88 6.35 -6.31
N PRO A 115 -19.26 7.60 -5.98
CA PRO A 115 -19.23 8.13 -4.63
C PRO A 115 -20.08 7.31 -3.67
N ALA A 116 -21.40 7.28 -3.90
CA ALA A 116 -22.37 6.46 -3.18
C ALA A 116 -23.65 6.46 -4.01
N ASN A 117 -23.56 5.97 -5.25
CA ASN A 117 -24.50 6.12 -6.36
C ASN A 117 -24.26 7.49 -7.02
N SER A 118 -24.24 7.53 -8.35
CA SER A 118 -23.86 8.68 -9.16
C SER A 118 -24.68 8.66 -10.45
N GLY A 119 -25.97 9.02 -10.35
CA GLY A 119 -26.92 8.93 -11.45
C GLY A 119 -27.47 10.29 -11.90
N PRO A 120 -26.65 11.22 -12.41
CA PRO A 120 -27.17 12.39 -13.12
C PRO A 120 -27.72 11.95 -14.48
N SER A 121 -28.60 12.76 -15.06
CA SER A 121 -29.28 12.45 -16.32
C SER A 121 -29.31 13.70 -17.22
N SER A 122 -29.77 13.52 -18.45
CA SER A 122 -29.87 14.55 -19.47
C SER A 122 -31.16 14.36 -20.25
N GLY A 123 -31.75 15.46 -20.70
CA GLY A 123 -31.95 15.65 -22.12
C GLY A 123 -30.70 16.39 -22.57
#